data_8FM7
#
_entry.id   8FM7
#
_cell.length_a   72.360
_cell.length_b   121.100
_cell.length_c   195.110
_cell.angle_alpha   90.000
_cell.angle_beta   90.000
_cell.angle_gamma   90.000
#
_symmetry.space_group_name_H-M   'P 21 21 21'
#
loop_
_entity.id
_entity.type
_entity.pdbx_description
1 polymer 'Envelope glycoprotein gp120'
2 non-polymer 2-acetamido-2-deoxy-beta-D-glucopyranose
3 non-polymer 'benzyl (2R,3S)-2-(carbamimidamidomethyl)-3-[2-(4-chloro-3-fluoroanilino)(oxo)acetamido]-6-[(methylamino)methyl]-2,3-dihydro-1H-indole-1-carboxylate'
4 water water
#
_entity_poly.entity_id   1
_entity_poly.type   'polypeptide(L)'
_entity_poly.pdbx_seq_one_letter_code
;VWKEAKTTLFCASDAKAYEKEVHNVWATHACVPTDPNPQEMVLANVTENFNMWKNDMVEQMHEDIISLWDESLKPCVKLT
GGSAITQACPKVSFDPIPLHYCAPAGFAILKCNNKTFNGTGPCRNVSTVQCTHGIKPVVSTQLLLNGSLAEEEIIIRSEN
LTNNAKTIIVHLNESVNIVCTRPNNGGSGSGGNIRQAHCNINESKWNNTLQKVGEELAKHFPSKTIKFEPSSGGDLEITT
HSFNCRGEFFYCNTSDLFNGTYRNGTYNHTGRSSNGTITLQCKIKQIINMWQEVGRAIYAPPIEGEITCNSNITGLLLLR
DGGQSNETNDTETFRPGGGDMRDNWRSELYKYKVVEIK
;
_entity_poly.pdbx_strand_id   A,B,C,D
#
# COMPACT_ATOMS: atom_id res chain seq x y z
N LYS A 6 -2.93 52.14 -24.99
CA LYS A 6 -2.24 53.36 -25.43
C LYS A 6 -3.23 54.23 -26.24
N THR A 7 -4.27 53.57 -26.75
CA THR A 7 -5.32 54.14 -27.59
C THR A 7 -6.62 53.38 -27.29
N THR A 8 -7.72 53.78 -27.91
CA THR A 8 -8.98 53.05 -27.74
C THR A 8 -9.17 52.05 -28.88
N LEU A 9 -9.45 50.79 -28.54
CA LEU A 9 -9.60 49.72 -29.52
C LEU A 9 -11.04 49.52 -29.90
N PHE A 10 -11.25 48.74 -30.96
CA PHE A 10 -12.61 48.34 -31.31
C PHE A 10 -12.71 46.82 -31.26
N CYS A 11 -13.95 46.33 -31.22
CA CYS A 11 -14.17 44.90 -31.22
C CYS A 11 -14.74 44.45 -32.56
N ALA A 12 -14.42 43.21 -32.92
CA ALA A 12 -14.99 42.52 -34.06
C ALA A 12 -15.59 41.21 -33.58
N SER A 13 -16.61 40.72 -34.27
CA SER A 13 -17.29 39.50 -33.85
C SER A 13 -18.03 38.89 -35.02
N ASP A 14 -18.32 37.62 -34.91
CA ASP A 14 -19.39 37.01 -35.67
C ASP A 14 -20.79 37.26 -35.17
N ALA A 15 -21.17 38.40 -34.64
CA ALA A 15 -22.56 38.32 -34.26
C ALA A 15 -23.44 38.53 -35.50
N LYS A 16 -24.72 38.19 -35.36
CA LYS A 16 -25.71 38.31 -36.41
C LYS A 16 -26.86 39.12 -35.93
N ALA A 17 -27.33 40.02 -36.77
CA ALA A 17 -28.40 40.87 -36.28
C ALA A 17 -29.70 40.09 -36.02
N TYR A 18 -29.79 38.79 -36.38
CA TYR A 18 -31.03 38.00 -36.34
C TYR A 18 -31.10 37.00 -35.21
N GLU A 19 -30.03 36.81 -34.48
CA GLU A 19 -30.14 36.16 -33.18
C GLU A 19 -30.75 37.18 -32.22
N LYS A 20 -31.72 36.74 -31.41
CA LYS A 20 -32.05 37.59 -30.26
C LYS A 20 -31.29 37.21 -29.01
N GLU A 21 -30.37 36.26 -29.10
CA GLU A 21 -29.45 36.07 -28.00
C GLU A 21 -28.73 37.40 -27.74
N VAL A 22 -28.58 37.74 -26.46
CA VAL A 22 -28.29 39.15 -26.13
C VAL A 22 -26.83 39.53 -26.39
N HIS A 23 -25.89 38.60 -26.30
CA HIS A 23 -24.53 38.89 -26.74
C HIS A 23 -24.50 39.26 -28.21
N ASN A 24 -25.31 38.56 -29.02
CA ASN A 24 -25.37 38.82 -30.45
C ASN A 24 -25.93 40.20 -30.72
N VAL A 25 -27.03 40.55 -30.05
CA VAL A 25 -27.61 41.89 -30.21
C VAL A 25 -26.57 42.97 -29.87
N TRP A 26 -25.96 42.85 -28.69
CA TRP A 26 -25.00 43.85 -28.28
C TRP A 26 -23.87 43.97 -29.29
N ALA A 27 -23.29 42.83 -29.71
CA ALA A 27 -22.13 42.87 -30.60
C ALA A 27 -22.49 43.47 -31.95
N THR A 28 -23.68 43.15 -32.49
CA THR A 28 -24.01 43.78 -33.76
C THR A 28 -24.18 45.29 -33.61
N HIS A 29 -24.47 45.81 -32.41
CA HIS A 29 -24.43 47.28 -32.34
C HIS A 29 -23.04 47.83 -32.02
N ALA A 30 -22.19 47.09 -31.30
CA ALA A 30 -20.93 47.65 -30.82
C ALA A 30 -19.70 47.22 -31.59
N CYS A 31 -19.76 46.13 -32.35
CA CYS A 31 -18.58 45.59 -32.99
C CYS A 31 -18.74 45.62 -34.52
N VAL A 32 -17.61 45.48 -35.19
CA VAL A 32 -17.58 45.39 -36.65
C VAL A 32 -17.40 43.91 -37.00
N PRO A 33 -17.66 43.50 -38.24
CA PRO A 33 -17.45 42.08 -38.58
C PRO A 33 -15.97 41.74 -38.60
N THR A 34 -15.66 40.46 -38.32
CA THR A 34 -14.28 40.01 -38.27
C THR A 34 -13.69 39.90 -39.67
N ASP A 35 -12.38 40.09 -39.75
CA ASP A 35 -11.74 40.00 -41.06
C ASP A 35 -11.63 38.51 -41.37
N PRO A 36 -12.11 38.05 -42.55
CA PRO A 36 -12.15 36.58 -42.77
C PRO A 36 -10.76 35.96 -42.78
N ASN A 37 -9.77 36.63 -43.35
CA ASN A 37 -8.36 36.21 -43.21
C ASN A 37 -7.51 37.32 -42.62
N PRO A 38 -7.03 37.14 -41.39
CA PRO A 38 -6.27 38.17 -40.70
C PRO A 38 -4.78 38.09 -41.03
N GLN A 39 -4.13 39.24 -40.93
CA GLN A 39 -2.71 39.37 -41.19
C GLN A 39 -1.92 39.14 -39.91
N GLU A 40 -0.82 38.40 -40.01
CA GLU A 40 -0.02 38.20 -38.80
C GLU A 40 1.44 38.24 -39.26
N MET A 41 2.35 38.81 -38.47
CA MET A 41 3.65 39.17 -39.08
C MET A 41 4.69 38.71 -38.06
N VAL A 42 5.36 37.55 -38.28
CA VAL A 42 6.26 37.04 -37.23
C VAL A 42 7.52 37.93 -37.16
N LEU A 43 8.32 37.75 -36.10
CA LEU A 43 9.53 38.55 -35.85
C LEU A 43 10.40 37.94 -34.73
N ALA A 44 11.01 36.75 -34.95
CA ALA A 44 11.63 35.96 -33.87
C ALA A 44 12.88 36.59 -33.22
N ASN A 45 13.36 37.74 -33.71
CA ASN A 45 14.54 38.40 -33.15
C ASN A 45 14.22 39.42 -32.05
N VAL A 46 13.01 40.03 -32.09
CA VAL A 46 12.80 41.37 -31.51
C VAL A 46 13.05 41.38 -30.01
N THR A 47 12.45 40.44 -29.28
CA THR A 47 12.43 40.38 -27.81
C THR A 47 11.78 41.63 -27.24
N GLU A 48 10.65 41.43 -26.54
CA GLU A 48 9.69 42.51 -26.26
C GLU A 48 9.12 42.22 -24.87
N ASN A 49 8.86 43.29 -24.11
CA ASN A 49 8.44 43.13 -22.72
C ASN A 49 6.90 43.24 -22.62
N PHE A 50 6.28 42.31 -21.89
CA PHE A 50 4.84 42.33 -21.62
C PHE A 50 4.61 42.35 -20.11
N ASN A 51 3.43 42.85 -19.71
CA ASN A 51 2.99 42.70 -18.32
C ASN A 51 1.48 42.51 -18.35
N MET A 52 1.03 41.27 -18.15
CA MET A 52 -0.40 40.99 -18.25
C MET A 52 -1.18 41.66 -17.12
N TRP A 53 -0.51 42.01 -16.03
CA TRP A 53 -1.17 42.56 -14.85
C TRP A 53 -1.36 44.06 -14.91
N LYS A 54 -0.81 44.71 -15.90
CA LYS A 54 -1.03 46.12 -16.09
C LYS A 54 -1.16 46.31 -17.60
N ASN A 55 -2.33 45.97 -18.13
CA ASN A 55 -2.60 45.87 -19.57
C ASN A 55 -3.90 46.61 -19.85
N ASP A 56 -3.83 47.70 -20.60
CA ASP A 56 -5.01 48.52 -20.77
C ASP A 56 -6.05 47.85 -21.70
N MET A 57 -5.67 46.80 -22.44
CA MET A 57 -6.69 46.00 -23.12
C MET A 57 -7.71 45.41 -22.14
N VAL A 58 -7.26 45.03 -20.94
CA VAL A 58 -8.17 44.45 -19.95
C VAL A 58 -9.19 45.48 -19.49
N GLU A 59 -8.75 46.72 -19.25
CA GLU A 59 -9.69 47.75 -18.80
C GLU A 59 -10.73 48.03 -19.88
N GLN A 60 -10.30 48.12 -21.15
CA GLN A 60 -11.30 48.35 -22.20
C GLN A 60 -12.28 47.20 -22.33
N MET A 61 -11.79 45.94 -22.28
CA MET A 61 -12.72 44.82 -22.33
C MET A 61 -13.71 44.84 -21.16
N HIS A 62 -13.21 45.07 -19.94
CA HIS A 62 -14.07 45.15 -18.77
C HIS A 62 -15.19 46.17 -18.97
N GLU A 63 -14.86 47.38 -19.45
CA GLU A 63 -15.90 48.32 -19.84
C GLU A 63 -16.91 47.72 -20.81
N ASP A 64 -16.44 47.05 -21.86
CA ASP A 64 -17.39 46.56 -22.84
C ASP A 64 -18.34 45.54 -22.21
N ILE A 65 -17.81 44.60 -21.42
CA ILE A 65 -18.67 43.57 -20.86
C ILE A 65 -19.65 44.15 -19.84
N ILE A 66 -19.22 45.15 -19.06
CA ILE A 66 -20.19 45.85 -18.20
C ILE A 66 -21.33 46.42 -19.03
N SER A 67 -20.99 47.01 -20.17
CA SER A 67 -22.02 47.59 -21.02
C SER A 67 -22.94 46.52 -21.57
N LEU A 68 -22.37 45.40 -21.99
CA LEU A 68 -23.17 44.31 -22.51
C LEU A 68 -24.17 43.81 -21.48
N TRP A 69 -23.72 43.61 -20.22
CA TRP A 69 -24.64 43.11 -19.21
C TRP A 69 -25.70 44.15 -18.83
N ASP A 70 -25.35 45.44 -18.79
CA ASP A 70 -26.37 46.48 -18.62
C ASP A 70 -27.44 46.46 -19.71
N GLU A 71 -27.04 46.41 -20.98
CA GLU A 71 -28.03 46.27 -22.04
C GLU A 71 -28.85 44.99 -21.91
N SER A 72 -28.24 43.88 -21.50
CA SER A 72 -28.78 42.54 -21.72
C SER A 72 -29.46 41.91 -20.51
N LEU A 73 -28.78 41.85 -19.36
CA LEU A 73 -29.35 41.19 -18.18
C LEU A 73 -29.83 42.25 -17.19
N LYS A 74 -30.92 42.89 -17.56
CA LYS A 74 -31.46 43.93 -16.72
C LYS A 74 -32.10 43.33 -15.48
N PRO A 75 -31.75 43.82 -14.29
CA PRO A 75 -32.37 43.33 -13.04
C PRO A 75 -33.67 44.03 -12.75
N CYS A 76 -34.58 43.31 -12.08
CA CYS A 76 -35.82 43.94 -11.63
C CYS A 76 -35.53 45.09 -10.70
N VAL A 77 -34.65 44.89 -9.73
CA VAL A 77 -34.24 45.97 -8.84
C VAL A 77 -32.72 45.99 -8.78
N LYS A 78 -32.15 47.17 -8.70
CA LYS A 78 -30.72 47.29 -8.50
C LYS A 78 -30.51 48.26 -7.35
N LEU A 79 -29.86 47.78 -6.30
CA LEU A 79 -29.50 48.59 -5.16
C LEU A 79 -28.05 48.98 -5.26
N THR A 80 -27.78 50.28 -5.34
CA THR A 80 -26.41 50.79 -5.36
C THR A 80 -26.35 51.90 -4.33
N GLY A 81 -25.84 51.57 -3.14
CA GLY A 81 -25.75 52.54 -2.09
C GLY A 81 -27.11 52.90 -1.54
N GLY A 82 -27.48 54.17 -1.67
CA GLY A 82 -28.78 54.59 -1.17
C GLY A 82 -29.87 54.13 -2.11
N SER A 83 -29.56 54.29 -3.41
CA SER A 83 -30.51 54.20 -4.50
C SER A 83 -31.00 52.77 -4.76
N ALA A 84 -32.25 52.68 -5.22
CA ALA A 84 -32.82 51.47 -5.79
C ALA A 84 -33.45 51.82 -7.12
N ILE A 85 -33.06 51.10 -8.19
CA ILE A 85 -33.55 51.35 -9.54
C ILE A 85 -34.36 50.14 -9.97
N THR A 86 -35.56 50.37 -10.49
CA THR A 86 -36.47 49.32 -10.97
C THR A 86 -36.67 49.43 -12.48
N GLN A 87 -36.68 48.28 -13.14
CA GLN A 87 -36.88 48.17 -14.59
C GLN A 87 -37.50 46.85 -14.93
N ALA A 88 -38.01 46.76 -16.15
CA ALA A 88 -38.43 45.48 -16.68
C ALA A 88 -37.27 44.50 -16.68
N CYS A 89 -37.51 43.27 -16.19
CA CYS A 89 -36.48 42.22 -16.14
C CYS A 89 -37.00 40.98 -16.87
N PRO A 90 -37.22 41.07 -18.18
CA PRO A 90 -37.66 39.90 -18.94
C PRO A 90 -36.61 38.81 -18.87
N LYS A 91 -37.07 37.56 -18.93
CA LYS A 91 -36.17 36.47 -19.23
C LYS A 91 -35.66 36.58 -20.67
N VAL A 92 -34.39 36.23 -20.89
CA VAL A 92 -33.77 36.43 -22.21
C VAL A 92 -33.02 35.17 -22.60
N SER A 93 -32.62 35.10 -23.88
CA SER A 93 -31.72 34.02 -24.27
C SER A 93 -30.29 34.54 -24.15
N PHE A 94 -29.44 33.75 -23.49
CA PHE A 94 -28.14 34.20 -23.02
C PHE A 94 -27.11 33.10 -23.24
N ASP A 95 -26.18 33.28 -24.18
CA ASP A 95 -25.07 32.35 -24.42
C ASP A 95 -23.89 33.15 -24.95
N PRO A 96 -22.78 33.29 -24.21
CA PRO A 96 -21.70 34.21 -24.64
C PRO A 96 -21.10 33.82 -25.99
N ILE A 97 -20.72 34.84 -26.77
CA ILE A 97 -20.09 34.64 -28.08
C ILE A 97 -18.68 35.19 -27.99
N PRO A 98 -17.79 34.83 -28.91
CA PRO A 98 -16.42 35.36 -28.86
C PRO A 98 -16.32 36.76 -29.44
N LEU A 99 -15.39 37.54 -28.86
CA LEU A 99 -15.17 38.93 -29.23
C LEU A 99 -13.69 39.12 -29.51
N HIS A 100 -13.37 39.80 -30.59
CA HIS A 100 -11.98 40.08 -30.94
C HIS A 100 -11.71 41.54 -30.65
N TYR A 101 -10.55 41.85 -30.08
CA TYR A 101 -10.17 43.23 -29.83
C TYR A 101 -9.10 43.64 -30.84
N CYS A 102 -9.37 44.75 -31.54
CA CYS A 102 -8.57 45.15 -32.69
C CYS A 102 -7.95 46.53 -32.47
N ALA A 103 -6.70 46.68 -32.95
CA ALA A 103 -5.99 47.95 -32.89
C ALA A 103 -6.46 48.87 -34.02
N PRO A 104 -6.70 50.15 -33.72
CA PRO A 104 -7.15 51.07 -34.77
C PRO A 104 -6.01 51.43 -35.72
N ALA A 105 -6.37 52.14 -36.78
CA ALA A 105 -5.41 52.52 -37.82
C ALA A 105 -4.20 53.27 -37.23
N GLY A 106 -3.00 52.76 -37.51
CA GLY A 106 -1.77 53.38 -37.02
C GLY A 106 -1.22 52.77 -35.74
N PHE A 107 -1.95 51.85 -35.12
CA PHE A 107 -1.42 51.05 -34.04
C PHE A 107 -1.48 49.59 -34.44
N ALA A 108 -0.70 48.79 -33.72
CA ALA A 108 -0.74 47.35 -33.93
C ALA A 108 -0.81 46.68 -32.58
N ILE A 109 -1.17 45.41 -32.59
CA ILE A 109 -1.21 44.59 -31.39
C ILE A 109 -0.06 43.60 -31.49
N LEU A 110 0.76 43.51 -30.45
CA LEU A 110 1.88 42.60 -30.45
C LEU A 110 1.47 41.33 -29.71
N LYS A 111 1.75 40.18 -30.31
CA LYS A 111 1.43 38.90 -29.70
C LYS A 111 2.70 38.19 -29.31
N CYS A 112 2.76 37.69 -28.08
CA CYS A 112 3.90 36.89 -27.66
C CYS A 112 3.66 35.44 -28.01
N ASN A 113 4.60 34.84 -28.76
CA ASN A 113 4.43 33.49 -29.28
C ASN A 113 5.11 32.40 -28.45
N ASN A 114 5.75 32.75 -27.33
CA ASN A 114 6.39 31.74 -26.48
C ASN A 114 5.31 30.95 -25.73
N LYS A 115 5.23 29.63 -26.00
CA LYS A 115 4.17 28.77 -25.46
C LYS A 115 4.12 28.75 -23.94
N THR A 116 5.23 29.07 -23.25
CA THR A 116 5.31 28.95 -21.79
C THR A 116 5.46 30.28 -21.09
N PHE A 117 5.39 31.39 -21.84
CA PHE A 117 5.38 32.75 -21.31
C PHE A 117 4.36 32.91 -20.19
N ASN A 118 4.83 33.30 -19.00
CA ASN A 118 3.96 33.36 -17.85
C ASN A 118 3.19 34.69 -17.76
N GLY A 119 3.31 35.54 -18.77
CA GLY A 119 2.57 36.79 -18.82
C GLY A 119 3.35 38.01 -18.41
N THR A 120 4.61 37.82 -18.02
CA THR A 120 5.44 38.81 -17.38
C THR A 120 6.87 38.71 -17.91
N GLY A 121 7.45 39.87 -18.17
CA GLY A 121 8.85 39.95 -18.48
C GLY A 121 9.09 39.99 -19.98
N PRO A 122 10.31 39.65 -20.41
CA PRO A 122 10.63 39.67 -21.84
C PRO A 122 10.27 38.37 -22.53
N CYS A 123 9.95 38.50 -23.80
CA CYS A 123 9.46 37.40 -24.64
C CYS A 123 10.18 37.43 -25.98
N ARG A 124 10.69 36.28 -26.44
CA ARG A 124 11.60 36.30 -27.58
C ARG A 124 10.86 36.33 -28.91
N ASN A 125 9.92 35.40 -29.14
CA ASN A 125 9.26 35.27 -30.44
C ASN A 125 8.02 36.16 -30.40
N VAL A 126 8.02 37.28 -31.14
CA VAL A 126 6.85 38.15 -31.15
C VAL A 126 6.24 38.22 -32.56
N SER A 127 5.02 38.74 -32.64
CA SER A 127 4.28 38.93 -33.90
C SER A 127 3.53 40.24 -33.82
N THR A 128 3.17 40.79 -34.98
CA THR A 128 2.21 41.88 -35.01
C THR A 128 0.94 41.34 -35.67
N VAL A 129 -0.21 41.64 -35.06
CA VAL A 129 -1.52 41.24 -35.57
C VAL A 129 -2.40 42.47 -35.49
N GLN A 130 -3.58 42.39 -36.11
CA GLN A 130 -4.49 43.51 -35.92
C GLN A 130 -5.58 43.25 -34.88
N CYS A 131 -5.88 41.99 -34.57
CA CYS A 131 -6.86 41.67 -33.54
C CYS A 131 -6.37 40.51 -32.70
N THR A 132 -6.84 40.48 -31.46
CA THR A 132 -6.68 39.31 -30.63
C THR A 132 -7.47 38.14 -31.23
N HIS A 133 -7.28 36.96 -30.65
CA HIS A 133 -8.18 35.87 -30.97
C HIS A 133 -9.57 36.17 -30.41
N GLY A 134 -10.49 35.22 -30.56
CA GLY A 134 -11.86 35.45 -30.11
C GLY A 134 -11.99 35.05 -28.65
N ILE A 135 -12.41 35.96 -27.79
CA ILE A 135 -12.45 35.71 -26.35
C ILE A 135 -13.91 35.73 -25.91
N LYS A 136 -14.37 34.64 -25.31
CA LYS A 136 -15.76 34.58 -24.82
C LYS A 136 -15.87 35.26 -23.45
N PRO A 137 -16.64 36.33 -23.31
CA PRO A 137 -16.67 37.03 -22.02
C PRO A 137 -17.44 36.29 -20.94
N VAL A 138 -16.87 35.23 -20.34
CA VAL A 138 -17.60 34.39 -19.40
C VAL A 138 -17.38 34.88 -17.97
N VAL A 139 -18.48 35.21 -17.29
CA VAL A 139 -18.43 35.73 -15.94
C VAL A 139 -18.58 34.55 -14.99
N SER A 140 -17.59 34.33 -14.13
CA SER A 140 -17.64 33.24 -13.15
C SER A 140 -16.55 33.46 -12.10
N THR A 141 -16.62 32.68 -11.01
CA THR A 141 -15.60 32.67 -9.97
C THR A 141 -15.07 31.24 -9.81
N GLN A 142 -13.93 31.12 -9.11
CA GLN A 142 -13.24 29.87 -8.82
C GLN A 142 -12.77 29.13 -10.07
N LEU A 143 -13.69 28.74 -10.95
CA LEU A 143 -13.33 28.04 -12.18
C LEU A 143 -13.47 29.00 -13.33
N LEU A 144 -12.47 29.01 -14.22
CA LEU A 144 -12.57 29.78 -15.46
C LEU A 144 -13.11 28.81 -16.54
N LEU A 145 -14.18 29.22 -17.20
CA LEU A 145 -14.91 28.33 -18.10
C LEU A 145 -14.75 28.79 -19.55
N ASN A 146 -14.64 27.82 -20.46
CA ASN A 146 -14.77 28.09 -21.89
C ASN A 146 -13.68 29.02 -22.39
N GLY A 147 -12.50 29.00 -21.77
CA GLY A 147 -11.38 29.74 -22.28
C GLY A 147 -10.59 28.92 -23.28
N SER A 148 -9.34 29.31 -23.48
CA SER A 148 -8.44 28.62 -24.40
C SER A 148 -7.25 28.07 -23.64
N LEU A 149 -6.95 26.78 -23.81
CA LEU A 149 -5.97 26.13 -22.95
C LEU A 149 -4.53 26.49 -23.35
N ALA A 150 -3.61 26.27 -22.42
CA ALA A 150 -2.18 26.45 -22.70
C ALA A 150 -1.68 25.39 -23.68
N GLU A 151 -0.76 25.81 -24.55
CA GLU A 151 -0.22 24.95 -25.60
C GLU A 151 0.54 23.75 -25.05
N GLU A 152 1.40 23.99 -24.06
CA GLU A 152 2.35 22.97 -23.69
C GLU A 152 2.01 22.55 -22.28
N GLU A 153 2.68 23.11 -21.29
CA GLU A 153 2.41 22.86 -19.90
C GLU A 153 1.47 23.88 -19.28
N ILE A 154 0.89 23.41 -18.16
CA ILE A 154 0.18 24.26 -17.21
C ILE A 154 1.07 25.42 -16.84
N ILE A 155 0.62 26.66 -17.08
CA ILE A 155 1.37 27.86 -16.72
C ILE A 155 0.77 28.41 -15.42
N ILE A 156 1.62 28.92 -14.55
CA ILE A 156 1.17 29.56 -13.33
C ILE A 156 1.43 31.05 -13.48
N ARG A 157 0.39 31.86 -13.30
CA ARG A 157 0.53 33.31 -13.47
C ARG A 157 0.17 34.02 -12.19
N SER A 158 0.99 35.00 -11.84
CA SER A 158 0.66 35.86 -10.73
C SER A 158 1.43 37.15 -10.91
N GLU A 159 0.81 38.25 -10.51
CA GLU A 159 1.52 39.52 -10.49
C GLU A 159 2.73 39.43 -9.57
N ASN A 160 2.66 38.59 -8.53
CA ASN A 160 3.73 38.38 -7.54
C ASN A 160 3.46 37.17 -6.66
N LEU A 161 4.11 36.02 -6.93
CA LEU A 161 3.76 34.80 -6.18
C LEU A 161 4.10 34.86 -4.70
N THR A 162 4.98 35.78 -4.28
CA THR A 162 5.30 35.85 -2.86
C THR A 162 4.23 36.59 -2.07
N ASN A 163 3.59 37.57 -2.70
CA ASN A 163 2.45 38.27 -2.13
C ASN A 163 1.22 37.37 -2.16
N ASN A 164 0.80 36.88 -1.01
CA ASN A 164 -0.29 35.91 -1.05
C ASN A 164 -1.66 36.57 -1.22
N ALA A 165 -1.72 37.90 -1.21
CA ALA A 165 -2.94 38.64 -1.55
C ALA A 165 -3.20 38.70 -3.03
N LYS A 166 -2.23 38.32 -3.88
CA LYS A 166 -2.35 38.42 -5.33
C LYS A 166 -2.99 37.16 -5.89
N THR A 167 -4.06 37.33 -6.67
CA THR A 167 -4.73 36.19 -7.29
C THR A 167 -3.74 35.38 -8.13
N ILE A 168 -3.83 34.05 -8.05
CA ILE A 168 -3.07 33.15 -8.92
C ILE A 168 -3.99 32.66 -10.03
N ILE A 169 -3.56 32.80 -11.30
CA ILE A 169 -4.30 32.20 -12.42
C ILE A 169 -3.54 30.96 -12.84
N VAL A 170 -4.20 29.80 -12.75
CA VAL A 170 -3.67 28.55 -13.25
C VAL A 170 -4.21 28.35 -14.67
N HIS A 171 -3.33 28.28 -15.66
CA HIS A 171 -3.74 28.04 -17.05
C HIS A 171 -3.60 26.56 -17.39
N LEU A 172 -4.70 25.82 -17.35
CA LEU A 172 -4.73 24.41 -17.71
C LEU A 172 -4.35 24.15 -19.17
N ASN A 173 -3.66 23.02 -19.42
CA ASN A 173 -3.38 22.61 -20.81
C ASN A 173 -4.34 21.57 -21.34
N GLU A 174 -5.12 20.91 -20.48
CA GLU A 174 -6.23 20.05 -20.84
C GLU A 174 -7.46 20.41 -20.02
N SER A 175 -8.62 20.48 -20.68
CA SER A 175 -9.80 20.96 -19.99
C SER A 175 -10.53 19.81 -19.28
N VAL A 176 -11.37 20.19 -18.31
CA VAL A 176 -12.10 19.28 -17.43
C VAL A 176 -13.56 19.63 -17.52
N ASN A 177 -14.41 18.65 -17.75
CA ASN A 177 -15.78 18.94 -18.12
C ASN A 177 -16.57 19.18 -16.83
N ILE A 178 -17.47 20.16 -16.84
CA ILE A 178 -18.39 20.36 -15.73
C ILE A 178 -19.78 20.54 -16.33
N VAL A 179 -20.75 19.81 -15.80
CA VAL A 179 -22.11 19.80 -16.32
C VAL A 179 -23.05 20.18 -15.21
N CYS A 180 -23.79 21.27 -15.38
CA CYS A 180 -24.66 21.78 -14.34
C CYS A 180 -26.09 21.81 -14.85
N THR A 181 -27.02 21.33 -14.02
CA THR A 181 -28.40 21.19 -14.44
C THR A 181 -29.34 21.51 -13.29
N ARG A 182 -30.42 22.22 -13.61
CA ARG A 182 -31.62 22.27 -12.77
C ARG A 182 -32.66 21.40 -13.45
N PRO A 183 -32.99 20.23 -12.91
CA PRO A 183 -33.86 19.30 -13.61
C PRO A 183 -35.27 19.84 -13.74
N ASN A 184 -36.03 19.28 -14.68
CA ASN A 184 -37.41 19.73 -14.91
C ASN A 184 -38.29 19.25 -13.74
N ASN A 193 -37.52 21.66 -4.67
CA ASN A 193 -37.28 23.00 -5.22
C ASN A 193 -37.08 23.23 -6.70
N ILE A 194 -37.67 24.37 -7.12
CA ILE A 194 -37.32 25.10 -8.35
C ILE A 194 -35.90 25.65 -8.29
N ARG A 195 -35.42 26.00 -7.09
CA ARG A 195 -34.06 26.52 -6.92
C ARG A 195 -32.97 25.46 -6.90
N GLN A 196 -33.27 24.16 -6.85
CA GLN A 196 -32.22 23.19 -6.59
C GLN A 196 -31.61 22.68 -7.90
N ALA A 197 -30.27 22.57 -7.93
CA ALA A 197 -29.54 22.10 -9.11
C ALA A 197 -28.25 21.41 -8.66
N HIS A 198 -27.57 20.75 -9.59
CA HIS A 198 -26.32 20.08 -9.28
C HIS A 198 -25.40 20.11 -10.49
N CYS A 199 -24.10 19.99 -10.22
CA CYS A 199 -23.08 19.83 -11.25
C CYS A 199 -22.34 18.50 -11.05
N ASN A 200 -21.82 17.95 -12.14
CA ASN A 200 -21.06 16.71 -12.09
C ASN A 200 -19.69 16.90 -12.75
N ILE A 201 -18.65 16.47 -12.07
CA ILE A 201 -17.32 16.39 -12.65
C ILE A 201 -16.81 14.96 -12.53
N ASN A 202 -16.11 14.47 -13.57
CA ASN A 202 -15.42 13.19 -13.51
C ASN A 202 -14.36 13.23 -12.41
N GLU A 203 -14.48 12.39 -11.37
CA GLU A 203 -13.42 12.41 -10.36
C GLU A 203 -12.07 12.03 -10.95
N SER A 204 -12.04 11.19 -11.98
CA SER A 204 -10.74 10.82 -12.53
C SER A 204 -10.03 12.04 -13.15
N LYS A 205 -10.76 12.79 -14.01
CA LYS A 205 -10.10 13.89 -14.71
C LYS A 205 -9.70 14.97 -13.73
N TRP A 206 -10.56 15.20 -12.72
CA TRP A 206 -10.24 16.18 -11.71
C TRP A 206 -8.98 15.78 -10.95
N ASN A 207 -8.91 14.53 -10.50
CA ASN A 207 -7.72 13.96 -9.85
C ASN A 207 -6.46 14.25 -10.65
N ASN A 208 -6.51 13.88 -11.91
CA ASN A 208 -5.35 14.02 -12.78
C ASN A 208 -4.89 15.47 -12.84
N THR A 209 -5.82 16.40 -13.16
CA THR A 209 -5.42 17.79 -13.34
C THR A 209 -4.97 18.39 -12.01
N LEU A 210 -5.61 18.03 -10.90
CA LEU A 210 -5.12 18.61 -9.67
C LEU A 210 -3.74 18.05 -9.29
N GLN A 211 -3.41 16.83 -9.71
CA GLN A 211 -2.03 16.40 -9.54
C GLN A 211 -1.07 17.33 -10.29
N LYS A 212 -1.25 17.42 -11.61
CA LYS A 212 -0.35 18.25 -12.42
C LYS A 212 -0.26 19.69 -11.89
N VAL A 213 -1.39 20.23 -11.42
CA VAL A 213 -1.33 21.59 -10.87
C VAL A 213 -0.47 21.61 -9.61
N GLY A 214 -0.63 20.59 -8.75
CA GLY A 214 0.29 20.45 -7.62
C GLY A 214 1.75 20.38 -8.02
N GLU A 215 2.06 19.71 -9.14
CA GLU A 215 3.46 19.66 -9.57
C GLU A 215 3.96 21.08 -9.90
N GLU A 216 3.20 21.84 -10.71
CA GLU A 216 3.70 23.18 -11.07
C GLU A 216 3.82 24.09 -9.85
N LEU A 217 2.82 24.04 -8.98
CA LEU A 217 2.90 24.82 -7.75
C LEU A 217 4.11 24.40 -6.94
N ALA A 218 4.46 23.11 -6.98
CA ALA A 218 5.63 22.63 -6.24
C ALA A 218 6.91 23.24 -6.77
N LYS A 219 7.08 23.23 -8.10
CA LYS A 219 8.21 23.95 -8.71
C LYS A 219 8.32 25.35 -8.12
N HIS A 220 7.20 26.03 -7.85
CA HIS A 220 7.37 27.39 -7.30
C HIS A 220 7.48 27.45 -5.78
N PHE A 221 6.96 26.46 -5.04
CA PHE A 221 7.11 26.35 -3.58
C PHE A 221 7.66 24.97 -3.25
N PRO A 222 8.98 24.82 -3.12
CA PRO A 222 9.59 23.49 -3.28
C PRO A 222 9.72 22.64 -2.02
N SER A 223 9.95 23.27 -0.86
CA SER A 223 10.00 22.49 0.38
C SER A 223 8.62 21.91 0.73
N LYS A 224 7.56 22.65 0.44
CA LYS A 224 6.29 22.54 1.16
C LYS A 224 5.38 21.47 0.54
N THR A 225 4.45 20.97 1.38
CA THR A 225 3.28 20.21 0.92
C THR A 225 2.24 21.17 0.34
N ILE A 226 1.57 20.76 -0.74
CA ILE A 226 0.55 21.57 -1.43
C ILE A 226 -0.85 21.01 -1.09
N LYS A 227 -1.67 21.80 -0.40
CA LYS A 227 -3.04 21.43 -0.01
C LYS A 227 -4.07 22.26 -0.78
N PHE A 228 -5.15 21.64 -1.24
CA PHE A 228 -6.29 22.34 -1.82
C PHE A 228 -7.48 22.27 -0.86
N GLU A 229 -8.13 23.40 -0.62
CA GLU A 229 -9.17 23.45 0.41
C GLU A 229 -10.26 24.42 0.01
N PRO A 230 -11.50 24.23 0.46
CA PRO A 230 -12.60 25.08 -0.01
C PRO A 230 -12.37 26.52 0.40
N SER A 231 -13.02 27.42 -0.34
CA SER A 231 -12.97 28.82 0.00
C SER A 231 -13.44 29.06 1.41
N SER A 232 -12.62 29.76 2.18
CA SER A 232 -12.92 30.11 3.57
C SER A 232 -14.19 30.95 3.71
N GLY A 233 -14.13 32.25 3.42
CA GLY A 233 -15.31 33.07 3.65
C GLY A 233 -15.49 34.14 2.60
N GLY A 234 -16.64 34.81 2.68
CA GLY A 234 -16.98 35.91 1.81
C GLY A 234 -18.39 35.77 1.30
N ASP A 235 -18.74 36.63 0.36
CA ASP A 235 -20.05 36.53 -0.26
C ASP A 235 -20.22 35.18 -0.94
N LEU A 236 -21.47 34.71 -1.01
CA LEU A 236 -21.75 33.44 -1.68
C LEU A 236 -21.14 33.40 -3.07
N GLU A 237 -20.98 34.55 -3.74
CA GLU A 237 -20.48 34.54 -5.11
C GLU A 237 -19.03 34.07 -5.20
N ILE A 238 -18.21 34.30 -4.17
CA ILE A 238 -16.82 33.86 -4.20
C ILE A 238 -16.58 32.61 -3.37
N THR A 239 -17.46 32.29 -2.42
CA THR A 239 -17.27 31.06 -1.66
C THR A 239 -17.88 29.85 -2.35
N THR A 240 -18.70 30.08 -3.37
CA THR A 240 -19.09 29.00 -4.26
C THR A 240 -18.58 29.34 -5.65
N HIS A 241 -18.71 28.39 -6.56
CA HIS A 241 -18.42 28.62 -7.97
C HIS A 241 -19.70 29.18 -8.55
N SER A 242 -19.76 30.49 -8.80
CA SER A 242 -20.96 31.09 -9.34
C SER A 242 -20.75 31.46 -10.80
N PHE A 243 -21.83 31.41 -11.56
CA PHE A 243 -21.74 31.69 -12.98
C PHE A 243 -23.17 31.89 -13.48
N ASN A 244 -23.32 32.47 -14.67
CA ASN A 244 -24.62 32.61 -15.28
C ASN A 244 -24.79 31.55 -16.35
N CYS A 245 -25.92 30.86 -16.33
CA CYS A 245 -26.21 29.76 -17.23
C CYS A 245 -27.59 30.03 -17.80
N ARG A 246 -27.69 30.39 -19.09
CA ARG A 246 -29.02 30.49 -19.69
C ARG A 246 -29.88 31.53 -18.99
N GLY A 247 -29.24 32.57 -18.45
CA GLY A 247 -29.94 33.65 -17.80
C GLY A 247 -29.97 33.52 -16.29
N GLU A 248 -29.92 32.31 -15.77
CA GLU A 248 -30.10 32.08 -14.36
C GLU A 248 -28.75 32.05 -13.65
N PHE A 249 -28.71 32.53 -12.40
CA PHE A 249 -27.46 32.64 -11.65
C PHE A 249 -27.29 31.43 -10.76
N PHE A 250 -26.34 30.56 -11.10
CA PHE A 250 -26.07 29.36 -10.31
C PHE A 250 -24.98 29.61 -9.28
N TYR A 251 -25.13 29.00 -8.11
CA TYR A 251 -24.14 29.06 -7.05
C TYR A 251 -23.85 27.63 -6.61
N CYS A 252 -22.67 27.10 -6.94
CA CYS A 252 -22.38 25.67 -6.74
C CYS A 252 -21.28 25.48 -5.70
N ASN A 253 -21.55 24.59 -4.74
CA ASN A 253 -20.67 24.34 -3.61
C ASN A 253 -19.45 23.54 -4.07
N THR A 254 -18.23 24.08 -3.90
CA THR A 254 -17.06 23.36 -4.38
C THR A 254 -16.26 22.67 -3.27
N SER A 255 -16.90 22.42 -2.13
CA SER A 255 -16.22 21.88 -0.97
C SER A 255 -15.67 20.47 -1.19
N ASP A 256 -16.23 19.75 -2.13
CA ASP A 256 -15.81 18.42 -2.54
C ASP A 256 -14.92 18.44 -3.76
N LEU A 257 -14.52 19.64 -4.19
CA LEU A 257 -13.71 19.82 -5.38
C LEU A 257 -12.34 20.36 -5.03
N PHE A 258 -12.30 21.44 -4.23
CA PHE A 258 -11.03 21.96 -3.74
C PHE A 258 -10.83 21.36 -2.36
N ASN A 259 -10.28 20.15 -2.35
CA ASN A 259 -10.28 19.27 -1.19
C ASN A 259 -9.35 18.08 -1.47
N GLY A 260 -8.08 18.21 -1.12
CA GLY A 260 -7.09 17.23 -1.48
C GLY A 260 -5.67 17.65 -1.17
N THR A 261 -4.74 16.68 -1.11
CA THR A 261 -3.35 16.92 -0.72
C THR A 261 -2.39 16.29 -1.73
N TYR A 262 -1.31 17.03 -2.00
CA TYR A 262 -0.23 16.69 -2.93
C TYR A 262 1.06 16.61 -2.10
N ARG A 263 1.49 15.42 -1.67
CA ARG A 263 2.51 15.26 -0.62
C ARG A 263 3.89 14.94 -1.20
N ASN A 264 4.02 13.78 -1.88
CA ASN A 264 5.36 13.29 -2.26
C ASN A 264 5.37 13.10 -3.78
N GLY A 265 5.18 14.19 -4.52
CA GLY A 265 4.96 14.00 -5.94
C GLY A 265 3.74 13.18 -6.30
N THR A 266 2.85 12.91 -5.34
CA THR A 266 1.55 12.26 -5.54
C THR A 266 0.41 13.09 -4.96
N TYR A 267 -0.73 13.12 -5.69
CA TYR A 267 -1.96 13.81 -5.26
C TYR A 267 -3.01 12.85 -4.72
N ASN A 268 -3.61 13.18 -3.57
CA ASN A 268 -4.66 12.39 -2.93
C ASN A 268 -5.93 13.23 -2.81
N HIS A 269 -7.03 12.80 -3.46
CA HIS A 269 -8.26 13.57 -3.35
C HIS A 269 -9.03 13.21 -2.08
N THR A 270 -9.33 14.24 -1.28
CA THR A 270 -10.03 14.16 0.00
C THR A 270 -11.55 14.34 -0.11
N GLY A 271 -12.04 14.97 -1.18
CA GLY A 271 -13.46 15.23 -1.29
C GLY A 271 -14.26 14.00 -1.67
N ARG A 272 -15.55 14.04 -1.34
CA ARG A 272 -16.39 12.85 -1.51
C ARG A 272 -16.85 12.75 -2.97
N SER A 273 -16.57 11.64 -3.58
CA SER A 273 -17.19 11.29 -4.83
C SER A 273 -18.13 10.10 -4.62
N SER A 274 -18.67 9.60 -5.72
CA SER A 274 -19.75 8.62 -5.68
C SER A 274 -19.94 8.11 -7.09
N ASN A 275 -19.51 6.89 -7.34
CA ASN A 275 -19.50 6.29 -8.67
C ASN A 275 -18.55 7.04 -9.59
N GLY A 276 -17.46 7.58 -9.03
CA GLY A 276 -16.44 8.24 -9.82
C GLY A 276 -16.84 9.58 -10.41
N THR A 277 -17.83 10.26 -9.82
CA THR A 277 -18.20 11.63 -10.19
C THR A 277 -18.37 12.44 -8.92
N ILE A 278 -17.77 13.64 -8.90
CA ILE A 278 -18.02 14.62 -7.85
C ILE A 278 -19.28 15.36 -8.22
N THR A 279 -20.22 15.46 -7.29
CA THR A 279 -21.46 16.18 -7.53
C THR A 279 -21.55 17.39 -6.62
N LEU A 280 -21.50 18.59 -7.22
CA LEU A 280 -21.68 19.82 -6.48
C LEU A 280 -23.17 20.12 -6.37
N GLN A 281 -23.66 20.36 -5.13
CA GLN A 281 -25.00 20.93 -4.94
C GLN A 281 -25.00 22.42 -5.28
N CYS A 282 -26.04 22.86 -5.99
CA CYS A 282 -26.21 24.26 -6.37
C CYS A 282 -27.59 24.79 -6.02
N LYS A 283 -27.65 26.12 -5.88
CA LYS A 283 -28.89 26.86 -5.78
C LYS A 283 -28.91 27.92 -6.88
N ILE A 284 -30.08 28.13 -7.48
CA ILE A 284 -30.31 29.27 -8.37
C ILE A 284 -30.85 30.41 -7.53
N LYS A 285 -30.22 31.58 -7.62
CA LYS A 285 -30.55 32.61 -6.67
C LYS A 285 -31.11 33.84 -7.37
N GLN A 286 -31.91 34.65 -6.63
CA GLN A 286 -32.43 35.88 -7.21
C GLN A 286 -31.76 37.15 -6.71
N ILE A 287 -31.18 37.16 -5.50
CA ILE A 287 -30.46 38.33 -5.01
C ILE A 287 -28.97 38.11 -5.27
N ILE A 288 -28.39 38.96 -6.12
CA ILE A 288 -27.02 38.81 -6.61
C ILE A 288 -26.17 39.97 -6.14
N ASN A 289 -24.98 39.68 -5.60
CA ASN A 289 -23.94 40.70 -5.43
C ASN A 289 -23.24 40.93 -6.75
N MET A 290 -23.23 42.18 -7.21
CA MET A 290 -22.85 42.46 -8.58
C MET A 290 -21.33 42.41 -8.74
N TRP A 291 -20.88 41.96 -9.92
CA TRP A 291 -19.45 41.98 -10.19
C TRP A 291 -19.02 43.29 -10.79
N GLN A 292 -19.96 44.06 -11.37
CA GLN A 292 -19.61 45.30 -12.05
C GLN A 292 -19.24 46.41 -11.07
N GLU A 293 -19.86 46.41 -9.89
CA GLU A 293 -19.72 47.45 -8.90
C GLU A 293 -20.24 46.91 -7.59
N VAL A 294 -20.00 47.68 -6.52
CA VAL A 294 -20.54 47.30 -5.23
C VAL A 294 -22.03 47.62 -5.23
N GLY A 295 -22.84 46.58 -5.12
CA GLY A 295 -24.27 46.74 -5.32
C GLY A 295 -24.91 45.38 -5.34
N ARG A 296 -26.24 45.37 -5.22
CA ARG A 296 -27.04 44.16 -5.25
C ARG A 296 -28.04 44.27 -6.40
N ALA A 297 -28.43 43.11 -6.94
CA ALA A 297 -29.36 43.08 -8.07
C ALA A 297 -30.38 41.98 -7.82
N ILE A 298 -31.67 42.28 -7.99
CA ILE A 298 -32.71 41.27 -7.82
C ILE A 298 -33.31 40.92 -9.18
N TYR A 299 -33.46 39.61 -9.43
CA TYR A 299 -33.96 39.06 -10.68
C TYR A 299 -35.22 38.23 -10.45
N ALA A 300 -35.96 37.96 -11.53
CA ALA A 300 -37.20 37.21 -11.43
C ALA A 300 -36.90 35.75 -11.12
N PRO A 301 -37.89 35.00 -10.63
CA PRO A 301 -37.66 33.56 -10.31
C PRO A 301 -37.32 32.78 -11.56
N PRO A 302 -36.87 31.53 -11.44
CA PRO A 302 -36.31 30.83 -12.61
C PRO A 302 -37.39 30.45 -13.62
N ILE A 303 -37.07 30.62 -14.89
CA ILE A 303 -37.66 29.88 -16.00
C ILE A 303 -37.96 28.41 -15.71
N GLU A 304 -38.75 27.80 -16.58
CA GLU A 304 -39.34 26.48 -16.39
C GLU A 304 -38.62 25.47 -17.28
N GLY A 305 -38.69 24.21 -16.87
CA GLY A 305 -37.97 23.18 -17.59
C GLY A 305 -36.59 22.95 -17.01
N GLU A 306 -35.79 22.20 -17.77
CA GLU A 306 -34.39 21.90 -17.50
C GLU A 306 -33.44 23.00 -17.99
N ILE A 307 -32.69 23.58 -17.05
CA ILE A 307 -31.65 24.58 -17.32
C ILE A 307 -30.32 23.85 -17.19
N THR A 308 -29.59 23.69 -18.31
CA THR A 308 -28.34 22.94 -18.31
C THR A 308 -27.25 23.68 -19.06
N CYS A 309 -26.06 23.71 -18.47
CA CYS A 309 -24.86 24.20 -19.15
C CYS A 309 -23.82 23.12 -19.08
N ASN A 310 -23.16 22.90 -20.21
CA ASN A 310 -22.10 21.93 -20.36
C ASN A 310 -20.83 22.70 -20.72
N SER A 311 -19.92 22.87 -19.76
CA SER A 311 -18.83 23.82 -19.93
C SER A 311 -17.49 23.12 -19.79
N ASN A 312 -16.44 23.74 -20.30
CA ASN A 312 -15.07 23.28 -20.10
C ASN A 312 -14.39 24.13 -19.01
N ILE A 313 -13.99 23.50 -17.90
CA ILE A 313 -13.07 24.17 -16.99
C ILE A 313 -11.71 24.28 -17.68
N THR A 314 -11.25 25.51 -18.02
CA THR A 314 -9.95 25.70 -18.69
C THR A 314 -8.89 26.43 -17.85
N GLY A 315 -9.19 26.79 -16.60
CA GLY A 315 -8.25 27.49 -15.76
C GLY A 315 -8.84 27.56 -14.37
N LEU A 316 -8.01 27.96 -13.42
CA LEU A 316 -8.47 28.13 -12.06
C LEU A 316 -8.02 29.49 -11.54
N LEU A 317 -8.81 30.05 -10.62
CA LEU A 317 -8.42 31.22 -9.85
C LEU A 317 -8.16 30.78 -8.42
N LEU A 318 -6.93 30.92 -7.94
CA LEU A 318 -6.56 30.46 -6.61
C LEU A 318 -5.99 31.60 -5.76
N LEU A 319 -6.10 31.41 -4.43
CA LEU A 319 -5.48 32.29 -3.45
C LEU A 319 -4.77 31.42 -2.45
N ARG A 320 -3.51 31.76 -2.17
CA ARG A 320 -2.66 31.06 -1.21
C ARG A 320 -2.83 31.67 0.18
N ASP A 321 -2.89 30.81 1.19
CA ASP A 321 -2.84 31.26 2.58
C ASP A 321 -1.46 31.86 2.87
N ASP A 330 7.04 22.86 6.04
CA ASP A 330 5.69 23.36 6.20
C ASP A 330 4.81 23.13 4.97
N THR A 331 3.65 23.79 4.97
CA THR A 331 2.59 23.56 3.99
C THR A 331 2.08 24.86 3.38
N GLU A 332 1.82 24.81 2.07
CA GLU A 332 1.15 25.85 1.33
C GLU A 332 -0.25 25.38 0.97
N THR A 333 -1.26 26.20 1.29
CA THR A 333 -2.67 25.85 1.09
C THR A 333 -3.30 26.81 0.10
N PHE A 334 -3.99 26.26 -0.88
CA PHE A 334 -4.63 27.04 -1.94
C PHE A 334 -6.14 26.84 -1.89
N ARG A 335 -6.88 27.95 -1.91
CA ARG A 335 -8.34 27.98 -1.91
C ARG A 335 -8.85 28.61 -3.20
N PRO A 336 -10.04 28.26 -3.64
CA PRO A 336 -10.56 28.89 -4.86
C PRO A 336 -10.81 30.35 -4.58
N GLY A 337 -10.51 31.19 -5.57
CA GLY A 337 -10.72 32.63 -5.45
C GLY A 337 -11.65 33.22 -6.50
N GLY A 338 -11.55 34.51 -6.77
CA GLY A 338 -12.29 35.16 -7.82
C GLY A 338 -13.02 36.37 -7.29
N GLY A 339 -13.77 37.01 -8.18
CA GLY A 339 -14.63 38.12 -7.82
C GLY A 339 -14.33 39.38 -8.58
N ASP A 340 -13.11 39.53 -9.11
CA ASP A 340 -12.69 40.67 -9.91
C ASP A 340 -12.66 40.16 -11.34
N MET A 341 -13.68 40.45 -12.13
CA MET A 341 -13.75 39.81 -13.45
C MET A 341 -12.62 40.26 -14.40
N ARG A 342 -11.87 41.31 -14.05
CA ARG A 342 -10.72 41.64 -14.89
C ARG A 342 -9.71 40.50 -14.91
N ASP A 343 -9.67 39.64 -13.87
CA ASP A 343 -8.76 38.50 -13.94
C ASP A 343 -9.24 37.49 -14.96
N ASN A 344 -10.56 37.32 -15.10
CA ASN A 344 -11.07 36.48 -16.16
C ASN A 344 -10.56 36.99 -17.51
N TRP A 345 -10.70 38.32 -17.76
CA TRP A 345 -10.20 38.84 -19.03
C TRP A 345 -8.67 38.71 -19.16
N ARG A 346 -7.93 38.96 -18.08
CA ARG A 346 -6.47 38.82 -18.10
C ARG A 346 -6.04 37.43 -18.55
N SER A 347 -6.77 36.40 -18.10
CA SER A 347 -6.34 35.04 -18.38
C SER A 347 -6.29 34.78 -19.88
N GLU A 348 -6.99 35.60 -20.67
CA GLU A 348 -7.04 35.53 -22.13
C GLU A 348 -6.19 36.58 -22.84
N LEU A 349 -6.07 37.79 -22.28
CA LEU A 349 -5.41 38.90 -22.95
C LEU A 349 -3.92 38.98 -22.65
N TYR A 350 -3.38 37.99 -21.95
CA TYR A 350 -2.06 38.10 -21.34
C TYR A 350 -0.94 38.21 -22.39
N LYS A 351 -1.11 37.57 -23.54
CA LYS A 351 -0.07 37.56 -24.56
C LYS A 351 -0.13 38.77 -25.48
N TYR A 352 -0.98 39.75 -25.23
CA TYR A 352 -1.14 40.85 -26.18
C TYR A 352 -0.75 42.17 -25.55
N LYS A 353 -0.44 43.13 -26.41
CA LYS A 353 0.09 44.43 -26.02
C LYS A 353 -0.14 45.38 -27.18
N VAL A 354 -0.71 46.54 -26.94
CA VAL A 354 -0.92 47.50 -28.03
C VAL A 354 0.31 48.39 -28.16
N VAL A 355 0.72 48.72 -29.38
CA VAL A 355 1.95 49.49 -29.53
C VAL A 355 1.73 50.53 -30.63
N GLU A 356 2.39 51.69 -30.45
CA GLU A 356 2.83 52.64 -31.51
C GLU A 356 1.81 53.73 -31.83
N LYS B 6 51.56 6.15 9.27
CA LYS B 6 52.80 5.79 8.56
C LYS B 6 53.39 4.50 9.17
N THR B 7 52.96 4.22 10.41
CA THR B 7 53.39 3.08 11.22
C THR B 7 52.19 2.68 12.09
N THR B 8 52.35 1.62 12.89
CA THR B 8 51.29 1.24 13.82
C THR B 8 51.56 1.81 15.21
N LEU B 9 50.56 2.48 15.79
CA LEU B 9 50.70 3.14 17.08
C LEU B 9 50.23 2.25 18.22
N PHE B 10 50.55 2.65 19.43
CA PHE B 10 49.99 1.97 20.59
C PHE B 10 49.16 2.96 21.41
N CYS B 11 48.32 2.42 22.28
CA CYS B 11 47.52 3.25 23.16
C CYS B 11 48.04 3.19 24.59
N ALA B 12 47.86 4.29 25.31
CA ALA B 12 48.10 4.37 26.74
C ALA B 12 46.82 4.85 27.42
N SER B 13 46.64 4.47 28.68
CA SER B 13 45.42 4.83 29.40
C SER B 13 45.65 4.74 30.89
N ASP B 14 44.81 5.42 31.63
CA ASP B 14 44.60 5.09 33.03
C ASP B 14 43.71 3.91 33.30
N ALA B 15 43.70 2.83 32.55
CA ALA B 15 42.74 1.88 33.07
C ALA B 15 43.36 1.13 34.25
N LYS B 16 42.51 0.45 35.01
CA LYS B 16 42.90 -0.33 36.18
C LYS B 16 42.41 -1.73 36.03
N ALA B 17 43.26 -2.68 36.36
CA ALA B 17 42.81 -4.04 36.16
C ALA B 17 41.65 -4.44 37.08
N TYR B 18 41.25 -3.59 38.06
CA TYR B 18 40.26 -3.93 39.09
C TYR B 18 38.90 -3.30 38.89
N GLU B 19 38.75 -2.41 37.94
CA GLU B 19 37.43 -2.06 37.47
C GLU B 19 36.93 -3.22 36.62
N LYS B 20 35.66 -3.63 36.81
CA LYS B 20 35.08 -4.48 35.78
C LYS B 20 34.30 -3.69 34.75
N GLU B 21 34.32 -2.37 34.82
CA GLU B 21 33.84 -1.60 33.69
C GLU B 21 34.62 -2.01 32.45
N VAL B 22 33.92 -2.16 31.33
CA VAL B 22 34.48 -2.94 30.22
C VAL B 22 35.54 -2.16 29.42
N HIS B 23 35.43 -0.84 29.35
CA HIS B 23 36.52 -0.06 28.77
C HIS B 23 37.81 -0.26 29.56
N ASN B 24 37.70 -0.35 30.88
CA ASN B 24 38.86 -0.55 31.73
C ASN B 24 39.49 -1.91 31.48
N VAL B 25 38.66 -2.96 31.43
CA VAL B 25 39.17 -4.31 31.14
C VAL B 25 39.91 -4.32 29.80
N TRP B 26 39.25 -3.81 28.76
CA TRP B 26 39.89 -3.83 27.45
C TRP B 26 41.21 -3.07 27.47
N ALA B 27 41.23 -1.87 28.05
CA ALA B 27 42.43 -1.05 28.00
C ALA B 27 43.57 -1.69 28.79
N THR B 28 43.27 -2.31 29.94
CA THR B 28 44.38 -2.97 30.62
C THR B 28 44.92 -4.15 29.83
N HIS B 29 44.15 -4.74 28.90
CA HIS B 29 44.83 -5.74 28.07
C HIS B 29 45.50 -5.14 26.84
N ALA B 30 44.99 -4.03 26.29
CA ALA B 30 45.48 -3.53 25.01
C ALA B 30 46.41 -2.33 25.11
N CYS B 31 46.40 -1.59 26.21
CA CYS B 31 47.17 -0.37 26.31
C CYS B 31 48.24 -0.46 27.39
N VAL B 32 49.20 0.45 27.32
CA VAL B 32 50.24 0.56 28.33
C VAL B 32 49.86 1.72 29.25
N PRO B 33 50.46 1.85 30.42
CA PRO B 33 50.12 3.00 31.29
C PRO B 33 50.65 4.29 30.70
N THR B 34 49.96 5.40 31.02
CA THR B 34 50.34 6.70 30.50
C THR B 34 51.58 7.23 31.18
N ASP B 35 52.35 8.04 30.44
CA ASP B 35 53.56 8.58 31.03
C ASP B 35 53.12 9.70 31.96
N PRO B 36 53.54 9.70 33.24
CA PRO B 36 52.98 10.70 34.18
C PRO B 36 53.32 12.13 33.79
N ASN B 37 54.52 12.39 33.29
CA ASN B 37 54.86 13.68 32.67
C ASN B 37 55.33 13.51 31.24
N PRO B 38 54.56 13.96 30.27
CA PRO B 38 54.90 13.78 28.86
C PRO B 38 55.78 14.90 28.35
N GLN B 39 56.57 14.56 27.33
CA GLN B 39 57.48 15.49 26.69
C GLN B 39 56.77 16.20 25.54
N GLU B 40 56.99 17.51 25.41
CA GLU B 40 56.36 18.19 24.28
C GLU B 40 57.39 19.22 23.80
N MET B 41 57.50 19.46 22.50
CA MET B 41 58.71 20.15 22.03
C MET B 41 58.21 21.21 21.04
N VAL B 42 58.11 22.49 21.44
CA VAL B 42 57.50 23.48 20.53
C VAL B 42 58.46 23.76 19.36
N LEU B 43 57.95 24.45 18.32
CA LEU B 43 58.70 24.75 17.09
C LEU B 43 57.97 25.77 16.21
N ALA B 44 57.83 27.04 16.65
CA ALA B 44 56.92 28.02 16.03
C ALA B 44 57.32 28.46 14.60
N ASN B 45 58.47 28.01 14.07
CA ASN B 45 58.91 28.40 12.73
C ASN B 45 58.45 27.42 11.63
N VAL B 46 58.23 26.14 11.97
CA VAL B 46 58.35 25.04 11.00
C VAL B 46 57.35 25.19 9.85
N THR B 47 56.07 25.41 10.18
CA THR B 47 54.94 25.41 9.24
C THR B 47 54.82 24.05 8.54
N GLU B 48 53.70 23.37 8.77
CA GLU B 48 53.58 21.94 8.53
C GLU B 48 52.15 21.69 8.04
N ASN B 49 51.98 20.75 7.12
CA ASN B 49 50.67 20.53 6.50
C ASN B 49 49.95 19.36 7.18
N PHE B 50 48.67 19.55 7.51
CA PHE B 50 47.82 18.51 8.07
C PHE B 50 46.60 18.29 7.17
N ASN B 51 46.01 17.10 7.26
CA ASN B 51 44.70 16.86 6.66
C ASN B 51 43.93 15.91 7.56
N MET B 52 42.98 16.45 8.33
CA MET B 52 42.26 15.62 9.28
C MET B 52 41.39 14.57 8.59
N TRP B 53 41.07 14.79 7.32
CA TRP B 53 40.14 13.92 6.60
C TRP B 53 40.83 12.73 5.95
N LYS B 54 42.15 12.69 5.98
CA LYS B 54 42.87 11.56 5.48
C LYS B 54 44.04 11.36 6.47
N ASN B 55 43.72 10.76 7.61
CA ASN B 55 44.63 10.66 8.76
C ASN B 55 44.59 9.22 9.25
N ASP B 56 45.73 8.53 9.14
CA ASP B 56 45.70 7.11 9.45
C ASP B 56 45.60 6.84 10.97
N MET B 57 45.82 7.86 11.82
CA MET B 57 45.46 7.70 13.22
C MET B 57 43.97 7.37 13.41
N VAL B 58 43.11 7.93 12.57
CA VAL B 58 41.68 7.67 12.70
C VAL B 58 41.36 6.21 12.40
N GLU B 59 41.99 5.66 11.35
CA GLU B 59 41.73 4.26 11.00
C GLU B 59 42.19 3.33 12.13
N GLN B 60 43.37 3.60 12.70
CA GLN B 60 43.82 2.75 13.81
C GLN B 60 42.90 2.85 15.02
N MET B 61 42.49 4.07 15.39
CA MET B 61 41.54 4.19 16.49
C MET B 61 40.23 3.44 16.22
N HIS B 62 39.66 3.63 15.03
CA HIS B 62 38.43 2.93 14.65
C HIS B 62 38.57 1.42 14.84
N GLU B 63 39.67 0.83 14.36
CA GLU B 63 39.95 -0.58 14.67
C GLU B 63 39.90 -0.86 16.16
N ASP B 64 40.59 -0.04 16.97
CA ASP B 64 40.63 -0.36 18.39
C ASP B 64 39.24 -0.34 19.00
N ILE B 65 38.43 0.68 18.68
CA ILE B 65 37.11 0.78 19.30
C ILE B 65 36.20 -0.35 18.83
N ILE B 66 36.31 -0.76 17.56
CA ILE B 66 35.57 -1.95 17.13
C ILE B 66 35.93 -3.15 17.99
N SER B 67 37.22 -3.29 18.27
CA SER B 67 37.67 -4.43 19.07
C SER B 67 37.13 -4.33 20.49
N LEU B 68 37.16 -3.13 21.05
CA LEU B 68 36.65 -2.94 22.40
C LEU B 68 35.18 -3.32 22.50
N TRP B 69 34.36 -2.89 21.52
CA TRP B 69 32.93 -3.21 21.58
C TRP B 69 32.68 -4.70 21.36
N ASP B 70 33.43 -5.35 20.46
CA ASP B 70 33.35 -6.81 20.34
C ASP B 70 33.66 -7.54 21.64
N GLU B 71 34.77 -7.20 22.29
CA GLU B 71 35.04 -7.79 23.61
C GLU B 71 33.93 -7.49 24.63
N SER B 72 33.37 -6.29 24.61
CA SER B 72 32.63 -5.74 25.75
C SER B 72 31.12 -5.81 25.62
N LEU B 73 30.54 -5.29 24.54
CA LEU B 73 29.08 -5.27 24.39
C LEU B 73 28.64 -6.37 23.43
N LYS B 74 28.73 -7.59 23.92
CA LYS B 74 28.37 -8.71 23.08
C LYS B 74 26.86 -8.78 22.91
N PRO B 75 26.37 -8.90 21.67
CA PRO B 75 24.93 -9.00 21.42
C PRO B 75 24.45 -10.44 21.56
N CYS B 76 23.19 -10.59 21.95
CA CYS B 76 22.60 -11.93 21.99
C CYS B 76 22.60 -12.54 20.60
N VAL B 77 22.19 -11.79 19.60
CA VAL B 77 22.23 -12.26 18.22
C VAL B 77 22.90 -11.18 17.37
N LYS B 78 23.67 -11.61 16.39
CA LYS B 78 24.24 -10.68 15.44
C LYS B 78 23.94 -11.22 14.06
N LEU B 79 23.23 -10.43 13.26
CA LEU B 79 22.94 -10.76 11.89
C LEU B 79 23.86 -9.99 10.97
N THR B 80 24.69 -10.71 10.22
CA THR B 80 25.58 -10.08 9.24
C THR B 80 25.38 -10.82 7.93
N GLY B 81 24.57 -10.24 7.05
CA GLY B 81 24.30 -10.88 5.79
C GLY B 81 23.45 -12.11 5.94
N GLY B 82 23.99 -13.27 5.56
CA GLY B 82 23.23 -14.49 5.69
C GLY B 82 23.21 -14.94 7.13
N SER B 83 24.40 -14.82 7.75
CA SER B 83 24.73 -15.40 9.04
C SER B 83 24.00 -14.76 10.22
N ALA B 84 23.73 -15.57 11.23
CA ALA B 84 23.31 -15.14 12.55
C ALA B 84 24.17 -15.80 13.59
N ILE B 85 24.80 -15.02 14.46
CA ILE B 85 25.70 -15.51 15.50
C ILE B 85 25.06 -15.24 16.86
N THR B 86 25.00 -16.26 17.70
CA THR B 86 24.45 -16.16 19.05
C THR B 86 25.52 -16.36 20.10
N GLN B 87 25.45 -15.55 21.16
CA GLN B 87 26.38 -15.59 22.29
C GLN B 87 25.70 -15.10 23.55
N ALA B 88 26.33 -15.39 24.68
CA ALA B 88 25.91 -14.79 25.93
C ALA B 88 25.96 -13.28 25.83
N CYS B 89 24.89 -12.59 26.27
CA CYS B 89 24.82 -11.13 26.25
C CYS B 89 24.51 -10.62 27.66
N PRO B 90 25.43 -10.83 28.60
CA PRO B 90 25.23 -10.31 29.96
C PRO B 90 25.11 -8.80 29.93
N LYS B 91 24.35 -8.26 30.86
CA LYS B 91 24.44 -6.84 31.17
C LYS B 91 25.80 -6.53 31.80
N VAL B 92 26.38 -5.37 31.47
CA VAL B 92 27.74 -5.05 31.91
C VAL B 92 27.76 -3.62 32.45
N SER B 93 28.85 -3.26 33.13
CA SER B 93 29.03 -1.86 33.47
C SER B 93 29.85 -1.20 32.37
N PHE B 94 29.36 -0.04 31.89
CA PHE B 94 29.82 0.56 30.66
C PHE B 94 29.92 2.07 30.84
N ASP B 95 31.14 2.62 30.88
CA ASP B 95 31.37 4.07 30.94
C ASP B 95 32.69 4.37 30.25
N PRO B 96 32.72 5.06 29.10
CA PRO B 96 33.97 5.20 28.34
C PRO B 96 35.06 5.92 29.13
N ILE B 97 36.31 5.50 28.92
CA ILE B 97 37.47 6.11 29.57
C ILE B 97 38.33 6.73 28.48
N PRO B 98 39.25 7.65 28.81
CA PRO B 98 40.09 8.25 27.77
C PRO B 98 41.25 7.35 27.37
N LEU B 99 41.62 7.47 26.10
CA LEU B 99 42.68 6.66 25.49
C LEU B 99 43.65 7.60 24.80
N HIS B 100 44.94 7.37 24.99
CA HIS B 100 45.96 8.18 24.35
C HIS B 100 46.58 7.35 23.25
N TYR B 101 46.84 7.96 22.09
CA TYR B 101 47.51 7.26 21.00
C TYR B 101 48.94 7.75 20.89
N CYS B 102 49.88 6.81 20.92
CA CYS B 102 51.30 7.11 21.05
C CYS B 102 52.09 6.59 19.87
N ALA B 103 53.10 7.39 19.45
CA ALA B 103 53.99 7.01 18.37
C ALA B 103 55.07 6.05 18.88
N PRO B 104 55.37 4.99 18.15
CA PRO B 104 56.39 4.04 18.60
C PRO B 104 57.78 4.63 18.44
N ALA B 105 58.77 3.89 18.97
CA ALA B 105 60.16 4.33 18.94
C ALA B 105 60.64 4.66 17.52
N GLY B 106 61.15 5.88 17.35
CA GLY B 106 61.64 6.32 16.06
C GLY B 106 60.66 7.12 15.23
N PHE B 107 59.41 7.23 15.67
CA PHE B 107 58.45 8.15 15.10
C PHE B 107 58.01 9.13 16.16
N ALA B 108 57.44 10.24 15.70
CA ALA B 108 56.88 11.22 16.61
C ALA B 108 55.51 11.62 16.09
N ILE B 109 54.74 12.24 16.96
CA ILE B 109 53.42 12.76 16.60
C ILE B 109 53.54 14.27 16.59
N LEU B 110 53.10 14.90 15.51
CA LEU B 110 53.16 16.35 15.39
C LEU B 110 51.81 16.93 15.78
N LYS B 111 51.83 17.94 16.64
CA LYS B 111 50.59 18.59 17.08
C LYS B 111 50.54 19.99 16.52
N CYS B 112 49.41 20.36 15.93
CA CYS B 112 49.23 21.72 15.46
C CYS B 112 48.67 22.57 16.59
N ASN B 113 49.36 23.66 16.90
CA ASN B 113 49.02 24.50 18.05
C ASN B 113 48.18 25.72 17.71
N ASN B 114 47.80 25.94 16.44
CA ASN B 114 46.97 27.08 16.06
C ASN B 114 45.53 26.85 16.55
N LYS B 115 45.05 27.72 17.45
CA LYS B 115 43.75 27.53 18.11
C LYS B 115 42.59 27.49 17.13
N THR B 116 42.73 28.06 15.92
CA THR B 116 41.63 28.17 14.96
C THR B 116 41.82 27.33 13.71
N PHE B 117 42.89 26.52 13.68
CA PHE B 117 43.15 25.57 12.61
C PHE B 117 41.93 24.71 12.31
N ASN B 118 41.46 24.75 11.07
CA ASN B 118 40.23 24.05 10.72
C ASN B 118 40.47 22.58 10.38
N GLY B 119 41.69 22.09 10.54
CA GLY B 119 41.99 20.67 10.31
C GLY B 119 42.65 20.39 8.99
N THR B 120 42.83 21.42 8.17
CA THR B 120 43.23 21.31 6.78
C THR B 120 44.23 22.41 6.43
N GLY B 121 45.25 22.02 5.68
CA GLY B 121 46.15 22.97 5.11
C GLY B 121 47.39 23.15 5.96
N PRO B 122 48.10 24.26 5.78
CA PRO B 122 49.33 24.50 6.56
C PRO B 122 49.04 25.17 7.90
N CYS B 123 49.91 24.86 8.85
CA CYS B 123 49.77 25.30 10.24
C CYS B 123 51.12 25.81 10.74
N ARG B 124 51.13 27.00 11.39
CA ARG B 124 52.40 27.65 11.66
C ARG B 124 53.06 27.12 12.92
N ASN B 125 52.35 27.10 14.06
CA ASN B 125 52.96 26.74 15.34
C ASN B 125 52.80 25.22 15.50
N VAL B 126 53.89 24.46 15.41
CA VAL B 126 53.79 23.02 15.58
C VAL B 126 54.58 22.56 16.80
N SER B 127 54.35 21.32 17.23
CA SER B 127 55.03 20.68 18.35
C SER B 127 55.28 19.23 18.01
N THR B 128 56.24 18.61 18.69
CA THR B 128 56.35 17.17 18.65
C THR B 128 56.01 16.64 20.03
N VAL B 129 55.17 15.60 20.08
CA VAL B 129 54.75 14.95 21.31
C VAL B 129 54.90 13.45 21.09
N GLN B 130 54.78 12.67 22.16
CA GLN B 130 54.77 11.23 21.93
C GLN B 130 53.37 10.62 21.94
N CYS B 131 52.38 11.27 22.55
CA CYS B 131 51.02 10.78 22.55
C CYS B 131 50.06 11.93 22.34
N THR B 132 48.90 11.60 21.78
CA THR B 132 47.78 12.51 21.75
C THR B 132 47.30 12.77 23.18
N HIS B 133 46.38 13.71 23.32
CA HIS B 133 45.67 13.83 24.58
C HIS B 133 44.76 12.62 24.77
N GLY B 134 43.99 12.63 25.85
CA GLY B 134 43.15 11.47 26.15
C GLY B 134 41.81 11.64 25.47
N ILE B 135 41.41 10.68 24.63
CA ILE B 135 40.20 10.80 23.82
C ILE B 135 39.23 9.75 24.28
N LYS B 136 38.02 10.16 24.69
CA LYS B 136 37.00 9.20 25.13
C LYS B 136 36.27 8.63 23.92
N PRO B 137 36.34 7.33 23.67
CA PRO B 137 35.70 6.80 22.46
C PRO B 137 34.18 6.73 22.53
N VAL B 138 33.49 7.87 22.40
CA VAL B 138 32.04 7.92 22.59
C VAL B 138 31.31 7.70 21.26
N VAL B 139 30.47 6.68 21.20
CA VAL B 139 29.74 6.33 20.01
C VAL B 139 28.39 7.03 20.07
N SER B 140 28.09 7.87 19.08
CA SER B 140 26.81 8.58 19.03
C SER B 140 26.63 9.19 17.64
N THR B 141 25.42 9.66 17.37
CA THR B 141 25.10 10.39 16.13
C THR B 141 24.54 11.76 16.50
N GLN B 142 24.47 12.64 15.48
CA GLN B 142 23.95 14.02 15.58
C GLN B 142 24.74 14.88 16.56
N LEU B 143 24.79 14.52 17.83
CA LEU B 143 25.52 15.28 18.84
C LEU B 143 26.79 14.53 19.17
N LEU B 144 27.91 15.25 19.24
CA LEU B 144 29.15 14.67 19.72
C LEU B 144 29.24 14.97 21.22
N LEU B 145 29.44 13.94 22.03
CA LEU B 145 29.35 14.05 23.48
C LEU B 145 30.72 13.87 24.12
N ASN B 146 30.97 14.63 25.18
CA ASN B 146 32.10 14.38 26.06
C ASN B 146 33.43 14.53 25.32
N GLY B 147 33.50 15.37 24.32
CA GLY B 147 34.76 15.66 23.67
C GLY B 147 35.46 16.82 24.35
N SER B 148 36.37 17.44 23.62
CA SER B 148 37.12 18.59 24.12
C SER B 148 36.84 19.81 23.26
N LEU B 149 36.47 20.93 23.91
CA LEU B 149 35.97 22.07 23.15
C LEU B 149 37.10 22.86 22.48
N ALA B 150 36.72 23.65 21.49
CA ALA B 150 37.67 24.55 20.83
C ALA B 150 38.10 25.67 21.79
N GLU B 151 39.37 26.05 21.66
CA GLU B 151 39.99 27.06 22.53
C GLU B 151 39.34 28.43 22.38
N GLU B 152 39.11 28.86 21.14
CA GLU B 152 38.77 30.25 20.92
C GLU B 152 37.37 30.27 20.38
N GLU B 153 37.21 30.35 19.08
CA GLU B 153 35.94 30.30 18.43
C GLU B 153 35.53 28.91 17.97
N ILE B 154 34.21 28.80 17.77
CA ILE B 154 33.59 27.69 17.07
C ILE B 154 34.29 27.51 15.73
N ILE B 155 34.86 26.32 15.49
CA ILE B 155 35.53 26.01 14.22
C ILE B 155 34.56 25.19 13.38
N ILE B 156 34.54 25.43 12.08
CA ILE B 156 33.74 24.63 11.17
C ILE B 156 34.71 23.78 10.36
N ARG B 157 34.50 22.46 10.35
CA ARG B 157 35.38 21.56 9.64
C ARG B 157 34.62 20.78 8.60
N SER B 158 35.21 20.68 7.42
CA SER B 158 34.66 19.83 6.39
C SER B 158 35.78 19.49 5.43
N GLU B 159 35.74 18.26 4.92
CA GLU B 159 36.65 17.89 3.86
C GLU B 159 36.48 18.80 2.65
N ASN B 160 35.27 19.33 2.43
CA ASN B 160 34.92 20.20 1.32
C ASN B 160 33.54 20.85 1.52
N LEU B 161 33.48 22.12 1.95
CA LEU B 161 32.18 22.70 2.28
C LEU B 161 31.26 22.88 1.07
N THR B 162 31.80 22.86 -0.15
CA THR B 162 30.91 23.02 -1.31
C THR B 162 30.20 21.72 -1.66
N ASN B 163 30.86 20.60 -1.42
CA ASN B 163 30.26 19.28 -1.56
C ASN B 163 29.28 19.03 -0.42
N ASN B 164 27.99 19.04 -0.71
CA ASN B 164 27.04 18.94 0.39
C ASN B 164 26.87 17.51 0.89
N ALA B 165 27.48 16.53 0.20
CA ALA B 165 27.53 15.15 0.69
C ALA B 165 28.56 14.94 1.79
N LYS B 166 29.44 15.92 2.04
CA LYS B 166 30.52 15.79 3.02
C LYS B 166 30.01 16.22 4.40
N THR B 167 30.20 15.36 5.40
CA THR B 167 29.79 15.68 6.77
C THR B 167 30.47 16.96 7.22
N ILE B 168 29.73 17.83 7.92
CA ILE B 168 30.29 19.01 8.57
C ILE B 168 30.45 18.71 10.05
N ILE B 169 31.65 18.93 10.60
CA ILE B 169 31.86 18.86 12.05
C ILE B 169 31.91 20.28 12.59
N VAL B 170 30.98 20.60 13.48
CA VAL B 170 30.99 21.87 14.19
C VAL B 170 31.69 21.63 15.53
N HIS B 171 32.79 22.33 15.77
CA HIS B 171 33.52 22.24 17.03
C HIS B 171 33.12 23.38 17.98
N LEU B 172 32.24 23.10 18.91
CA LEU B 172 31.79 24.07 19.91
C LEU B 172 32.92 24.55 20.82
N ASN B 173 32.88 25.84 21.22
CA ASN B 173 33.84 26.34 22.21
C ASN B 173 33.29 26.39 23.63
N GLU B 174 31.98 26.28 23.80
CA GLU B 174 31.30 26.09 25.08
C GLU B 174 30.31 24.94 24.99
N SER B 175 30.30 24.07 26.00
CA SER B 175 29.48 22.89 25.92
C SER B 175 28.06 23.15 26.42
N VAL B 176 27.14 22.27 26.03
CA VAL B 176 25.71 22.37 26.30
C VAL B 176 25.28 21.06 26.94
N ASN B 177 24.59 21.14 28.06
CA ASN B 177 24.37 19.96 28.88
C ASN B 177 23.18 19.21 28.30
N ILE B 178 23.25 17.89 28.26
CA ILE B 178 22.10 17.07 27.91
C ILE B 178 22.00 15.95 28.94
N VAL B 179 20.80 15.77 29.48
CA VAL B 179 20.57 14.80 30.56
C VAL B 179 19.49 13.85 30.11
N CYS B 180 19.82 12.56 30.04
CA CYS B 180 18.89 11.56 29.53
C CYS B 180 18.64 10.52 30.63
N THR B 181 17.36 10.18 30.82
CA THR B 181 16.97 9.30 31.90
C THR B 181 15.84 8.38 31.45
N ARG B 182 15.93 7.12 31.86
CA ARG B 182 14.78 6.22 31.91
C ARG B 182 14.40 6.07 33.36
N PRO B 183 13.27 6.65 33.78
CA PRO B 183 12.94 6.68 35.21
C PRO B 183 12.65 5.30 35.74
N ASN B 184 12.74 5.16 37.06
CA ASN B 184 12.49 3.87 37.72
C ASN B 184 10.99 3.55 37.65
N ASN B 193 5.77 2.26 29.91
CA ASN B 193 6.94 1.52 29.46
C ASN B 193 8.25 1.51 30.22
N ILE B 194 8.85 0.32 30.21
CA ILE B 194 10.27 0.06 30.46
C ILE B 194 11.15 0.71 29.39
N ARG B 195 10.65 0.79 28.15
CA ARG B 195 11.39 1.39 27.05
C ARG B 195 11.37 2.92 27.01
N GLN B 196 10.56 3.61 27.82
CA GLN B 196 10.36 5.03 27.60
C GLN B 196 11.37 5.85 28.42
N ALA B 197 11.95 6.89 27.80
CA ALA B 197 12.93 7.76 28.45
C ALA B 197 12.85 9.15 27.83
N HIS B 198 13.52 10.11 28.45
CA HIS B 198 13.54 11.47 27.92
C HIS B 198 14.88 12.13 28.23
N CYS B 199 15.22 13.14 27.43
CA CYS B 199 16.37 14.01 27.66
C CYS B 199 15.91 15.45 27.83
N ASN B 200 16.69 16.23 28.59
CA ASN B 200 16.39 17.65 28.81
C ASN B 200 17.60 18.49 28.42
N ILE B 201 17.36 19.54 27.64
CA ILE B 201 18.37 20.55 27.37
C ILE B 201 17.81 21.91 27.77
N ASN B 202 18.66 22.76 28.36
CA ASN B 202 18.31 24.16 28.63
C ASN B 202 17.99 24.88 27.30
N GLU B 203 16.75 25.35 27.11
CA GLU B 203 16.49 26.08 25.87
C GLU B 203 17.36 27.33 25.76
N SER B 204 17.74 27.96 26.87
CA SER B 204 18.57 29.15 26.74
C SER B 204 19.94 28.82 26.15
N LYS B 205 20.62 27.79 26.71
CA LYS B 205 21.97 27.52 26.26
C LYS B 205 21.96 27.02 24.82
N TRP B 206 20.93 26.23 24.48
CA TRP B 206 20.80 25.75 23.11
C TRP B 206 20.61 26.92 22.15
N ASN B 207 19.70 27.85 22.48
CA ASN B 207 19.48 29.07 21.71
C ASN B 207 20.80 29.79 21.43
N ASN B 208 21.53 30.03 22.49
CA ASN B 208 22.77 30.78 22.40
C ASN B 208 23.73 30.09 21.43
N THR B 209 24.00 28.79 21.65
CA THR B 209 24.99 28.12 20.82
C THR B 209 24.51 27.99 19.38
N LEU B 210 23.22 27.76 19.17
CA LEU B 210 22.80 27.69 17.78
C LEU B 210 22.88 29.06 17.09
N GLN B 211 22.75 30.16 17.84
CA GLN B 211 23.05 31.45 17.22
C GLN B 211 24.50 31.50 16.74
N LYS B 212 25.44 31.33 17.67
CA LYS B 212 26.86 31.41 17.29
C LYS B 212 27.20 30.46 16.15
N VAL B 213 26.60 29.27 16.13
CA VAL B 213 26.87 28.35 15.03
C VAL B 213 26.34 28.93 13.73
N GLY B 214 25.14 29.52 13.76
CA GLY B 214 24.66 30.25 12.59
C GLY B 214 25.59 31.36 12.13
N GLU B 215 26.22 32.07 13.06
CA GLU B 215 27.16 33.10 12.64
C GLU B 215 28.32 32.49 11.86
N GLU B 216 28.95 31.43 12.39
CA GLU B 216 30.11 30.86 11.68
C GLU B 216 29.70 30.29 10.32
N LEU B 217 28.57 29.58 10.29
CA LEU B 217 28.07 29.08 9.02
C LEU B 217 27.82 30.22 8.06
N ALA B 218 27.38 31.38 8.57
CA ALA B 218 27.12 32.54 7.71
C ALA B 218 28.41 33.04 7.08
N LYS B 219 29.47 33.18 7.88
CA LYS B 219 30.78 33.50 7.32
C LYS B 219 31.09 32.60 6.13
N HIS B 220 30.70 31.31 6.18
CA HIS B 220 31.04 30.48 5.01
C HIS B 220 29.98 30.49 3.90
N PHE B 221 28.71 30.79 4.21
CA PHE B 221 27.65 30.95 3.20
C PHE B 221 26.98 32.31 3.42
N PRO B 222 27.41 33.35 2.71
CA PRO B 222 27.15 34.72 3.20
C PRO B 222 25.87 35.39 2.73
N SER B 223 25.40 35.09 1.51
CA SER B 223 24.13 35.65 1.06
C SER B 223 22.96 35.06 1.85
N LYS B 224 23.05 33.78 2.22
CA LYS B 224 21.89 32.94 2.46
C LYS B 224 21.41 33.04 3.91
N THR B 225 20.12 32.71 4.12
CA THR B 225 19.54 32.41 5.43
C THR B 225 19.98 31.00 5.87
N ILE B 226 20.27 30.83 7.17
CA ILE B 226 20.71 29.55 7.73
C ILE B 226 19.55 28.93 8.54
N LYS B 227 19.04 27.78 8.09
CA LYS B 227 17.95 27.05 8.74
C LYS B 227 18.47 25.74 9.37
N PHE B 228 18.00 25.42 10.58
CA PHE B 228 18.25 24.11 11.19
C PHE B 228 16.97 23.30 11.22
N GLU B 229 17.04 22.04 10.81
CA GLU B 229 15.83 21.25 10.65
C GLU B 229 16.10 19.79 10.97
N PRO B 230 15.10 19.03 11.43
CA PRO B 230 15.36 17.66 11.87
C PRO B 230 15.87 16.81 10.73
N SER B 231 16.55 15.74 11.09
CA SER B 231 17.02 14.78 10.10
C SER B 231 15.87 14.24 9.28
N SER B 232 16.02 14.33 7.96
CA SER B 232 15.02 13.86 7.01
C SER B 232 14.74 12.35 7.15
N GLY B 233 15.60 11.50 6.62
CA GLY B 233 15.30 10.08 6.67
C GLY B 233 16.53 9.22 6.90
N GLY B 234 16.26 7.92 7.09
CA GLY B 234 17.29 6.94 7.28
C GLY B 234 16.96 6.04 8.44
N ASP B 235 17.92 5.19 8.80
CA ASP B 235 17.73 4.33 9.95
C ASP B 235 17.49 5.17 11.21
N LEU B 236 16.76 4.60 12.16
CA LEU B 236 16.50 5.30 13.42
C LEU B 236 17.80 5.79 14.05
N GLU B 237 18.92 5.11 13.81
CA GLU B 237 20.17 5.49 14.47
C GLU B 237 20.67 6.86 14.02
N ILE B 238 20.38 7.27 12.77
CA ILE B 238 20.84 8.57 12.30
C ILE B 238 19.71 9.60 12.26
N THR B 239 18.45 9.18 12.26
CA THR B 239 17.37 10.16 12.30
C THR B 239 17.02 10.57 13.71
N THR B 240 17.51 9.85 14.72
CA THR B 240 17.47 10.34 16.07
C THR B 240 18.90 10.50 16.56
N HIS B 241 19.06 11.08 17.74
CA HIS B 241 20.35 11.15 18.40
C HIS B 241 20.47 9.84 19.18
N SER B 242 21.27 8.91 18.68
CA SER B 242 21.41 7.63 19.36
C SER B 242 22.78 7.55 20.03
N PHE B 243 22.82 6.83 21.13
CA PHE B 243 24.06 6.72 21.89
C PHE B 243 23.87 5.57 22.88
N ASN B 244 24.98 5.08 23.44
CA ASN B 244 24.90 4.05 24.46
C ASN B 244 25.10 4.70 25.83
N CYS B 245 24.23 4.35 26.76
CA CYS B 245 24.23 4.93 28.10
C CYS B 245 24.14 3.77 29.06
N ARG B 246 25.24 3.48 29.80
CA ARG B 246 25.13 2.46 30.85
C ARG B 246 24.73 1.10 30.28
N GLY B 247 25.12 0.83 29.03
CA GLY B 247 24.85 -0.43 28.40
C GLY B 247 23.65 -0.40 27.48
N GLU B 248 22.70 0.48 27.74
CA GLU B 248 21.45 0.48 27.02
C GLU B 248 21.54 1.47 25.84
N PHE B 249 20.85 1.13 24.74
CA PHE B 249 20.93 1.94 23.52
C PHE B 249 19.75 2.89 23.48
N PHE B 250 20.00 4.19 23.65
CA PHE B 250 18.95 5.21 23.62
C PHE B 250 18.80 5.78 22.22
N TYR B 251 17.57 6.08 21.84
CA TYR B 251 17.28 6.73 20.57
C TYR B 251 16.38 7.93 20.88
N CYS B 252 16.90 9.15 20.76
CA CYS B 252 16.20 10.35 21.21
C CYS B 252 15.82 11.26 20.04
N ASN B 253 14.55 11.66 20.01
CA ASN B 253 13.99 12.45 18.91
C ASN B 253 14.50 13.89 19.00
N THR B 254 15.19 14.38 17.97
CA THR B 254 15.73 15.73 18.04
C THR B 254 14.94 16.76 17.24
N SER B 255 13.68 16.46 16.95
CA SER B 255 12.85 17.30 16.10
C SER B 255 12.58 18.68 16.70
N ASP B 256 12.67 18.81 18.00
CA ASP B 256 12.53 20.05 18.75
C ASP B 256 13.85 20.68 19.08
N LEU B 257 14.93 20.15 18.53
CA LEU B 257 16.27 20.63 18.80
C LEU B 257 16.92 21.22 17.56
N PHE B 258 16.86 20.49 16.45
CA PHE B 258 17.33 21.02 15.18
C PHE B 258 16.10 21.56 14.46
N ASN B 259 15.75 22.79 14.80
CA ASN B 259 14.46 23.39 14.48
C ASN B 259 14.51 24.89 14.82
N GLY B 260 14.90 25.70 13.83
CA GLY B 260 15.14 27.11 14.08
C GLY B 260 15.77 27.82 12.90
N THR B 261 15.67 29.16 12.87
CA THR B 261 16.13 29.99 11.75
C THR B 261 17.02 31.12 12.25
N TYR B 262 18.07 31.39 11.47
CA TYR B 262 19.09 32.42 11.72
C TYR B 262 19.02 33.39 10.51
N ARG B 263 18.31 34.52 10.63
CA ARG B 263 17.94 35.34 9.47
C ARG B 263 18.82 36.57 9.30
N ASN B 264 18.83 37.49 10.29
CA ASN B 264 19.48 38.79 10.11
C ASN B 264 20.53 38.94 11.21
N GLY B 265 21.52 38.06 11.23
CA GLY B 265 22.39 38.06 12.39
C GLY B 265 21.70 37.78 13.71
N THR B 266 20.44 37.30 13.68
CA THR B 266 19.69 36.83 14.85
C THR B 266 19.15 35.42 14.62
N TYR B 267 19.17 34.59 15.68
CA TYR B 267 18.63 33.23 15.68
C TYR B 267 17.28 33.14 16.39
N ASN B 268 16.31 32.46 15.76
CA ASN B 268 14.96 32.24 16.30
C ASN B 268 14.71 30.74 16.46
N HIS B 269 14.49 30.27 17.69
CA HIS B 269 14.20 28.85 17.86
C HIS B 269 12.73 28.53 17.61
N THR B 270 12.51 27.58 16.69
CA THR B 270 11.19 27.12 16.24
C THR B 270 10.68 25.89 17.02
N GLY B 271 11.55 25.13 17.66
CA GLY B 271 11.11 23.92 18.35
C GLY B 271 10.42 24.22 19.68
N ARG B 272 9.61 23.26 20.12
CA ARG B 272 8.77 23.49 21.29
C ARG B 272 9.60 23.26 22.56
N SER B 273 9.65 24.25 23.40
CA SER B 273 10.12 24.06 24.75
C SER B 273 8.95 24.22 25.73
N SER B 274 9.27 24.21 27.01
CA SER B 274 8.27 24.11 28.08
C SER B 274 8.99 24.35 29.39
N ASN B 275 8.77 25.52 29.97
CA ASN B 275 9.48 25.95 31.16
C ASN B 275 10.97 26.13 30.87
N GLY B 276 11.30 26.53 29.64
CA GLY B 276 12.68 26.81 29.29
C GLY B 276 13.59 25.61 29.19
N THR B 277 13.04 24.41 28.96
CA THR B 277 13.82 23.20 28.69
C THR B 277 13.19 22.49 27.50
N ILE B 278 14.03 22.08 26.55
CA ILE B 278 13.61 21.21 25.46
C ILE B 278 13.68 19.79 25.99
N THR B 279 12.60 19.04 25.80
CA THR B 279 12.56 17.64 26.24
C THR B 279 12.44 16.72 25.05
N LEU B 280 13.48 15.93 24.80
CA LEU B 280 13.46 14.93 23.74
C LEU B 280 12.84 13.65 24.30
N GLN B 281 11.81 13.11 23.60
CA GLN B 281 11.34 11.75 23.88
C GLN B 281 12.31 10.71 23.32
N CYS B 282 12.59 9.66 24.11
CA CYS B 282 13.47 8.59 23.73
C CYS B 282 12.84 7.22 23.94
N LYS B 283 13.35 6.25 23.18
CA LYS B 283 13.08 4.84 23.38
C LYS B 283 14.40 4.10 23.58
N ILE B 284 14.42 3.13 24.48
CA ILE B 284 15.53 2.18 24.60
C ILE B 284 15.22 0.99 23.71
N LYS B 285 16.14 0.63 22.83
CA LYS B 285 15.79 -0.35 21.83
C LYS B 285 16.65 -1.59 21.95
N GLN B 286 16.14 -2.74 21.46
CA GLN B 286 16.93 -3.97 21.47
C GLN B 286 17.48 -4.38 20.11
N ILE B 287 16.86 -3.99 19.00
CA ILE B 287 17.38 -4.30 17.68
C ILE B 287 18.16 -3.08 17.18
N ILE B 288 19.47 -3.23 16.99
CA ILE B 288 20.38 -2.13 16.67
C ILE B 288 20.99 -2.35 15.30
N ASN B 289 20.98 -1.31 14.47
CA ASN B 289 21.83 -1.27 13.28
C ASN B 289 23.25 -0.90 13.67
N MET B 290 24.21 -1.75 13.31
CA MET B 290 25.54 -1.66 13.88
C MET B 290 26.32 -0.53 13.21
N TRP B 291 27.19 0.13 14.00
CA TRP B 291 28.05 1.14 13.43
C TRP B 291 29.34 0.55 12.91
N GLN B 292 29.71 -0.64 13.38
CA GLN B 292 30.98 -1.26 13.00
C GLN B 292 30.97 -1.79 11.58
N GLU B 293 29.81 -2.25 11.11
CA GLU B 293 29.64 -2.90 9.82
C GLU B 293 28.16 -2.92 9.50
N VAL B 294 27.85 -3.30 8.27
CA VAL B 294 26.46 -3.45 7.88
C VAL B 294 25.93 -4.72 8.51
N GLY B 295 24.97 -4.59 9.40
CA GLY B 295 24.55 -5.72 10.21
C GLY B 295 23.61 -5.23 11.27
N ARG B 296 22.91 -6.18 11.89
CA ARG B 296 21.98 -5.91 12.98
C ARG B 296 22.42 -6.68 14.21
N ALA B 297 22.08 -6.15 15.39
CA ALA B 297 22.48 -6.76 16.65
C ALA B 297 21.30 -6.74 17.59
N ILE B 298 20.98 -7.87 18.23
CA ILE B 298 19.88 -7.92 19.20
C ILE B 298 20.44 -8.07 20.61
N TYR B 299 19.94 -7.27 21.53
CA TYR B 299 20.36 -7.22 22.93
C TYR B 299 19.21 -7.55 23.87
N ALA B 300 19.55 -7.87 25.12
CA ALA B 300 18.54 -8.23 26.10
C ALA B 300 17.72 -7.00 26.51
N PRO B 301 16.54 -7.20 27.10
CA PRO B 301 15.71 -6.05 27.52
C PRO B 301 16.42 -5.22 28.58
N PRO B 302 15.91 -4.03 28.91
CA PRO B 302 16.70 -3.12 29.77
C PRO B 302 16.77 -3.61 31.21
N ILE B 303 17.95 -3.48 31.80
CA ILE B 303 18.14 -3.37 33.25
C ILE B 303 17.07 -2.56 33.98
N GLU B 304 17.06 -2.69 35.31
CA GLU B 304 16.01 -2.20 36.18
C GLU B 304 16.50 -0.95 36.92
N GLY B 305 15.55 -0.14 37.35
CA GLY B 305 15.92 1.10 37.98
C GLY B 305 16.00 2.25 37.00
N GLU B 306 16.58 3.35 37.48
CA GLU B 306 16.86 4.57 36.71
C GLU B 306 18.19 4.48 35.97
N ILE B 307 18.13 4.61 34.64
CA ILE B 307 19.28 4.66 33.75
C ILE B 307 19.45 6.12 33.34
N THR B 308 20.53 6.76 33.79
CA THR B 308 20.73 8.19 33.53
C THR B 308 22.15 8.46 33.07
N CYS B 309 22.27 9.29 32.02
CA CYS B 309 23.55 9.82 31.59
C CYS B 309 23.46 11.32 31.58
N ASN B 310 24.50 11.96 32.08
CA ASN B 310 24.62 13.40 32.13
C ASN B 310 25.84 13.78 31.30
N SER B 311 25.62 14.29 30.09
CA SER B 311 26.71 14.41 29.13
C SER B 311 26.88 15.87 28.71
N ASN B 312 28.05 16.19 28.16
CA ASN B 312 28.30 17.49 27.54
C ASN B 312 28.22 17.36 26.02
N ILE B 313 27.27 18.07 25.40
CA ILE B 313 27.33 18.26 23.94
C ILE B 313 28.52 19.16 23.63
N THR B 314 29.57 18.64 22.97
CA THR B 314 30.76 19.45 22.64
C THR B 314 30.98 19.68 21.13
N GLY B 315 30.10 19.19 20.28
CA GLY B 315 30.25 19.37 18.84
C GLY B 315 28.98 18.86 18.19
N LEU B 316 28.84 19.17 16.91
CA LEU B 316 27.69 18.70 16.15
C LEU B 316 28.18 18.07 14.86
N LEU B 317 27.40 17.10 14.37
CA LEU B 317 27.59 16.53 13.03
C LEU B 317 26.42 17.00 12.16
N LEU B 318 26.71 17.78 11.12
CA LEU B 318 25.65 18.33 10.27
C LEU B 318 25.84 17.95 8.80
N LEU B 319 24.72 17.97 8.08
CA LEU B 319 24.70 17.79 6.64
C LEU B 319 23.84 18.89 6.05
N ARG B 320 24.38 19.54 5.02
CA ARG B 320 23.71 20.61 4.29
C ARG B 320 22.90 20.06 3.14
N ASP B 321 21.71 20.60 2.94
CA ASP B 321 20.91 20.29 1.76
C ASP B 321 21.63 20.85 0.52
N ASP B 330 18.76 33.17 -1.36
CA ASP B 330 18.26 31.85 -1.02
C ASP B 330 18.66 31.40 0.40
N THR B 331 18.46 30.10 0.65
CA THR B 331 18.58 29.53 1.99
C THR B 331 19.44 28.26 1.98
N GLU B 332 20.27 28.14 3.02
CA GLU B 332 21.03 26.94 3.32
C GLU B 332 20.43 26.27 4.56
N THR B 333 20.13 24.97 4.44
CA THR B 333 19.46 24.21 5.50
C THR B 333 20.39 23.11 5.98
N PHE B 334 20.52 23.01 7.31
CA PHE B 334 21.40 22.03 7.93
C PHE B 334 20.57 21.08 8.80
N ARG B 335 20.79 19.78 8.62
CA ARG B 335 20.14 18.72 9.37
C ARG B 335 21.17 17.94 10.17
N PRO B 336 20.78 17.33 11.28
CA PRO B 336 21.76 16.55 12.04
C PRO B 336 22.15 15.34 11.21
N GLY B 337 23.44 14.98 11.29
CA GLY B 337 23.95 13.83 10.56
C GLY B 337 24.59 12.78 11.44
N GLY B 338 25.47 11.95 10.89
CA GLY B 338 26.23 10.98 11.64
C GLY B 338 26.10 9.60 11.03
N GLY B 339 26.72 8.64 11.70
CA GLY B 339 26.60 7.25 11.32
C GLY B 339 27.93 6.59 11.01
N ASP B 340 28.95 7.37 10.63
CA ASP B 340 30.29 6.89 10.36
C ASP B 340 31.13 7.30 11.57
N MET B 341 31.39 6.36 12.49
CA MET B 341 32.02 6.78 13.73
C MET B 341 33.46 7.31 13.54
N ARG B 342 34.06 7.10 12.36
CA ARG B 342 35.37 7.72 12.14
C ARG B 342 35.29 9.23 12.22
N ASP B 343 34.12 9.84 11.95
CA ASP B 343 34.02 11.30 12.12
C ASP B 343 34.07 11.67 13.59
N ASN B 344 33.49 10.84 14.45
CA ASN B 344 33.64 11.09 15.88
C ASN B 344 35.12 11.11 16.24
N TRP B 345 35.89 10.10 15.79
CA TRP B 345 37.33 10.12 16.10
C TRP B 345 38.05 11.30 15.45
N ARG B 346 37.71 11.64 14.21
CA ARG B 346 38.31 12.79 13.52
C ARG B 346 38.17 14.07 14.32
N SER B 347 37.00 14.25 14.95
CA SER B 347 36.75 15.51 15.63
C SER B 347 37.76 15.75 16.74
N GLU B 348 38.43 14.69 17.21
CA GLU B 348 39.45 14.73 18.25
C GLU B 348 40.88 14.63 17.71
N LEU B 349 41.11 13.85 16.65
CA LEU B 349 42.46 13.57 16.16
C LEU B 349 42.95 14.57 15.13
N TYR B 350 42.19 15.64 14.90
CA TYR B 350 42.40 16.50 13.74
C TYR B 350 43.74 17.24 13.80
N LYS B 351 44.20 17.59 14.99
CA LYS B 351 45.44 18.36 15.13
C LYS B 351 46.68 17.50 15.14
N TYR B 352 46.58 16.18 14.91
CA TYR B 352 47.75 15.33 15.05
C TYR B 352 48.11 14.68 13.73
N LYS B 353 49.36 14.24 13.63
CA LYS B 353 49.95 13.72 12.41
C LYS B 353 51.16 12.91 12.82
N VAL B 354 51.29 11.67 12.35
CA VAL B 354 52.48 10.87 12.68
C VAL B 354 53.56 11.14 11.65
N VAL B 355 54.83 11.23 12.08
CA VAL B 355 55.88 11.58 11.13
C VAL B 355 57.10 10.71 11.43
N GLU B 356 57.84 10.37 10.36
CA GLU B 356 59.29 10.04 10.33
C GLU B 356 59.59 8.55 10.51
N LYS C 6 -15.08 -27.05 30.25
CA LYS C 6 -15.50 -27.80 31.44
C LYS C 6 -14.73 -29.15 31.49
N THR C 7 -14.22 -29.54 30.32
CA THR C 7 -13.49 -30.78 30.08
C THR C 7 -12.46 -30.51 28.98
N THR C 8 -11.64 -31.50 28.64
CA THR C 8 -10.68 -31.33 27.54
C THR C 8 -11.27 -31.92 26.25
N LEU C 9 -11.25 -31.12 25.18
CA LEU C 9 -11.82 -31.51 23.90
C LEU C 9 -10.79 -32.12 22.98
N PHE C 10 -11.26 -32.72 21.90
CA PHE C 10 -10.35 -33.18 20.87
C PHE C 10 -10.67 -32.48 19.56
N CYS C 11 -9.71 -32.53 18.62
CA CYS C 11 -9.93 -31.95 17.31
C CYS C 11 -10.12 -33.03 16.26
N ALA C 12 -10.90 -32.70 15.24
CA ALA C 12 -11.06 -33.51 14.05
C ALA C 12 -10.72 -32.66 12.84
N SER C 13 -10.25 -33.30 11.76
CA SER C 13 -9.85 -32.55 10.57
C SER C 13 -9.84 -33.46 9.36
N ASP C 14 -9.92 -32.86 8.21
CA ASP C 14 -9.48 -33.51 6.98
C ASP C 14 -7.98 -33.55 6.76
N ALA C 15 -7.12 -33.70 7.73
CA ALA C 15 -5.78 -33.70 7.18
C ALA C 15 -5.45 -35.07 6.59
N LYS C 16 -4.38 -35.12 5.80
CA LYS C 16 -3.92 -36.34 5.13
C LYS C 16 -2.49 -36.57 5.48
N ALA C 17 -2.17 -37.81 5.78
CA ALA C 17 -0.80 -38.05 6.19
C ALA C 17 0.22 -37.80 5.05
N TYR C 18 -0.24 -37.55 3.80
CA TYR C 18 0.64 -37.47 2.62
C TYR C 18 0.87 -36.06 2.10
N GLU C 19 0.18 -35.08 2.64
CA GLU C 19 0.62 -33.71 2.46
C GLU C 19 1.83 -33.50 3.35
N LYS C 20 2.88 -32.85 2.85
CA LYS C 20 3.87 -32.34 3.77
C LYS C 20 3.62 -30.90 4.18
N GLU C 21 2.51 -30.31 3.74
CA GLU C 21 2.11 -29.06 4.33
C GLU C 21 1.96 -29.26 5.84
N VAL C 22 2.44 -28.28 6.61
CA VAL C 22 2.74 -28.55 8.02
C VAL C 22 1.47 -28.59 8.89
N HIS C 23 0.43 -27.85 8.53
CA HIS C 23 -0.84 -28.01 9.23
C HIS C 23 -1.37 -29.43 9.08
N ASN C 24 -1.19 -30.00 7.88
CA ASN C 24 -1.65 -31.36 7.62
C ASN C 24 -0.87 -32.36 8.47
N VAL C 25 0.46 -32.24 8.51
CA VAL C 25 1.28 -33.11 9.34
C VAL C 25 0.82 -33.05 10.80
N TRP C 26 0.74 -31.82 11.34
CA TRP C 26 0.35 -31.68 12.73
C TRP C 26 -1.00 -32.32 12.99
N ALA C 27 -1.99 -32.03 12.13
CA ALA C 27 -3.35 -32.51 12.39
C ALA C 27 -3.42 -34.02 12.31
N THR C 28 -2.71 -34.63 11.36
CA THR C 28 -2.75 -36.10 11.34
C THR C 28 -2.12 -36.70 12.59
N HIS C 29 -1.23 -35.96 13.29
CA HIS C 29 -0.81 -36.57 14.56
C HIS C 29 -1.72 -36.19 15.74
N ALA C 30 -2.37 -35.03 15.71
CA ALA C 30 -3.11 -34.55 16.88
C ALA C 30 -4.62 -34.71 16.79
N CYS C 31 -5.19 -34.87 15.60
CA CYS C 31 -6.63 -34.89 15.44
C CYS C 31 -7.11 -36.24 14.91
N VAL C 32 -8.40 -36.48 15.07
CA VAL C 32 -9.04 -37.68 14.53
C VAL C 32 -9.76 -37.27 13.25
N PRO C 33 -10.16 -38.20 12.39
CA PRO C 33 -10.89 -37.80 11.17
C PRO C 33 -12.28 -37.29 11.52
N THR C 34 -12.80 -36.40 10.66
CA THR C 34 -14.11 -35.80 10.88
C THR C 34 -15.22 -36.80 10.60
N ASP C 35 -16.33 -36.63 11.30
CA ASP C 35 -17.44 -37.55 11.07
C ASP C 35 -18.10 -37.13 9.76
N PRO C 36 -18.29 -38.03 8.79
CA PRO C 36 -18.77 -37.57 7.47
C PRO C 36 -20.15 -36.96 7.53
N ASN C 37 -21.06 -37.49 8.34
CA ASN C 37 -22.34 -36.84 8.64
C ASN C 37 -22.51 -36.60 10.13
N PRO C 38 -22.49 -35.35 10.57
CA PRO C 38 -22.58 -35.04 11.99
C PRO C 38 -24.01 -34.91 12.46
N GLN C 39 -24.21 -35.17 13.74
CA GLN C 39 -25.52 -35.10 14.37
C GLN C 39 -25.75 -33.71 14.92
N GLU C 40 -26.95 -33.17 14.74
CA GLU C 40 -27.21 -31.85 15.30
C GLU C 40 -28.65 -31.89 15.82
N MET C 41 -28.96 -31.25 16.94
CA MET C 41 -30.22 -31.60 17.61
C MET C 41 -30.86 -30.25 17.99
N VAL C 42 -31.86 -29.75 17.23
CA VAL C 42 -32.35 -28.39 17.51
C VAL C 42 -33.17 -28.42 18.83
N LEU C 43 -33.49 -27.23 19.36
CA LEU C 43 -34.20 -27.07 20.63
C LEU C 43 -34.67 -25.63 20.85
N ALA C 44 -35.64 -25.12 20.04
CA ALA C 44 -35.96 -23.68 19.98
C ALA C 44 -36.59 -23.10 21.25
N ASN C 45 -36.88 -23.91 22.28
CA ASN C 45 -37.49 -23.43 23.53
C ASN C 45 -36.47 -23.04 24.60
N VAL C 46 -35.27 -23.65 24.59
CA VAL C 46 -34.46 -23.81 25.81
C VAL C 46 -34.06 -22.46 26.41
N THR C 47 -33.52 -21.56 25.58
CA THR C 47 -32.92 -20.29 25.99
C THR C 47 -31.76 -20.52 26.95
N GLU C 48 -30.56 -20.12 26.53
CA GLU C 48 -29.30 -20.62 27.12
C GLU C 48 -28.33 -19.44 27.08
N ASN C 49 -27.49 -19.34 28.10
CA ASN C 49 -26.59 -18.18 28.23
C ASN C 49 -25.20 -18.52 27.70
N PHE C 50 -24.62 -17.64 26.87
CA PHE C 50 -23.26 -17.77 26.37
C PHE C 50 -22.44 -16.56 26.77
N ASN C 51 -21.11 -16.73 26.81
CA ASN C 51 -20.21 -15.59 26.93
C ASN C 51 -18.96 -15.91 26.11
N MET C 52 -18.84 -15.29 24.94
CA MET C 52 -17.72 -15.61 24.06
C MET C 52 -16.40 -15.14 24.65
N TRP C 53 -16.43 -14.20 25.59
CA TRP C 53 -15.23 -13.60 26.14
C TRP C 53 -14.65 -14.38 27.30
N LYS C 54 -15.35 -15.38 27.79
CA LYS C 54 -14.84 -16.23 28.81
C LYS C 54 -15.28 -17.65 28.43
N ASN C 55 -14.58 -18.24 27.47
CA ASN C 55 -14.95 -19.50 26.83
C ASN C 55 -13.73 -20.40 26.80
N ASP C 56 -13.78 -21.52 27.51
CA ASP C 56 -12.59 -22.33 27.64
C ASP C 56 -12.25 -23.08 26.33
N MET C 57 -13.19 -23.16 25.37
CA MET C 57 -12.81 -23.63 24.04
C MET C 57 -11.70 -22.78 23.42
N VAL C 58 -11.71 -21.47 23.67
CA VAL C 58 -10.69 -20.58 23.11
C VAL C 58 -9.31 -20.92 23.69
N GLU C 59 -9.24 -21.16 24.99
CA GLU C 59 -7.96 -21.48 25.61
C GLU C 59 -7.41 -22.79 25.06
N GLN C 60 -8.27 -23.80 24.91
CA GLN C 60 -7.78 -25.07 24.35
C GLN C 60 -7.31 -24.90 22.91
N MET C 61 -8.06 -24.17 22.07
CA MET C 61 -7.61 -23.93 20.71
C MET C 61 -6.26 -23.20 20.68
N HIS C 62 -6.13 -22.13 21.47
CA HIS C 62 -4.88 -21.37 21.55
C HIS C 62 -3.70 -22.29 21.86
N GLU C 63 -3.85 -23.17 22.87
CA GLU C 63 -2.83 -24.20 23.10
C GLU C 63 -2.52 -24.99 21.85
N ASP C 64 -3.55 -25.49 21.15
CA ASP C 64 -3.26 -26.34 20.00
C ASP C 64 -2.47 -25.58 18.95
N ILE C 65 -2.88 -24.34 18.63
CA ILE C 65 -2.20 -23.61 17.57
C ILE C 65 -0.77 -23.26 17.98
N ILE C 66 -0.54 -22.93 19.25
CA ILE C 66 0.85 -22.76 19.70
C ILE C 66 1.66 -24.01 19.42
N SER C 67 1.08 -25.16 19.69
CA SER C 67 1.79 -26.41 19.49
C SER C 67 2.07 -26.63 18.00
N LEU C 68 1.08 -26.33 17.17
CA LEU C 68 1.24 -26.50 15.74
C LEU C 68 2.39 -25.64 15.21
N TRP C 69 2.46 -24.37 15.64
CA TRP C 69 3.52 -23.50 15.15
C TRP C 69 4.89 -23.91 15.69
N ASP C 70 4.97 -24.37 16.95
CA ASP C 70 6.23 -24.95 17.45
C ASP C 70 6.71 -26.14 16.62
N GLU C 71 5.83 -27.11 16.35
CA GLU C 71 6.21 -28.20 15.46
C GLU C 71 6.62 -27.72 14.07
N SER C 72 5.93 -26.72 13.52
CA SER C 72 5.93 -26.43 12.09
C SER C 72 6.83 -25.28 11.65
N LEU C 73 6.68 -24.10 12.26
CA LEU C 73 7.48 -22.94 11.84
C LEU C 73 8.60 -22.69 12.83
N LYS C 74 9.58 -23.57 12.78
CA LYS C 74 10.68 -23.45 13.72
C LYS C 74 11.58 -22.28 13.34
N PRO C 75 11.90 -21.40 14.28
CA PRO C 75 12.79 -20.26 14.00
C PRO C 75 14.25 -20.66 14.11
N CYS C 76 15.10 -19.98 13.33
CA CYS C 76 16.53 -20.20 13.47
C CYS C 76 16.99 -19.85 14.87
N VAL C 77 16.56 -18.72 15.39
CA VAL C 77 16.89 -18.33 16.76
C VAL C 77 15.59 -17.91 17.44
N LYS C 78 15.47 -18.23 18.72
CA LYS C 78 14.35 -17.76 19.50
C LYS C 78 14.92 -17.15 20.77
N LEU C 79 14.64 -15.87 20.98
CA LEU C 79 15.02 -15.17 22.18
C LEU C 79 13.83 -15.06 23.11
N THR C 80 13.93 -15.66 24.29
CA THR C 80 12.89 -15.56 25.30
C THR C 80 13.57 -15.15 26.60
N GLY C 81 13.52 -13.86 26.91
CA GLY C 81 14.14 -13.37 28.11
C GLY C 81 15.65 -13.41 28.01
N GLY C 82 16.30 -14.19 28.88
CA GLY C 82 17.74 -14.28 28.84
C GLY C 82 18.17 -15.16 27.68
N SER C 83 17.42 -16.26 27.53
CA SER C 83 17.77 -17.39 26.70
C SER C 83 17.68 -17.09 25.21
N ALA C 84 18.54 -17.76 24.44
CA ALA C 84 18.46 -17.85 22.99
C ALA C 84 18.57 -19.31 22.58
N ILE C 85 17.60 -19.79 21.82
CA ILE C 85 17.55 -21.19 21.39
C ILE C 85 17.72 -21.21 19.87
N THR C 86 18.63 -22.06 19.39
CA THR C 86 18.90 -22.23 17.95
C THR C 86 18.51 -23.62 17.49
N GLN C 87 17.90 -23.67 16.30
CA GLN C 87 17.47 -24.91 15.65
C GLN C 87 17.49 -24.76 14.16
N ALA C 88 17.41 -25.89 13.47
CA ALA C 88 17.19 -25.88 12.04
C ALA C 88 15.90 -25.14 11.71
N CYS C 89 15.96 -24.23 10.74
CA CYS C 89 14.78 -23.46 10.30
C CYS C 89 14.58 -23.65 8.79
N PRO C 90 14.27 -24.87 8.36
CA PRO C 90 14.00 -25.10 6.94
C PRO C 90 12.82 -24.28 6.50
N LYS C 91 12.83 -23.89 5.23
CA LYS C 91 11.61 -23.42 4.58
C LYS C 91 10.61 -24.57 4.45
N VAL C 92 9.32 -24.29 4.61
CA VAL C 92 8.30 -25.35 4.63
C VAL C 92 7.13 -24.94 3.75
N SER C 93 6.25 -25.89 3.46
CA SER C 93 5.00 -25.51 2.82
C SER C 93 3.95 -25.28 3.91
N PHE C 94 3.25 -24.15 3.81
CA PHE C 94 2.45 -23.62 4.90
C PHE C 94 1.16 -23.05 4.34
N ASP C 95 0.01 -23.70 4.60
CA ASP C 95 -1.31 -23.22 4.21
C ASP C 95 -2.33 -23.73 5.23
N PRO C 96 -2.94 -22.87 6.05
CA PRO C 96 -3.79 -23.38 7.16
C PRO C 96 -4.97 -24.23 6.65
N ILE C 97 -5.32 -25.25 7.42
CA ILE C 97 -6.45 -26.12 7.11
C ILE C 97 -7.49 -25.95 8.21
N PRO C 98 -8.75 -26.34 7.99
CA PRO C 98 -9.75 -26.20 9.05
C PRO C 98 -9.67 -27.29 10.09
N LEU C 99 -10.02 -26.92 11.32
CA LEU C 99 -9.97 -27.80 12.48
C LEU C 99 -11.32 -27.75 13.18
N HIS C 100 -11.84 -28.91 13.55
CA HIS C 100 -13.10 -28.99 14.27
C HIS C 100 -12.80 -29.33 15.71
N TYR C 101 -13.49 -28.68 16.64
CA TYR C 101 -13.32 -28.99 18.06
C TYR C 101 -14.53 -29.78 18.55
N CYS C 102 -14.27 -30.93 19.15
CA CYS C 102 -15.32 -31.91 19.47
C CYS C 102 -15.37 -32.20 20.96
N ALA C 103 -16.61 -32.35 21.48
CA ALA C 103 -16.83 -32.69 22.87
C ALA C 103 -16.62 -34.19 23.08
N PRO C 104 -15.92 -34.58 24.15
CA PRO C 104 -15.69 -36.00 24.41
C PRO C 104 -16.97 -36.68 24.90
N ALA C 105 -16.89 -38.01 25.00
CA ALA C 105 -18.03 -38.83 25.42
C ALA C 105 -18.63 -38.37 26.75
N GLY C 106 -19.92 -38.07 26.74
CA GLY C 106 -20.61 -37.61 27.94
C GLY C 106 -20.75 -36.11 28.08
N PHE C 107 -20.13 -35.33 27.19
CA PHE C 107 -20.38 -33.92 27.08
C PHE C 107 -20.91 -33.62 25.69
N ALA C 108 -21.52 -32.46 25.58
CA ALA C 108 -21.99 -31.99 24.29
C ALA C 108 -21.57 -30.55 24.12
N ILE C 109 -21.63 -30.08 22.88
CA ILE C 109 -21.34 -28.69 22.55
C ILE C 109 -22.66 -28.04 22.18
N LEU C 110 -22.96 -26.90 22.78
CA LEU C 110 -24.20 -26.20 22.50
C LEU C 110 -23.92 -25.10 21.49
N LYS C 111 -24.73 -25.03 20.44
CA LYS C 111 -24.57 -24.01 19.42
C LYS C 111 -25.72 -23.03 19.49
N CYS C 112 -25.41 -21.74 19.49
CA CYS C 112 -26.46 -20.73 19.44
C CYS C 112 -26.81 -20.44 17.99
N ASN C 113 -28.09 -20.57 17.66
CA ASN C 113 -28.55 -20.45 16.27
C ASN C 113 -29.11 -19.08 15.91
N ASN C 114 -29.12 -18.11 16.83
CA ASN C 114 -29.61 -16.77 16.52
C ASN C 114 -28.60 -16.04 15.63
N LYS C 115 -29.03 -15.70 14.40
CA LYS C 115 -28.12 -15.12 13.39
C LYS C 115 -27.47 -13.82 13.84
N THR C 116 -28.06 -13.09 14.81
CA THR C 116 -27.57 -11.77 15.20
C THR C 116 -27.03 -11.73 16.62
N PHE C 117 -26.96 -12.90 17.28
CA PHE C 117 -26.34 -13.05 18.60
C PHE C 117 -24.96 -12.41 18.65
N ASN C 118 -24.78 -11.47 19.57
CA ASN C 118 -23.53 -10.72 19.61
C ASN C 118 -22.45 -11.44 20.42
N GLY C 119 -22.71 -12.66 20.88
CA GLY C 119 -21.74 -13.46 21.59
C GLY C 119 -21.91 -13.47 23.09
N THR C 120 -22.89 -12.72 23.59
CA THR C 120 -23.07 -12.41 25.00
C THR C 120 -24.54 -12.47 25.36
N GLY C 121 -24.82 -13.06 26.51
CA GLY C 121 -26.14 -13.01 27.08
C GLY C 121 -26.95 -14.24 26.72
N PRO C 122 -28.27 -14.15 26.84
CA PRO C 122 -29.13 -15.31 26.53
C PRO C 122 -29.47 -15.40 25.05
N CYS C 123 -29.68 -16.63 24.62
CA CYS C 123 -29.91 -16.97 23.22
C CYS C 123 -31.08 -17.96 23.12
N ARG C 124 -32.03 -17.70 22.21
CA ARG C 124 -33.28 -18.46 22.26
C ARG C 124 -33.16 -19.79 21.54
N ASN C 125 -32.71 -19.80 20.28
CA ASN C 125 -32.70 -21.02 19.47
C ASN C 125 -31.36 -21.72 19.71
N VAL C 126 -31.34 -22.85 20.41
CA VAL C 126 -30.08 -23.55 20.65
C VAL C 126 -30.10 -24.93 20.00
N SER C 127 -28.92 -25.55 19.89
CA SER C 127 -28.74 -26.89 19.33
C SER C 127 -27.68 -27.61 20.14
N THR C 128 -27.68 -28.94 20.08
CA THR C 128 -26.55 -29.70 20.57
C THR C 128 -25.87 -30.33 19.38
N VAL C 129 -24.54 -30.25 19.32
CA VAL C 129 -23.72 -30.82 18.26
C VAL C 129 -22.58 -31.54 18.95
N GLN C 130 -21.83 -32.34 18.18
CA GLN C 130 -20.63 -32.91 18.80
C GLN C 130 -19.34 -32.18 18.44
N CYS C 131 -19.32 -31.41 17.34
CA CYS C 131 -18.15 -30.64 16.99
C CYS C 131 -18.57 -29.27 16.49
N THR C 132 -17.66 -28.31 16.64
CA THR C 132 -17.80 -27.03 15.98
C THR C 132 -17.69 -27.22 14.48
N HIS C 133 -17.97 -26.14 13.74
CA HIS C 133 -17.61 -26.15 12.34
C HIS C 133 -16.09 -26.15 12.17
N GLY C 134 -15.63 -26.09 10.93
CA GLY C 134 -14.19 -26.15 10.68
C GLY C 134 -13.60 -24.75 10.75
N ILE C 135 -12.62 -24.53 11.62
CA ILE C 135 -12.07 -23.19 11.85
C ILE C 135 -10.63 -23.20 11.37
N LYS C 136 -10.29 -22.30 10.45
CA LYS C 136 -8.91 -22.21 9.96
C LYS C 136 -8.07 -21.38 10.92
N PRO C 137 -7.04 -21.93 11.54
CA PRO C 137 -6.29 -21.14 12.53
C PRO C 137 -5.38 -20.08 11.92
N VAL C 138 -5.94 -18.96 11.45
CA VAL C 138 -5.16 -17.96 10.73
C VAL C 138 -4.63 -16.89 11.70
N VAL C 139 -3.31 -16.73 11.73
CA VAL C 139 -2.65 -15.81 12.62
C VAL C 139 -2.48 -14.49 11.86
N SER C 140 -3.04 -13.41 12.38
CA SER C 140 -2.92 -12.09 11.75
C SER C 140 -3.37 -11.01 12.73
N THR C 141 -3.09 -9.76 12.39
CA THR C 141 -3.57 -8.60 13.15
C THR C 141 -4.37 -7.69 12.23
N GLN C 142 -5.10 -6.75 12.84
CA GLN C 142 -5.94 -5.74 12.16
C GLN C 142 -7.07 -6.38 11.35
N LEU C 143 -6.75 -7.18 10.34
CA LEU C 143 -7.75 -7.82 9.51
C LEU C 143 -7.82 -9.28 9.90
N LEU C 144 -9.05 -9.80 10.05
CA LEU C 144 -9.25 -11.23 10.25
C LEU C 144 -9.49 -11.85 8.87
N LEU C 145 -8.72 -12.87 8.53
CA LEU C 145 -8.70 -13.44 7.18
C LEU C 145 -9.30 -14.83 7.18
N ASN C 146 -10.05 -15.15 6.12
CA ASN C 146 -10.43 -16.51 5.83
C ASN C 146 -11.32 -17.09 6.94
N GLY C 147 -12.09 -16.27 7.60
CA GLY C 147 -13.07 -16.75 8.56
C GLY C 147 -14.39 -17.04 7.89
N SER C 148 -15.44 -17.07 8.69
CA SER C 148 -16.79 -17.31 8.19
C SER C 148 -17.68 -16.12 8.49
N LEU C 149 -18.38 -15.60 7.46
CA LEU C 149 -19.07 -14.33 7.62
C LEU C 149 -20.37 -14.48 8.41
N ALA C 150 -20.86 -13.35 8.91
CA ALA C 150 -22.15 -13.31 9.59
C ALA C 150 -23.29 -13.54 8.59
N GLU C 151 -24.32 -14.25 9.06
CA GLU C 151 -25.47 -14.62 8.24
C GLU C 151 -26.25 -13.41 7.72
N GLU C 152 -26.52 -12.46 8.61
CA GLU C 152 -27.49 -11.44 8.28
C GLU C 152 -26.74 -10.12 8.23
N GLU C 153 -26.77 -9.37 9.30
CA GLU C 153 -26.03 -8.14 9.42
C GLU C 153 -24.67 -8.30 10.08
N ILE C 154 -23.84 -7.28 9.79
CA ILE C 154 -22.60 -7.03 10.50
C ILE C 154 -22.90 -7.00 11.99
N ILE C 155 -22.24 -7.89 12.76
CA ILE C 155 -22.40 -7.93 14.22
C ILE C 155 -21.20 -7.21 14.84
N ILE C 156 -21.44 -6.48 15.91
CA ILE C 156 -20.37 -5.85 16.64
C ILE C 156 -20.22 -6.58 17.96
N ARG C 157 -19.02 -7.06 18.27
CA ARG C 157 -18.79 -7.82 19.49
C ARG C 157 -17.75 -7.14 20.35
N SER C 158 -18.04 -7.07 21.64
CA SER C 158 -17.06 -6.59 22.58
C SER C 158 -17.43 -7.13 23.94
N GLU C 159 -16.42 -7.44 24.74
CA GLU C 159 -16.66 -7.82 26.12
C GLU C 159 -17.36 -6.69 26.86
N ASN C 160 -17.13 -5.44 26.44
CA ASN C 160 -17.70 -4.23 27.05
C ASN C 160 -17.46 -2.99 26.18
N LEU C 161 -18.46 -2.54 25.40
CA LEU C 161 -18.20 -1.43 24.47
C LEU C 161 -17.88 -0.11 25.14
N THR C 162 -18.20 0.06 26.42
CA THR C 162 -17.89 1.33 27.08
C THR C 162 -16.43 1.40 27.50
N ASN C 163 -15.86 0.25 27.85
CA ASN C 163 -14.43 0.13 28.13
C ASN C 163 -13.63 0.20 26.83
N ASN C 164 -12.93 1.30 26.61
CA ASN C 164 -12.28 1.43 25.31
C ASN C 164 -10.98 0.65 25.22
N ALA C 165 -10.53 0.04 26.33
CA ALA C 165 -9.41 -0.89 26.32
C ALA C 165 -9.77 -2.27 25.78
N LYS C 166 -11.06 -2.57 25.61
CA LYS C 166 -11.52 -3.88 25.19
C LYS C 166 -11.55 -3.95 23.66
N THR C 167 -10.90 -4.98 23.09
CA THR C 167 -10.89 -5.15 21.64
C THR C 167 -12.32 -5.25 21.12
N ILE C 168 -12.59 -4.61 19.98
CA ILE C 168 -13.87 -4.76 19.27
C ILE C 168 -13.66 -5.73 18.10
N ILE C 169 -14.50 -6.75 18.00
CA ILE C 169 -14.50 -7.63 16.83
C ILE C 169 -15.68 -7.24 15.96
N VAL C 170 -15.40 -6.81 14.74
CA VAL C 170 -16.43 -6.54 13.74
C VAL C 170 -16.58 -7.80 12.89
N HIS C 171 -17.77 -8.39 12.89
CA HIS C 171 -18.05 -9.58 12.07
C HIS C 171 -18.75 -9.16 10.77
N LEU C 172 -17.98 -9.08 9.69
CA LEU C 172 -18.50 -8.75 8.37
C LEU C 172 -19.50 -9.79 7.84
N ASN C 173 -20.53 -9.33 7.10
CA ASN C 173 -21.45 -10.26 6.44
C ASN C 173 -21.13 -10.49 4.97
N GLU C 174 -20.30 -9.65 4.36
CA GLU C 174 -19.73 -9.84 3.04
C GLU C 174 -18.22 -9.62 3.07
N SER C 175 -17.47 -10.51 2.43
CA SER C 175 -16.02 -10.42 2.54
C SER C 175 -15.43 -9.48 1.49
N VAL C 176 -14.20 -9.04 1.76
CA VAL C 176 -13.47 -8.07 0.96
C VAL C 176 -12.13 -8.67 0.61
N ASN C 177 -11.77 -8.63 -0.67
CA ASN C 177 -10.64 -9.43 -1.12
C ASN C 177 -9.38 -8.63 -0.84
N ILE C 178 -8.32 -9.31 -0.41
CA ILE C 178 -7.00 -8.68 -0.28
C ILE C 178 -5.99 -9.62 -0.91
N VAL C 179 -5.14 -9.08 -1.78
CA VAL C 179 -4.19 -9.87 -2.54
C VAL C 179 -2.81 -9.32 -2.26
N CYS C 180 -1.92 -10.14 -1.71
CA CYS C 180 -0.59 -9.70 -1.33
C CYS C 180 0.45 -10.52 -2.08
N THR C 181 1.45 -9.83 -2.62
CA THR C 181 2.44 -10.47 -3.47
C THR C 181 3.81 -9.86 -3.24
N ARG C 182 4.83 -10.73 -3.20
CA ARG C 182 6.21 -10.33 -3.41
C ARG C 182 6.60 -10.80 -4.79
N PRO C 183 6.77 -9.88 -5.75
CA PRO C 183 6.97 -10.29 -7.14
C PRO C 183 8.31 -10.99 -7.32
N ASN C 184 8.41 -11.74 -8.42
CA ASN C 184 9.65 -12.48 -8.72
C ASN C 184 10.74 -11.49 -9.12
N ASN C 193 14.45 -4.61 -3.85
CA ASN C 193 14.41 -5.63 -2.80
C ASN C 193 13.70 -6.95 -2.99
N ILE C 194 14.36 -7.98 -2.41
CA ILE C 194 13.78 -9.27 -2.03
C ILE C 194 12.72 -9.11 -0.94
N ARG C 195 12.89 -8.12 -0.06
CA ARG C 195 11.93 -7.86 1.01
C ARG C 195 10.69 -7.09 0.59
N GLN C 196 10.60 -6.55 -0.62
CA GLN C 196 9.51 -5.60 -0.90
C GLN C 196 8.30 -6.35 -1.49
N ALA C 197 7.10 -5.99 -1.03
CA ALA C 197 5.85 -6.60 -1.49
C ALA C 197 4.73 -5.58 -1.37
N HIS C 198 3.56 -5.91 -1.94
CA HIS C 198 2.42 -5.02 -1.87
C HIS C 198 1.14 -5.84 -1.82
N CYS C 199 0.08 -5.23 -1.28
CA CYS C 199 -1.27 -5.78 -1.32
C CYS C 199 -2.22 -4.82 -2.05
N ASN C 200 -3.26 -5.38 -2.65
CA ASN C 200 -4.26 -4.59 -3.35
C ASN C 200 -5.65 -4.90 -2.82
N ILE C 201 -6.41 -3.84 -2.51
CA ILE C 201 -7.83 -3.98 -2.19
C ILE C 201 -8.63 -3.10 -3.14
N ASN C 202 -9.79 -3.59 -3.59
CA ASN C 202 -10.74 -2.79 -4.37
C ASN C 202 -11.20 -1.60 -3.52
N GLU C 203 -10.92 -0.36 -3.94
CA GLU C 203 -11.42 0.76 -3.15
C GLU C 203 -12.94 0.77 -3.09
N SER C 204 -13.63 0.27 -4.12
CA SER C 204 -15.08 0.30 -4.04
C SER C 204 -15.59 -0.60 -2.91
N LYS C 205 -15.11 -1.86 -2.86
CA LYS C 205 -15.65 -2.79 -1.87
C LYS C 205 -15.27 -2.34 -0.47
N TRP C 206 -14.07 -1.80 -0.33
CA TRP C 206 -13.64 -1.29 0.97
C TRP C 206 -14.55 -0.15 1.41
N ASN C 207 -14.78 0.82 0.52
CA ASN C 207 -15.71 1.94 0.77
C ASN C 207 -17.04 1.44 1.30
N ASN C 208 -17.62 0.51 0.56
CA ASN C 208 -18.93 0.00 0.89
C ASN C 208 -18.94 -0.60 2.30
N THR C 209 -18.00 -1.53 2.58
CA THR C 209 -18.03 -2.20 3.87
C THR C 209 -17.71 -1.22 5.00
N LEU C 210 -16.80 -0.27 4.77
CA LEU C 210 -16.55 0.65 5.86
C LEU C 210 -17.76 1.56 6.10
N GLN C 211 -18.58 1.84 5.08
CA GLN C 211 -19.82 2.53 5.37
C GLN C 211 -20.69 1.71 6.32
N LYS C 212 -21.05 0.49 5.89
CA LYS C 212 -21.92 -0.34 6.72
C LYS C 212 -21.36 -0.52 8.14
N VAL C 213 -20.04 -0.65 8.28
CA VAL C 213 -19.47 -0.77 9.62
C VAL C 213 -19.70 0.52 10.40
N GLY C 214 -19.52 1.67 9.76
CA GLY C 214 -19.88 2.93 10.39
C GLY C 214 -21.35 2.99 10.84
N GLU C 215 -22.26 2.42 10.04
CA GLU C 215 -23.65 2.42 10.47
C GLU C 215 -23.82 1.63 11.77
N GLU C 216 -23.27 0.40 11.83
CA GLU C 216 -23.48 -0.39 13.06
C GLU C 216 -22.82 0.28 14.26
N LEU C 217 -21.61 0.79 14.07
CA LEU C 217 -20.95 1.50 15.16
C LEU C 217 -21.80 2.69 15.59
N ALA C 218 -22.49 3.33 14.63
CA ALA C 218 -23.33 4.48 14.97
C ALA C 218 -24.50 4.07 15.86
N LYS C 219 -25.18 2.98 15.50
CA LYS C 219 -26.19 2.42 16.40
C LYS C 219 -25.66 2.32 17.82
N HIS C 220 -24.38 1.95 17.99
CA HIS C 220 -23.92 1.85 19.39
C HIS C 220 -23.37 3.16 19.98
N PHE C 221 -22.91 4.11 19.15
CA PHE C 221 -22.48 5.45 19.59
C PHE C 221 -23.22 6.50 18.76
N PRO C 222 -24.35 7.00 19.26
CA PRO C 222 -25.33 7.62 18.33
C PRO C 222 -25.18 9.12 18.08
N SER C 223 -24.71 9.88 19.07
CA SER C 223 -24.47 11.31 18.84
C SER C 223 -23.31 11.52 17.87
N LYS C 224 -22.28 10.68 17.95
CA LYS C 224 -20.93 11.02 17.54
C LYS C 224 -20.69 10.74 16.05
N THR C 225 -19.69 11.44 15.50
CA THR C 225 -19.08 11.11 14.21
C THR C 225 -18.14 9.91 14.39
N ILE C 226 -18.11 9.00 13.40
CA ILE C 226 -17.29 7.80 13.43
C ILE C 226 -16.09 7.99 12.46
N LYS C 227 -14.87 8.01 13.00
CA LYS C 227 -13.63 8.17 12.23
C LYS C 227 -12.81 6.87 12.24
N PHE C 228 -12.24 6.49 11.09
CA PHE C 228 -11.28 5.38 11.02
C PHE C 228 -9.87 5.94 10.76
N GLU C 229 -8.89 5.47 11.51
CA GLU C 229 -7.57 6.07 11.43
C GLU C 229 -6.50 5.01 11.67
N PRO C 230 -5.29 5.17 11.11
CA PRO C 230 -4.29 4.11 11.21
C PRO C 230 -3.91 3.86 12.65
N SER C 231 -3.39 2.67 12.90
CA SER C 231 -2.89 2.32 14.21
C SER C 231 -1.84 3.31 14.66
N SER C 232 -2.04 3.86 15.86
CA SER C 232 -1.12 4.82 16.47
C SER C 232 0.29 4.24 16.67
N GLY C 233 0.49 3.43 17.71
CA GLY C 233 1.84 2.95 17.96
C GLY C 233 1.87 1.52 18.46
N GLY C 234 3.10 1.01 18.56
CA GLY C 234 3.36 -0.33 19.07
C GLY C 234 4.33 -1.04 18.17
N ASP C 235 4.49 -2.34 18.45
CA ASP C 235 5.36 -3.15 17.61
C ASP C 235 4.84 -3.16 16.18
N LEU C 236 5.76 -3.33 15.23
CA LEU C 236 5.37 -3.40 13.82
C LEU C 236 4.26 -4.42 13.60
N GLU C 237 4.18 -5.46 14.43
CA GLU C 237 3.20 -6.52 14.20
C GLU C 237 1.77 -6.02 14.39
N ILE C 238 1.54 -5.02 15.26
CA ILE C 238 0.19 -4.51 15.48
C ILE C 238 -0.04 -3.17 14.79
N THR C 239 1.01 -2.43 14.44
CA THR C 239 0.81 -1.18 13.73
C THR C 239 0.71 -1.38 12.23
N THR C 240 1.07 -2.56 11.74
CA THR C 240 0.73 -2.93 10.38
C THR C 240 -0.17 -4.15 10.45
N HIS C 241 -0.71 -4.54 9.29
CA HIS C 241 -1.46 -5.77 9.17
C HIS C 241 -0.42 -6.85 8.90
N SER C 242 -0.10 -7.66 9.91
CA SER C 242 0.90 -8.71 9.73
C SER C 242 0.23 -10.06 9.66
N PHE C 243 0.84 -10.96 8.92
CA PHE C 243 0.27 -12.28 8.74
C PHE C 243 1.35 -13.15 8.12
N ASN C 244 1.16 -14.47 8.18
CA ASN C 244 2.09 -15.39 7.53
C ASN C 244 1.49 -15.86 6.23
N CYS C 245 2.30 -15.82 5.18
CA CYS C 245 1.86 -16.17 3.83
C CYS C 245 2.91 -17.12 3.29
N ARG C 246 2.56 -18.42 3.13
CA ARG C 246 3.51 -19.32 2.45
C ARG C 246 4.84 -19.41 3.18
N GLY C 247 4.79 -19.25 4.51
CA GLY C 247 5.97 -19.35 5.34
C GLY C 247 6.59 -18.02 5.69
N GLU C 248 6.40 -17.02 4.86
CA GLU C 248 7.07 -15.74 5.04
C GLU C 248 6.17 -14.79 5.82
N PHE C 249 6.78 -13.92 6.64
CA PHE C 249 6.04 -13.02 7.51
C PHE C 249 5.90 -11.66 6.84
N PHE C 250 4.69 -11.32 6.41
CA PHE C 250 4.43 -10.03 5.76
C PHE C 250 3.99 -8.99 6.76
N TYR C 251 4.42 -7.76 6.55
CA TYR C 251 4.00 -6.63 7.38
C TYR C 251 3.52 -5.53 6.42
N CYS C 252 2.20 -5.28 6.38
CA CYS C 252 1.63 -4.40 5.37
C CYS C 252 1.04 -3.13 6.00
N ASN C 253 1.41 -1.98 5.45
CA ASN C 253 1.04 -0.67 5.98
C ASN C 253 -0.44 -0.39 5.67
N THR C 254 -1.27 -0.19 6.70
CA THR C 254 -2.69 0.02 6.45
C THR C 254 -3.12 1.48 6.56
N SER C 255 -2.18 2.41 6.44
CA SER C 255 -2.44 3.82 6.64
C SER C 255 -3.42 4.40 5.62
N ASP C 256 -3.53 3.78 4.47
CA ASP C 256 -4.44 4.13 3.40
C ASP C 256 -5.70 3.31 3.40
N LEU C 257 -5.88 2.51 4.45
CA LEU C 257 -7.02 1.62 4.57
C LEU C 257 -7.90 2.01 5.74
N PHE C 258 -7.31 2.22 6.91
CA PHE C 258 -8.06 2.72 8.05
C PHE C 258 -7.84 4.23 8.07
N ASN C 259 -8.66 4.92 7.28
CA ASN C 259 -8.45 6.31 6.91
C ASN C 259 -9.70 6.84 6.21
N GLY C 260 -10.63 7.40 7.00
CA GLY C 260 -11.91 7.79 6.46
C GLY C 260 -12.90 8.22 7.53
N THR C 261 -13.96 8.95 7.12
CA THR C 261 -14.95 9.52 8.05
C THR C 261 -16.37 9.17 7.61
N TYR C 262 -17.20 8.88 8.62
CA TYR C 262 -18.61 8.52 8.48
C TYR C 262 -19.42 9.59 9.24
N ARG C 263 -19.95 10.61 8.55
CA ARG C 263 -20.46 11.83 9.19
C ARG C 263 -21.98 11.83 9.32
N ASN C 264 -22.71 11.81 8.19
CA ASN C 264 -24.16 12.03 8.22
C ASN C 264 -24.84 10.81 7.59
N GLY C 265 -24.67 9.65 8.19
CA GLY C 265 -25.11 8.46 7.49
C GLY C 265 -24.44 8.22 6.15
N THR C 266 -23.34 8.94 5.85
CA THR C 266 -22.50 8.73 4.67
C THR C 266 -21.03 8.55 5.08
N TYR C 267 -20.31 7.63 4.38
CA TYR C 267 -18.89 7.38 4.58
C TYR C 267 -18.03 8.02 3.47
N ASN C 268 -16.95 8.70 3.87
CA ASN C 268 -16.00 9.34 2.96
C ASN C 268 -14.61 8.74 3.16
N HIS C 269 -14.04 8.11 2.12
CA HIS C 269 -12.71 7.54 2.28
C HIS C 269 -11.62 8.60 2.04
N THR C 270 -10.75 8.75 3.04
CA THR C 270 -9.64 9.70 3.09
C THR C 270 -8.32 9.14 2.55
N GLY C 271 -8.14 7.81 2.54
CA GLY C 271 -6.88 7.24 2.11
C GLY C 271 -6.69 7.27 0.60
N ARG C 272 -5.43 7.21 0.18
CA ARG C 272 -5.11 7.38 -1.23
C ARG C 272 -5.33 6.08 -1.97
N SER C 273 -6.15 6.11 -2.98
CA SER C 273 -6.22 5.04 -3.95
C SER C 273 -5.66 5.53 -5.29
N SER C 274 -5.79 4.69 -6.31
CA SER C 274 -5.10 4.89 -7.59
C SER C 274 -5.66 3.86 -8.55
N ASN C 275 -6.49 4.31 -9.48
CA ASN C 275 -7.20 3.43 -10.39
C ASN C 275 -8.19 2.55 -9.64
N GLY C 276 -8.75 3.07 -8.55
CA GLY C 276 -9.78 2.35 -7.80
C GLY C 276 -9.28 1.14 -7.02
N THR C 277 -7.99 1.08 -6.68
CA THR C 277 -7.43 0.05 -5.82
C THR C 277 -6.53 0.73 -4.79
N ILE C 278 -6.69 0.36 -3.52
CA ILE C 278 -5.77 0.75 -2.46
C ILE C 278 -4.63 -0.22 -2.50
N THR C 279 -3.40 0.30 -2.52
CA THR C 279 -2.21 -0.55 -2.51
C THR C 279 -1.42 -0.34 -1.24
N LEU C 280 -1.36 -1.38 -0.40
CA LEU C 280 -0.54 -1.35 0.80
C LEU C 280 0.88 -1.76 0.46
N GLN C 281 1.87 -0.93 0.84
CA GLN C 281 3.27 -1.36 0.82
C GLN C 281 3.57 -2.33 1.96
N CYS C 282 4.31 -3.40 1.66
CA CYS C 282 4.69 -4.40 2.65
C CYS C 282 6.18 -4.68 2.62
N LYS C 283 6.68 -5.18 3.75
CA LYS C 283 8.02 -5.74 3.88
C LYS C 283 7.89 -7.17 4.42
N ILE C 284 8.72 -8.07 3.91
CA ILE C 284 8.89 -9.41 4.48
C ILE C 284 10.01 -9.33 5.49
N LYS C 285 9.77 -9.78 6.71
CA LYS C 285 10.73 -9.52 7.75
C LYS C 285 11.29 -10.81 8.32
N GLN C 286 12.50 -10.75 8.90
CA GLN C 286 13.09 -11.93 9.53
C GLN C 286 13.07 -11.90 11.06
N ILE C 287 13.06 -10.73 11.70
CA ILE C 287 12.97 -10.65 13.15
C ILE C 287 11.51 -10.40 13.53
N ILE C 288 10.91 -11.36 14.22
CA ILE C 288 9.47 -11.37 14.51
C ILE C 288 9.26 -11.28 16.02
N ASN C 289 8.37 -10.38 16.45
CA ASN C 289 7.82 -10.43 17.80
C ASN C 289 6.75 -11.51 17.89
N MET C 290 6.90 -12.45 18.80
CA MET C 290 6.10 -13.65 18.76
C MET C 290 4.71 -13.38 19.32
N TRP C 291 3.70 -14.08 18.76
CA TRP C 291 2.36 -13.97 19.29
C TRP C 291 2.12 -14.95 20.40
N GLN C 292 2.91 -16.03 20.46
CA GLN C 292 2.69 -17.09 21.45
C GLN C 292 3.09 -16.66 22.85
N GLU C 293 4.10 -15.81 22.97
CA GLU C 293 4.69 -15.40 24.23
C GLU C 293 5.52 -14.16 23.96
N VAL C 294 5.96 -13.54 25.05
CA VAL C 294 6.85 -12.39 24.92
C VAL C 294 8.23 -12.90 24.54
N GLY C 295 8.69 -12.55 23.35
CA GLY C 295 9.89 -13.16 22.81
C GLY C 295 10.04 -12.72 21.38
N ARG C 296 11.24 -12.95 20.85
CA ARG C 296 11.58 -12.64 19.47
C ARG C 296 12.01 -13.91 18.76
N ALA C 297 11.80 -13.95 17.44
CA ALA C 297 12.13 -15.14 16.65
C ALA C 297 12.81 -14.69 15.37
N ILE C 298 13.95 -15.30 15.02
CA ILE C 298 14.63 -14.96 13.77
C ILE C 298 14.49 -16.11 12.78
N TYR C 299 14.14 -15.77 11.53
CA TYR C 299 13.91 -16.72 10.45
C TYR C 299 14.87 -16.46 9.29
N ALA C 300 14.99 -17.45 8.41
CA ALA C 300 15.88 -17.34 7.27
C ALA C 300 15.34 -16.34 6.25
N PRO C 301 16.17 -15.84 5.35
CA PRO C 301 15.70 -14.86 4.33
C PRO C 301 14.65 -15.49 3.42
N PRO C 302 13.97 -14.69 2.61
CA PRO C 302 12.81 -15.24 1.87
C PRO C 302 13.23 -16.20 0.77
N ILE C 303 12.47 -17.29 0.64
CA ILE C 303 12.33 -18.06 -0.60
C ILE C 303 12.28 -17.22 -1.87
N GLU C 304 12.44 -17.90 -3.00
CA GLU C 304 12.65 -17.28 -4.30
C GLU C 304 11.37 -17.40 -5.13
N GLY C 305 11.24 -16.50 -6.11
CA GLY C 305 10.03 -16.47 -6.88
C GLY C 305 9.00 -15.53 -6.31
N GLU C 306 7.78 -15.64 -6.84
CA GLU C 306 6.59 -14.92 -6.41
C GLU C 306 5.89 -15.60 -5.24
N ILE C 307 5.77 -14.86 -4.12
CA ILE C 307 5.05 -15.28 -2.92
C ILE C 307 3.74 -14.50 -2.92
N THR C 308 2.62 -15.21 -3.10
CA THR C 308 1.32 -14.56 -3.20
C THR C 308 0.28 -15.25 -2.34
N CYS C 309 -0.51 -14.46 -1.61
CA CYS C 309 -1.68 -14.96 -0.90
C CYS C 309 -2.87 -14.15 -1.36
N ASN C 310 -3.97 -14.86 -1.62
CA ASN C 310 -5.22 -14.28 -2.03
C ASN C 310 -6.25 -14.62 -0.95
N SER C 311 -6.60 -13.64 -0.11
CA SER C 311 -7.34 -13.94 1.11
C SER C 311 -8.65 -13.17 1.13
N ASN C 312 -9.60 -13.63 1.95
CA ASN C 312 -10.83 -12.90 2.22
C ASN C 312 -10.73 -12.18 3.56
N ILE C 313 -10.81 -10.85 3.57
CA ILE C 313 -11.05 -10.13 4.82
C ILE C 313 -12.47 -10.43 5.28
N THR C 314 -12.66 -11.16 6.40
CA THR C 314 -14.01 -11.48 6.90
C THR C 314 -14.37 -10.83 8.24
N GLY C 315 -13.50 -10.01 8.81
CA GLY C 315 -13.78 -9.36 10.08
C GLY C 315 -12.68 -8.36 10.33
N LEU C 316 -12.89 -7.51 11.33
CA LEU C 316 -11.89 -6.54 11.71
C LEU C 316 -11.68 -6.59 13.21
N LEU C 317 -10.47 -6.26 13.64
CA LEU C 317 -10.16 -6.03 15.05
C LEU C 317 -9.92 -4.54 15.24
N LEU C 318 -10.76 -3.89 16.04
CA LEU C 318 -10.65 -2.45 16.24
C LEU C 318 -10.49 -2.08 17.72
N LEU C 319 -9.91 -0.90 17.93
CA LEU C 319 -9.79 -0.30 19.25
C LEU C 319 -10.25 1.14 19.15
N ARG C 320 -11.14 1.54 20.06
CA ARG C 320 -11.68 2.89 20.15
C ARG C 320 -10.80 3.76 21.02
N ASP C 321 -10.58 5.00 20.60
CA ASP C 321 -9.92 6.00 21.44
C ASP C 321 -10.83 6.32 22.64
N ASP C 330 -19.51 15.24 19.69
CA ASP C 330 -18.13 14.81 19.58
C ASP C 330 -17.92 13.65 18.62
N THR C 331 -16.73 13.04 18.68
CA THR C 331 -16.27 12.06 17.72
C THR C 331 -15.71 10.81 18.40
N GLU C 332 -16.03 9.65 17.83
CA GLU C 332 -15.45 8.37 18.19
C GLU C 332 -14.51 7.92 17.07
N THR C 333 -13.28 7.58 17.43
CA THR C 333 -12.23 7.21 16.48
C THR C 333 -11.82 5.77 16.70
N PHE C 334 -11.77 4.99 15.63
CA PHE C 334 -11.42 3.58 15.67
C PHE C 334 -10.16 3.33 14.87
N ARG C 335 -9.20 2.62 15.48
CA ARG C 335 -7.92 2.25 14.88
C ARG C 335 -7.83 0.74 14.79
N PRO C 336 -7.07 0.21 13.84
CA PRO C 336 -6.93 -1.25 13.76
C PRO C 336 -6.19 -1.73 14.97
N GLY C 337 -6.60 -2.89 15.49
CA GLY C 337 -5.97 -3.48 16.66
C GLY C 337 -5.42 -4.87 16.42
N GLY C 338 -5.25 -5.67 17.47
CA GLY C 338 -4.85 -7.04 17.37
C GLY C 338 -3.65 -7.32 18.25
N GLY C 339 -3.18 -8.56 18.17
CA GLY C 339 -1.97 -8.97 18.86
C GLY C 339 -2.17 -10.13 19.81
N ASP C 340 -3.40 -10.33 20.30
CA ASP C 340 -3.76 -11.42 21.18
C ASP C 340 -4.53 -12.41 20.31
N MET C 341 -3.87 -13.49 19.87
CA MET C 341 -4.54 -14.33 18.87
C MET C 341 -5.77 -15.06 19.43
N ARG C 342 -5.98 -15.05 20.75
CA ARG C 342 -7.22 -15.63 21.25
C ARG C 342 -8.44 -14.87 20.72
N ASP C 343 -8.30 -13.59 20.34
CA ASP C 343 -9.43 -12.90 19.74
C ASP C 343 -9.72 -13.45 18.36
N ASN C 344 -8.68 -13.81 17.62
CA ASN C 344 -8.92 -14.48 16.34
C ASN C 344 -9.75 -15.73 16.56
N TRP C 345 -9.36 -16.58 17.54
CA TRP C 345 -10.16 -17.79 17.79
C TRP C 345 -11.58 -17.45 18.29
N ARG C 346 -11.70 -16.45 19.17
CA ARG C 346 -13.03 -16.03 19.67
C ARG C 346 -13.98 -15.68 18.54
N SER C 347 -13.45 -15.02 17.50
CA SER C 347 -14.33 -14.54 16.45
C SER C 347 -15.05 -15.69 15.76
N GLU C 348 -14.54 -16.92 15.91
CA GLU C 348 -15.11 -18.14 15.36
C GLU C 348 -15.84 -19.00 16.38
N LEU C 349 -15.36 -19.04 17.64
CA LEU C 349 -15.89 -19.95 18.64
C LEU C 349 -17.04 -19.35 19.45
N TYR C 350 -17.50 -18.17 19.06
CA TYR C 350 -18.38 -17.38 19.93
C TYR C 350 -19.73 -18.04 20.16
N LYS C 351 -20.25 -18.77 19.17
CA LYS C 351 -21.57 -19.38 19.28
C LYS C 351 -21.54 -20.73 20.00
N TYR C 352 -20.42 -21.18 20.53
CA TYR C 352 -20.34 -22.52 21.08
C TYR C 352 -20.05 -22.48 22.57
N LYS C 353 -20.39 -23.57 23.24
CA LYS C 353 -20.32 -23.69 24.70
C LYS C 353 -20.33 -25.18 25.02
N VAL C 354 -19.39 -25.63 25.84
CA VAL C 354 -19.38 -27.05 26.21
C VAL C 354 -20.24 -27.25 27.46
N VAL C 355 -21.01 -28.34 27.51
CA VAL C 355 -21.92 -28.51 28.65
C VAL C 355 -21.88 -29.98 29.08
N GLU C 356 -22.04 -30.18 30.41
CA GLU C 356 -22.58 -31.41 31.06
C GLU C 356 -21.51 -32.43 31.44
N LYS D 6 9.30 -38.88 -25.27
CA LYS D 6 10.49 -39.31 -26.03
C LYS D 6 11.06 -40.60 -25.39
N THR D 7 10.70 -40.80 -24.12
CA THR D 7 11.13 -41.91 -23.28
C THR D 7 9.98 -42.22 -22.30
N THR D 8 10.15 -43.24 -21.47
CA THR D 8 9.13 -43.54 -20.46
C THR D 8 9.51 -42.92 -19.12
N LEU D 9 8.56 -42.17 -18.53
CA LEU D 9 8.80 -41.45 -17.28
C LEU D 9 8.37 -42.27 -16.07
N PHE D 10 8.77 -41.80 -14.89
CA PHE D 10 8.26 -42.41 -13.68
C PHE D 10 7.51 -41.35 -12.86
N CYS D 11 6.71 -41.82 -11.92
CA CYS D 11 5.98 -40.91 -11.04
C CYS D 11 6.60 -40.92 -9.64
N ALA D 12 6.48 -39.78 -8.97
CA ALA D 12 6.82 -39.63 -7.56
C ALA D 12 5.60 -39.07 -6.84
N SER D 13 5.48 -39.38 -5.55
CA SER D 13 4.32 -38.94 -4.79
C SER D 13 4.63 -38.96 -3.30
N ASP D 14 3.86 -38.21 -2.55
CA ASP D 14 3.72 -38.46 -1.13
C ASP D 14 2.80 -39.60 -0.75
N ALA D 15 2.71 -40.70 -1.44
CA ALA D 15 1.75 -41.59 -0.81
C ALA D 15 2.42 -42.31 0.36
N LYS D 16 1.59 -42.92 1.21
CA LYS D 16 2.02 -43.65 2.39
C LYS D 16 1.47 -45.04 2.35
N ALA D 17 2.32 -46.00 2.68
CA ALA D 17 1.80 -47.35 2.57
C ALA D 17 0.68 -47.66 3.57
N TYR D 18 0.38 -46.75 4.52
CA TYR D 18 -0.57 -47.00 5.64
C TYR D 18 -1.91 -46.32 5.49
N GLU D 19 -2.08 -45.47 4.49
CA GLU D 19 -3.42 -45.10 4.09
C GLU D 19 -4.01 -46.28 3.33
N LYS D 20 -5.27 -46.63 3.61
CA LYS D 20 -5.95 -47.52 2.67
C LYS D 20 -6.75 -46.76 1.64
N GLU D 21 -6.69 -45.43 1.63
CA GLU D 21 -7.21 -44.70 0.50
C GLU D 21 -6.51 -45.20 -0.77
N VAL D 22 -7.29 -45.38 -1.83
CA VAL D 22 -6.82 -46.24 -2.93
C VAL D 22 -5.79 -45.55 -3.82
N HIS D 23 -5.84 -44.22 -3.96
CA HIS D 23 -4.77 -43.51 -4.64
C HIS D 23 -3.44 -43.73 -3.92
N ASN D 24 -3.48 -43.73 -2.59
CA ASN D 24 -2.27 -43.94 -1.79
C ASN D 24 -1.71 -45.33 -2.01
N VAL D 25 -2.58 -46.36 -1.95
CA VAL D 25 -2.14 -47.72 -2.21
C VAL D 25 -1.47 -47.84 -3.58
N TRP D 26 -2.17 -47.36 -4.62
CA TRP D 26 -1.62 -47.47 -5.96
C TRP D 26 -0.27 -46.77 -6.04
N ALA D 27 -0.18 -45.54 -5.53
CA ALA D 27 1.06 -44.77 -5.70
C ALA D 27 2.21 -45.41 -4.94
N THR D 28 1.96 -45.96 -3.74
CA THR D 28 3.08 -46.62 -3.09
C THR D 28 3.53 -47.86 -3.85
N HIS D 29 2.68 -48.46 -4.69
CA HIS D 29 3.28 -49.53 -5.51
C HIS D 29 3.90 -49.02 -6.81
N ALA D 30 3.40 -47.92 -7.40
CA ALA D 30 3.82 -47.49 -8.72
C ALA D 30 4.81 -46.33 -8.74
N CYS D 31 4.89 -45.55 -7.67
CA CYS D 31 5.71 -44.34 -7.69
C CYS D 31 6.83 -44.43 -6.66
N VAL D 32 7.81 -43.56 -6.84
CA VAL D 32 8.92 -43.42 -5.90
C VAL D 32 8.64 -42.21 -5.02
N PRO D 33 9.31 -42.05 -3.89
CA PRO D 33 9.06 -40.85 -3.07
C PRO D 33 9.59 -39.60 -3.76
N THR D 34 8.96 -38.46 -3.46
CA THR D 34 9.35 -37.19 -4.07
C THR D 34 10.66 -36.68 -3.49
N ASP D 35 11.39 -35.95 -4.31
CA ASP D 35 12.66 -35.42 -3.82
C ASP D 35 12.32 -34.23 -2.92
N PRO D 36 12.81 -34.18 -1.68
CA PRO D 36 12.35 -33.12 -0.76
C PRO D 36 12.71 -31.73 -1.26
N ASN D 37 13.89 -31.54 -1.83
CA ASN D 37 14.23 -30.29 -2.53
C ASN D 37 14.62 -30.55 -3.98
N PRO D 38 13.80 -30.13 -4.92
CA PRO D 38 14.06 -30.40 -6.34
C PRO D 38 14.94 -29.34 -6.96
N GLN D 39 15.65 -29.75 -8.00
CA GLN D 39 16.56 -28.88 -8.74
C GLN D 39 15.81 -28.22 -9.89
N GLU D 40 16.05 -26.93 -10.09
CA GLU D 40 15.39 -26.27 -11.21
C GLU D 40 16.42 -25.32 -11.82
N MET D 41 16.47 -25.14 -13.14
CA MET D 41 17.67 -24.52 -13.71
C MET D 41 17.14 -23.50 -14.72
N VAL D 42 17.12 -22.19 -14.38
CA VAL D 42 16.49 -21.23 -15.30
C VAL D 42 17.38 -21.05 -16.56
N LEU D 43 16.83 -20.40 -17.59
CA LEU D 43 17.52 -20.18 -18.87
C LEU D 43 16.78 -19.18 -19.76
N ALA D 44 16.72 -17.88 -19.38
CA ALA D 44 15.81 -16.90 -20.01
C ALA D 44 16.13 -16.56 -21.48
N ASN D 45 17.23 -17.07 -22.05
CA ASN D 45 17.60 -16.78 -23.43
C ASN D 45 17.04 -17.78 -24.45
N VAL D 46 16.80 -19.05 -24.03
CA VAL D 46 16.82 -20.19 -24.94
C VAL D 46 15.76 -20.07 -26.03
N THR D 47 14.52 -19.78 -25.65
CA THR D 47 13.33 -19.78 -26.53
C THR D 47 13.13 -21.18 -27.14
N GLU D 48 11.99 -21.80 -26.81
CA GLU D 48 11.82 -23.24 -26.97
C GLU D 48 10.35 -23.45 -27.36
N ASN D 49 10.09 -24.43 -28.23
CA ASN D 49 8.74 -24.63 -28.75
C ASN D 49 8.03 -25.75 -27.97
N PHE D 50 6.77 -25.49 -27.57
CA PHE D 50 5.92 -26.48 -26.91
C PHE D 50 4.65 -26.68 -27.73
N ASN D 51 4.03 -27.85 -27.54
CA ASN D 51 2.67 -28.07 -28.06
C ASN D 51 1.93 -28.94 -27.06
N MET D 52 1.04 -28.33 -26.27
CA MET D 52 0.36 -29.09 -25.24
C MET D 52 -0.59 -30.14 -25.82
N TRP D 53 -0.99 -29.96 -27.08
CA TRP D 53 -1.98 -30.83 -27.69
C TRP D 53 -1.37 -32.08 -28.32
N LYS D 54 -0.06 -32.17 -28.37
CA LYS D 54 0.60 -33.35 -28.84
C LYS D 54 1.80 -33.54 -27.92
N ASN D 55 1.55 -34.07 -26.72
CA ASN D 55 2.51 -34.14 -25.62
C ASN D 55 2.45 -35.56 -25.06
N ASP D 56 3.56 -36.30 -25.19
CA ASP D 56 3.50 -37.69 -24.81
C ASP D 56 3.48 -37.88 -23.27
N MET D 57 3.78 -36.82 -22.50
CA MET D 57 3.51 -36.89 -21.06
C MET D 57 2.02 -37.16 -20.77
N VAL D 58 1.12 -36.62 -21.59
CA VAL D 58 -0.32 -36.81 -21.37
C VAL D 58 -0.69 -38.28 -21.58
N GLU D 59 -0.14 -38.91 -22.62
CA GLU D 59 -0.46 -40.31 -22.88
C GLU D 59 0.03 -41.20 -21.74
N GLN D 60 1.25 -40.93 -21.25
CA GLN D 60 1.73 -41.76 -20.13
C GLN D 60 0.89 -41.55 -18.88
N MET D 61 0.53 -40.30 -18.55
CA MET D 61 -0.33 -40.09 -17.39
C MET D 61 -1.69 -40.80 -17.55
N HIS D 62 -2.31 -40.66 -18.72
CA HIS D 62 -3.59 -41.32 -18.98
C HIS D 62 -3.50 -42.83 -18.72
N GLU D 63 -2.45 -43.48 -19.25
CA GLU D 63 -2.19 -44.88 -18.87
C GLU D 63 -2.16 -45.08 -17.36
N ASP D 64 -1.41 -44.25 -16.63
CA ASP D 64 -1.29 -44.50 -15.21
C ASP D 64 -2.64 -44.39 -14.53
N ILE D 65 -3.43 -43.36 -14.85
CA ILE D 65 -4.71 -43.19 -14.16
C ILE D 65 -5.69 -44.30 -14.52
N ILE D 66 -5.67 -44.78 -15.77
CA ILE D 66 -6.47 -45.97 -16.09
C ILE D 66 -6.09 -47.13 -15.19
N SER D 67 -4.79 -47.31 -14.98
CA SER D 67 -4.34 -48.42 -14.16
C SER D 67 -4.80 -48.23 -12.72
N LEU D 68 -4.69 -47.00 -12.21
CA LEU D 68 -5.11 -46.72 -10.86
C LEU D 68 -6.59 -47.04 -10.65
N TRP D 69 -7.45 -46.62 -11.60
CA TRP D 69 -8.88 -46.89 -11.43
C TRP D 69 -9.20 -48.38 -11.56
N ASP D 70 -8.52 -49.11 -12.48
CA ASP D 70 -8.66 -50.57 -12.52
C ASP D 70 -8.30 -51.25 -11.20
N GLU D 71 -7.14 -50.92 -10.62
CA GLU D 71 -6.81 -51.44 -9.29
C GLU D 71 -7.85 -51.05 -8.23
N SER D 72 -8.37 -49.83 -8.28
CA SER D 72 -9.02 -49.19 -7.13
C SER D 72 -10.55 -49.21 -7.17
N LEU D 73 -11.17 -48.73 -8.25
CA LEU D 73 -12.63 -48.67 -8.31
C LEU D 73 -13.16 -49.78 -9.19
N LYS D 74 -13.09 -50.98 -8.64
CA LYS D 74 -13.53 -52.13 -9.39
C LYS D 74 -15.05 -52.15 -9.48
N PRO D 75 -15.62 -52.32 -10.67
CA PRO D 75 -17.08 -52.39 -10.84
C PRO D 75 -17.59 -53.79 -10.59
N CYS D 76 -18.84 -53.87 -10.12
CA CYS D 76 -19.46 -55.19 -9.98
C CYS D 76 -19.57 -55.87 -11.33
N VAL D 77 -20.01 -55.15 -12.34
CA VAL D 77 -20.07 -55.70 -13.70
C VAL D 77 -19.42 -54.70 -14.64
N LYS D 78 -18.71 -55.19 -15.64
CA LYS D 78 -18.17 -54.34 -16.67
C LYS D 78 -18.57 -54.93 -18.00
N LEU D 79 -19.30 -54.16 -18.79
CA LEU D 79 -19.68 -54.55 -20.13
C LEU D 79 -18.78 -53.87 -21.13
N THR D 80 -18.03 -54.65 -21.89
CA THR D 80 -17.18 -54.10 -22.96
C THR D 80 -17.48 -54.90 -24.21
N GLY D 81 -18.32 -54.34 -25.07
CA GLY D 81 -18.69 -55.04 -26.28
C GLY D 81 -19.57 -56.23 -26.02
N GLY D 82 -19.09 -57.42 -26.36
CA GLY D 82 -19.89 -58.61 -26.13
C GLY D 82 -19.83 -58.98 -24.67
N SER D 83 -18.61 -58.86 -24.13
CA SER D 83 -18.22 -59.40 -22.83
C SER D 83 -18.86 -58.67 -21.65
N ALA D 84 -19.09 -59.42 -20.58
CA ALA D 84 -19.43 -58.89 -19.26
C ALA D 84 -18.52 -59.54 -18.24
N ILE D 85 -17.82 -58.73 -17.44
CA ILE D 85 -16.88 -59.22 -16.44
C ILE D 85 -17.43 -58.84 -15.06
N THR D 86 -17.47 -59.81 -14.15
CA THR D 86 -17.94 -59.63 -12.78
C THR D 86 -16.82 -59.81 -11.78
N GLN D 87 -16.79 -58.94 -10.77
CA GLN D 87 -15.80 -58.97 -9.69
C GLN D 87 -16.39 -58.40 -8.43
N ALA D 88 -15.70 -58.64 -7.33
CA ALA D 88 -16.03 -57.96 -6.08
C ALA D 88 -15.93 -56.46 -6.27
N CYS D 89 -16.95 -55.72 -5.81
CA CYS D 89 -16.97 -54.25 -5.90
C CYS D 89 -17.19 -53.66 -4.50
N PRO D 90 -16.21 -53.86 -3.60
CA PRO D 90 -16.32 -53.26 -2.27
C PRO D 90 -16.38 -51.76 -2.38
N LYS D 91 -17.07 -51.13 -1.43
CA LYS D 91 -16.91 -49.71 -1.20
C LYS D 91 -15.51 -49.41 -0.67
N VAL D 92 -14.91 -48.30 -1.09
CA VAL D 92 -13.52 -48.00 -0.74
C VAL D 92 -13.42 -46.55 -0.28
N SER D 93 -12.27 -46.20 0.31
CA SER D 93 -12.03 -44.79 0.57
C SER D 93 -11.26 -44.21 -0.61
N PHE D 94 -11.73 -43.08 -1.12
CA PHE D 94 -11.32 -42.55 -2.41
C PHE D 94 -11.16 -41.04 -2.32
N ASP D 95 -9.92 -40.53 -2.38
CA ASP D 95 -9.64 -39.09 -2.40
C ASP D 95 -8.34 -38.88 -3.18
N PRO D 96 -8.37 -38.25 -4.37
CA PRO D 96 -7.15 -38.20 -5.21
C PRO D 96 -6.00 -37.48 -4.51
N ILE D 97 -4.79 -37.95 -4.78
CA ILE D 97 -3.56 -37.35 -4.23
C ILE D 97 -2.75 -36.82 -5.40
N PRO D 98 -1.78 -35.93 -5.17
CA PRO D 98 -0.98 -35.41 -6.29
C PRO D 98 0.12 -36.37 -6.70
N LEU D 99 0.42 -36.33 -8.00
CA LEU D 99 1.42 -37.20 -8.63
C LEU D 99 2.37 -36.34 -9.42
N HIS D 100 3.67 -36.61 -9.28
CA HIS D 100 4.68 -35.87 -10.02
C HIS D 100 5.20 -36.79 -11.12
N TYR D 101 5.41 -36.24 -12.32
CA TYR D 101 5.98 -37.02 -13.41
C TYR D 101 7.43 -36.59 -13.62
N CYS D 102 8.34 -37.56 -13.60
CA CYS D 102 9.77 -37.31 -13.56
C CYS D 102 10.47 -37.92 -14.76
N ALA D 103 11.47 -37.18 -15.28
CA ALA D 103 12.30 -37.65 -16.39
C ALA D 103 13.36 -38.61 -15.88
N PRO D 104 13.58 -39.73 -16.59
CA PRO D 104 14.59 -40.69 -16.13
C PRO D 104 15.99 -40.17 -16.42
N ALA D 105 16.99 -40.91 -15.90
CA ALA D 105 18.39 -40.52 -16.02
C ALA D 105 18.79 -40.29 -17.48
N GLY D 106 19.33 -39.09 -17.76
CA GLY D 106 19.76 -38.73 -19.09
C GLY D 106 18.76 -37.94 -19.91
N PHE D 107 17.54 -37.76 -19.40
CA PHE D 107 16.58 -36.84 -19.96
C PHE D 107 16.24 -35.79 -18.94
N ALA D 108 15.68 -34.69 -19.42
CA ALA D 108 15.21 -33.65 -18.54
C ALA D 108 13.83 -33.23 -18.99
N ILE D 109 13.12 -32.53 -18.12
CA ILE D 109 11.81 -31.97 -18.41
C ILE D 109 11.99 -30.47 -18.52
N LEU D 110 11.50 -29.88 -19.61
CA LEU D 110 11.61 -28.45 -19.81
C LEU D 110 10.31 -27.80 -19.37
N LYS D 111 10.40 -26.74 -18.57
CA LYS D 111 9.23 -26.03 -18.09
C LYS D 111 9.18 -24.65 -18.73
N CYS D 112 8.04 -24.28 -19.28
CA CYS D 112 7.87 -22.93 -19.80
C CYS D 112 7.42 -22.02 -18.69
N ASN D 113 8.16 -20.92 -18.47
CA ASN D 113 7.91 -20.02 -17.35
C ASN D 113 7.09 -18.78 -17.71
N ASN D 114 6.66 -18.63 -18.96
CA ASN D 114 5.84 -17.48 -19.35
C ASN D 114 4.43 -17.63 -18.78
N LYS D 115 4.04 -16.70 -17.89
CA LYS D 115 2.76 -16.79 -17.15
C LYS D 115 1.55 -16.84 -18.06
N THR D 116 1.64 -16.35 -19.31
CA THR D 116 0.49 -16.25 -20.20
C THR D 116 0.58 -17.15 -21.41
N PHE D 117 1.61 -17.99 -21.47
CA PHE D 117 1.78 -19.02 -22.49
C PHE D 117 0.52 -19.84 -22.68
N ASN D 118 -0.03 -19.85 -23.90
CA ASN D 118 -1.30 -20.52 -24.13
C ASN D 118 -1.14 -22.02 -24.40
N GLY D 119 0.08 -22.55 -24.30
CA GLY D 119 0.32 -23.97 -24.46
C GLY D 119 0.88 -24.35 -25.81
N THR D 120 1.05 -23.37 -26.69
CA THR D 120 1.36 -23.56 -28.09
C THR D 120 2.37 -22.52 -28.56
N GLY D 121 3.34 -22.99 -29.34
CA GLY D 121 4.25 -22.10 -30.01
C GLY D 121 5.54 -21.93 -29.24
N PRO D 122 6.28 -20.85 -29.51
CA PRO D 122 7.55 -20.63 -28.82
C PRO D 122 7.36 -19.87 -27.51
N CYS D 123 8.27 -20.16 -26.59
CA CYS D 123 8.23 -19.65 -25.22
C CYS D 123 9.63 -19.16 -24.83
N ARG D 124 9.71 -17.95 -24.24
CA ARG D 124 11.02 -17.33 -24.08
C ARG D 124 11.73 -17.83 -22.84
N ASN D 125 11.08 -17.75 -21.66
CA ASN D 125 11.76 -18.07 -20.39
C ASN D 125 11.56 -19.57 -20.14
N VAL D 126 12.62 -20.38 -20.26
CA VAL D 126 12.48 -21.81 -20.01
C VAL D 126 13.33 -22.23 -18.81
N SER D 127 13.07 -23.44 -18.31
CA SER D 127 13.80 -24.04 -17.18
C SER D 127 13.97 -25.52 -17.46
N THR D 128 14.95 -26.14 -16.81
CA THR D 128 15.01 -27.59 -16.79
C THR D 128 14.72 -28.03 -15.36
N VAL D 129 13.86 -29.03 -15.20
CA VAL D 129 13.50 -29.60 -13.92
C VAL D 129 13.58 -31.12 -14.07
N GLN D 130 13.49 -31.83 -12.95
CA GLN D 130 13.42 -33.28 -13.11
C GLN D 130 12.01 -33.85 -12.99
N CYS D 131 11.08 -33.11 -12.35
CA CYS D 131 9.70 -33.56 -12.25
C CYS D 131 8.77 -32.39 -12.47
N THR D 132 7.57 -32.71 -12.94
CA THR D 132 6.48 -31.75 -12.95
C THR D 132 6.09 -31.40 -11.52
N HIS D 133 5.22 -30.42 -11.37
CA HIS D 133 4.59 -30.21 -10.08
C HIS D 133 3.65 -31.38 -9.78
N GLY D 134 2.95 -31.28 -8.65
CA GLY D 134 2.09 -32.39 -8.24
C GLY D 134 0.72 -32.21 -8.86
N ILE D 135 0.23 -33.20 -9.63
CA ILE D 135 -1.01 -33.07 -10.37
C ILE D 135 -1.99 -34.07 -9.79
N LYS D 136 -3.16 -33.59 -9.33
CA LYS D 136 -4.18 -34.49 -8.79
C LYS D 136 -5.01 -35.09 -9.92
N PRO D 137 -5.00 -36.40 -10.11
CA PRO D 137 -5.72 -36.97 -11.25
C PRO D 137 -7.24 -36.97 -11.09
N VAL D 138 -7.90 -35.82 -11.25
CA VAL D 138 -9.33 -35.70 -10.97
C VAL D 138 -10.14 -35.96 -12.25
N VAL D 139 -11.02 -36.96 -12.20
CA VAL D 139 -11.83 -37.34 -13.34
C VAL D 139 -13.15 -36.58 -13.23
N SER D 140 -13.48 -35.78 -14.24
CA SER D 140 -14.73 -35.03 -14.26
C SER D 140 -14.97 -34.49 -15.67
N THR D 141 -16.18 -33.99 -15.89
CA THR D 141 -16.54 -33.30 -17.15
C THR D 141 -17.04 -31.90 -16.83
N GLN D 142 -17.13 -31.06 -17.88
CA GLN D 142 -17.60 -29.68 -17.82
C GLN D 142 -16.72 -28.79 -16.94
N LEU D 143 -16.62 -29.10 -15.65
CA LEU D 143 -15.80 -28.31 -14.74
C LEU D 143 -14.55 -29.08 -14.43
N LEU D 144 -13.39 -28.41 -14.47
CA LEU D 144 -12.14 -29.01 -14.02
C LEU D 144 -11.96 -28.63 -12.55
N LEU D 145 -11.74 -29.63 -11.70
CA LEU D 145 -11.75 -29.44 -10.26
C LEU D 145 -10.36 -29.63 -9.69
N ASN D 146 -10.01 -28.83 -8.69
CA ASN D 146 -8.84 -29.07 -7.86
C ASN D 146 -7.55 -29.02 -8.68
N GLY D 147 -7.52 -28.24 -9.73
CA GLY D 147 -6.29 -28.01 -10.47
C GLY D 147 -5.50 -26.85 -9.89
N SER D 148 -4.62 -26.31 -10.70
CA SER D 148 -3.81 -25.17 -10.30
C SER D 148 -4.09 -23.98 -11.21
N LEU D 149 -4.38 -22.81 -10.60
CA LEU D 149 -4.89 -21.69 -11.38
C LEU D 149 -3.77 -20.99 -12.17
N ALA D 150 -4.18 -20.23 -13.18
CA ALA D 150 -3.25 -19.40 -13.94
C ALA D 150 -2.72 -18.26 -13.07
N GLU D 151 -1.44 -17.93 -13.28
CA GLU D 151 -0.74 -16.90 -12.51
C GLU D 151 -1.35 -15.51 -12.69
N GLU D 152 -1.64 -15.14 -13.93
CA GLU D 152 -1.94 -13.75 -14.21
C GLU D 152 -3.38 -13.70 -14.68
N GLU D 153 -3.60 -13.69 -15.96
CA GLU D 153 -4.92 -13.73 -16.54
C GLU D 153 -5.39 -15.12 -16.91
N ILE D 154 -6.73 -15.20 -17.01
CA ILE D 154 -7.43 -16.32 -17.62
C ILE D 154 -6.81 -16.58 -18.98
N ILE D 155 -6.30 -17.80 -19.19
CA ILE D 155 -5.72 -18.21 -20.49
C ILE D 155 -6.76 -19.04 -21.21
N ILE D 156 -6.85 -18.87 -22.53
CA ILE D 156 -7.72 -19.68 -23.35
C ILE D 156 -6.84 -20.60 -24.17
N ARG D 157 -7.10 -21.91 -24.09
CA ARG D 157 -6.28 -22.88 -24.81
C ARG D 157 -7.14 -23.68 -25.76
N SER D 158 -6.63 -23.86 -26.97
CA SER D 158 -7.26 -24.74 -27.90
C SER D 158 -6.22 -25.18 -28.91
N GLU D 159 -6.33 -26.43 -29.35
CA GLU D 159 -5.49 -26.88 -30.44
C GLU D 159 -5.69 -26.03 -31.68
N ASN D 160 -6.91 -25.47 -31.86
CA ASN D 160 -7.29 -24.63 -33.00
C ASN D 160 -8.63 -23.93 -32.76
N LEU D 161 -8.62 -22.63 -32.39
CA LEU D 161 -9.89 -21.99 -32.02
C LEU D 161 -10.86 -21.84 -33.18
N THR D 162 -10.40 -21.94 -34.43
CA THR D 162 -11.34 -21.81 -35.54
C THR D 162 -12.11 -23.09 -35.78
N ASN D 163 -11.48 -24.23 -35.52
CA ASN D 163 -12.14 -25.53 -35.56
C ASN D 163 -13.06 -25.69 -34.35
N ASN D 164 -14.37 -25.64 -34.56
CA ASN D 164 -15.24 -25.65 -33.40
C ASN D 164 -15.43 -27.05 -32.83
N ALA D 165 -14.90 -28.08 -33.49
CA ALA D 165 -14.86 -29.43 -32.93
C ALA D 165 -13.79 -29.62 -31.88
N LYS D 166 -12.86 -28.67 -31.74
CA LYS D 166 -11.73 -28.79 -30.82
C LYS D 166 -12.14 -28.28 -29.43
N THR D 167 -11.92 -29.09 -28.41
CA THR D 167 -12.24 -28.68 -27.04
C THR D 167 -11.49 -27.41 -26.69
N ILE D 168 -12.17 -26.48 -26.00
CA ILE D 168 -11.52 -25.29 -25.44
C ILE D 168 -11.29 -25.52 -23.96
N ILE D 169 -10.04 -25.31 -23.49
CA ILE D 169 -9.75 -25.32 -22.06
C ILE D 169 -9.63 -23.88 -21.59
N VAL D 170 -10.49 -23.47 -20.67
CA VAL D 170 -10.40 -22.17 -20.03
C VAL D 170 -9.63 -22.37 -18.72
N HIS D 171 -8.49 -21.70 -18.58
CA HIS D 171 -7.69 -21.75 -17.36
C HIS D 171 -7.99 -20.55 -16.47
N LEU D 172 -8.83 -20.75 -15.46
CA LEU D 172 -9.18 -19.71 -14.50
C LEU D 172 -7.98 -19.23 -13.68
N ASN D 173 -7.96 -17.92 -13.34
CA ASN D 173 -6.92 -17.40 -12.44
C ASN D 173 -7.39 -17.26 -11.00
N GLU D 174 -8.69 -17.32 -10.74
CA GLU D 174 -9.29 -17.41 -9.41
C GLU D 174 -10.33 -18.53 -9.38
N SER D 175 -10.30 -19.34 -8.33
CA SER D 175 -11.17 -20.50 -8.31
C SER D 175 -12.54 -20.15 -7.74
N VAL D 176 -13.51 -21.02 -8.04
CA VAL D 176 -14.93 -20.86 -7.68
C VAL D 176 -15.36 -22.11 -6.95
N ASN D 177 -15.98 -21.94 -5.80
CA ASN D 177 -16.19 -23.08 -4.91
C ASN D 177 -17.45 -23.80 -5.38
N ILE D 178 -17.41 -25.13 -5.34
CA ILE D 178 -18.62 -25.93 -5.59
C ILE D 178 -18.69 -26.98 -4.49
N VAL D 179 -19.86 -27.10 -3.87
CA VAL D 179 -20.07 -27.99 -2.74
C VAL D 179 -21.20 -28.93 -3.08
N CYS D 180 -20.92 -30.22 -3.10
CA CYS D 180 -21.91 -31.22 -3.49
C CYS D 180 -22.14 -32.19 -2.34
N THR D 181 -23.41 -32.47 -2.06
CA THR D 181 -23.77 -33.29 -0.92
C THR D 181 -24.95 -34.18 -1.24
N ARG D 182 -24.88 -35.43 -0.77
CA ARG D 182 -26.06 -36.27 -0.61
C ARG D 182 -26.37 -36.33 0.87
N PRO D 183 -27.43 -35.69 1.32
CA PRO D 183 -27.68 -35.57 2.76
C PRO D 183 -27.98 -36.92 3.39
N ASN D 184 -27.83 -36.99 4.71
CA ASN D 184 -28.08 -38.24 5.44
C ASN D 184 -29.59 -38.50 5.47
N ASN D 193 -35.30 -39.98 -1.88
CA ASN D 193 -34.19 -40.80 -2.36
C ASN D 193 -32.83 -40.82 -1.66
N ILE D 194 -32.28 -42.03 -1.65
CA ILE D 194 -30.85 -42.32 -1.47
C ILE D 194 -30.01 -41.77 -2.62
N ARG D 195 -30.58 -41.74 -3.83
CA ARG D 195 -29.88 -41.21 -5.00
C ARG D 195 -29.86 -39.69 -5.12
N GLN D 196 -30.59 -38.93 -4.29
CA GLN D 196 -30.76 -37.51 -4.59
C GLN D 196 -29.68 -36.70 -3.87
N ALA D 197 -29.10 -35.72 -4.57
CA ALA D 197 -28.06 -34.85 -4.03
C ALA D 197 -28.13 -33.49 -4.72
N HIS D 198 -27.38 -32.52 -4.19
CA HIS D 198 -27.35 -31.19 -4.79
C HIS D 198 -25.97 -30.58 -4.59
N CYS D 199 -25.64 -29.62 -5.46
CA CYS D 199 -24.46 -28.78 -5.35
C CYS D 199 -24.86 -27.31 -5.23
N ASN D 200 -24.00 -26.53 -4.56
CA ASN D 200 -24.23 -25.10 -4.40
C ASN D 200 -23.02 -24.31 -4.89
N ILE D 201 -23.28 -23.30 -5.72
CA ILE D 201 -22.24 -22.34 -6.10
C ILE D 201 -22.73 -20.94 -5.74
N ASN D 202 -21.83 -20.08 -5.25
CA ASN D 202 -22.11 -18.67 -5.03
C ASN D 202 -22.48 -18.01 -6.37
N GLU D 203 -23.71 -17.50 -6.52
CA GLU D 203 -24.02 -16.82 -7.78
C GLU D 203 -23.11 -15.61 -8.01
N SER D 204 -22.65 -14.95 -6.96
CA SER D 204 -21.79 -13.79 -7.19
C SER D 204 -20.48 -14.21 -7.85
N LYS D 205 -19.80 -15.23 -7.28
CA LYS D 205 -18.48 -15.58 -7.79
C LYS D 205 -18.60 -16.16 -9.19
N TRP D 206 -19.67 -16.91 -9.43
CA TRP D 206 -19.89 -17.45 -10.76
C TRP D 206 -20.10 -16.33 -11.77
N ASN D 207 -20.97 -15.36 -11.44
CA ASN D 207 -21.18 -14.17 -12.26
C ASN D 207 -19.87 -13.51 -12.65
N ASN D 208 -19.05 -13.24 -11.64
CA ASN D 208 -17.80 -12.55 -11.86
C ASN D 208 -16.92 -13.32 -12.84
N THR D 209 -16.69 -14.62 -12.56
CA THR D 209 -15.77 -15.36 -13.41
C THR D 209 -16.34 -15.55 -14.81
N LEU D 210 -17.65 -15.74 -14.94
CA LEU D 210 -18.15 -15.87 -16.30
C LEU D 210 -18.06 -14.55 -17.06
N GLN D 211 -18.11 -13.39 -16.36
CA GLN D 211 -17.81 -12.15 -17.06
C GLN D 211 -16.39 -12.19 -17.63
N LYS D 212 -15.40 -12.34 -16.74
CA LYS D 212 -14.00 -12.33 -17.21
C LYS D 212 -13.76 -13.35 -18.32
N VAL D 213 -14.40 -14.52 -18.24
CA VAL D 213 -14.22 -15.51 -19.31
C VAL D 213 -14.82 -14.98 -20.61
N GLY D 214 -15.99 -14.34 -20.53
CA GLY D 214 -16.52 -13.65 -21.71
C GLY D 214 -15.58 -12.60 -22.28
N GLU D 215 -14.86 -11.87 -21.42
CA GLU D 215 -13.91 -10.89 -21.96
C GLU D 215 -12.82 -11.60 -22.77
N GLU D 216 -12.20 -12.66 -22.21
CA GLU D 216 -11.11 -13.30 -22.96
C GLU D 216 -11.62 -13.92 -24.26
N LEU D 217 -12.77 -14.58 -24.19
CA LEU D 217 -13.36 -15.13 -25.40
C LEU D 217 -13.63 -14.03 -26.41
N ALA D 218 -13.99 -12.83 -25.93
CA ALA D 218 -14.26 -11.71 -26.84
C ALA D 218 -13.00 -11.28 -27.57
N LYS D 219 -11.89 -11.15 -26.84
CA LYS D 219 -10.60 -10.91 -27.49
C LYS D 219 -10.40 -11.88 -28.65
N HIS D 220 -10.82 -13.14 -28.50
CA HIS D 220 -10.58 -14.04 -29.64
C HIS D 220 -11.71 -14.06 -30.68
N PHE D 221 -12.94 -13.69 -30.33
CA PHE D 221 -14.06 -13.54 -31.28
C PHE D 221 -14.67 -12.15 -31.09
N PRO D 222 -14.24 -11.16 -31.89
CA PRO D 222 -14.42 -9.76 -31.45
C PRO D 222 -15.71 -9.08 -31.89
N SER D 223 -16.25 -9.42 -33.06
CA SER D 223 -17.53 -8.84 -33.46
C SER D 223 -18.67 -9.34 -32.57
N LYS D 224 -18.61 -10.60 -32.14
CA LYS D 224 -19.78 -11.38 -31.79
C LYS D 224 -20.17 -11.19 -30.32
N THR D 225 -21.45 -11.46 -30.03
CA THR D 225 -21.96 -11.67 -28.67
C THR D 225 -21.55 -13.07 -28.19
N ILE D 226 -21.19 -13.19 -26.90
CA ILE D 226 -20.76 -14.44 -26.28
C ILE D 226 -21.89 -14.98 -25.39
N LYS D 227 -22.47 -16.14 -25.74
CA LYS D 227 -23.54 -16.79 -24.99
C LYS D 227 -23.04 -18.08 -24.33
N PHE D 228 -23.44 -18.32 -23.08
CA PHE D 228 -23.21 -19.61 -22.41
C PHE D 228 -24.51 -20.37 -22.26
N GLU D 229 -24.51 -21.65 -22.61
CA GLU D 229 -25.75 -22.40 -22.67
C GLU D 229 -25.50 -23.85 -22.29
N PRO D 230 -26.50 -24.55 -21.73
CA PRO D 230 -26.26 -25.90 -21.23
C PRO D 230 -25.86 -26.83 -22.35
N SER D 231 -25.19 -27.90 -21.96
CA SER D 231 -24.81 -28.93 -22.93
C SER D 231 -26.03 -29.46 -23.66
N SER D 232 -25.95 -29.45 -24.99
CA SER D 232 -27.02 -29.94 -25.85
C SER D 232 -27.35 -31.41 -25.62
N GLY D 233 -26.54 -32.33 -26.15
CA GLY D 233 -26.89 -33.73 -26.01
C GLY D 233 -25.69 -34.63 -25.80
N GLY D 234 -25.99 -35.90 -25.52
CA GLY D 234 -24.98 -36.92 -25.34
C GLY D 234 -25.28 -37.74 -24.12
N ASP D 235 -24.32 -38.59 -23.77
CA ASP D 235 -24.47 -39.39 -22.56
C ASP D 235 -24.60 -38.49 -21.34
N LEU D 236 -25.31 -38.98 -20.32
CA LEU D 236 -25.46 -38.21 -19.09
C LEU D 236 -24.11 -37.73 -18.56
N GLU D 237 -23.02 -38.46 -18.83
CA GLU D 237 -21.73 -38.10 -18.26
C GLU D 237 -21.21 -36.77 -18.82
N ILE D 238 -21.56 -36.41 -20.07
CA ILE D 238 -21.09 -35.15 -20.63
C ILE D 238 -22.17 -34.08 -20.65
N THR D 239 -23.45 -34.46 -20.56
CA THR D 239 -24.49 -33.44 -20.52
C THR D 239 -24.74 -32.93 -19.11
N THR D 240 -24.22 -33.62 -18.10
CA THR D 240 -24.16 -33.06 -16.76
C THR D 240 -22.70 -32.95 -16.37
N HIS D 241 -22.46 -32.31 -15.24
CA HIS D 241 -21.13 -32.25 -14.65
C HIS D 241 -21.01 -33.52 -13.82
N SER D 242 -20.27 -34.51 -14.30
CA SER D 242 -20.13 -35.76 -13.57
C SER D 242 -18.74 -35.85 -12.98
N PHE D 243 -18.65 -36.52 -11.84
CA PHE D 243 -17.37 -36.64 -11.15
C PHE D 243 -17.55 -37.72 -10.10
N ASN D 244 -16.42 -38.23 -9.58
CA ASN D 244 -16.48 -39.20 -8.49
C ASN D 244 -16.17 -38.49 -7.18
N CYS D 245 -17.00 -38.75 -6.18
CA CYS D 245 -16.90 -38.11 -4.87
C CYS D 245 -16.96 -39.22 -3.85
N ARG D 246 -15.83 -39.51 -3.17
CA ARG D 246 -15.92 -40.47 -2.06
C ARG D 246 -16.40 -41.84 -2.52
N GLY D 247 -16.09 -42.19 -3.77
CA GLY D 247 -16.45 -43.47 -4.33
C GLY D 247 -17.69 -43.44 -5.18
N GLU D 248 -18.60 -42.52 -4.90
CA GLU D 248 -19.89 -42.50 -5.57
C GLU D 248 -19.84 -41.58 -6.78
N PHE D 249 -20.60 -41.95 -7.83
CA PHE D 249 -20.57 -41.21 -9.10
C PHE D 249 -21.72 -40.21 -9.13
N PHE D 250 -21.40 -38.92 -9.03
CA PHE D 250 -22.42 -37.87 -9.07
C PHE D 250 -22.63 -37.35 -10.47
N TYR D 251 -23.87 -37.03 -10.80
CA TYR D 251 -24.22 -36.43 -12.08
C TYR D 251 -25.05 -35.20 -11.78
N CYS D 252 -24.49 -34.00 -12.00
CA CYS D 252 -25.12 -32.75 -11.57
C CYS D 252 -25.54 -31.89 -12.77
N ASN D 253 -26.80 -31.44 -12.74
CA ASN D 253 -27.39 -30.69 -13.85
C ASN D 253 -26.84 -29.27 -13.87
N THR D 254 -26.19 -28.85 -14.96
CA THR D 254 -25.59 -27.52 -14.99
C THR D 254 -26.40 -26.51 -15.80
N SER D 255 -27.68 -26.78 -16.01
CA SER D 255 -28.53 -25.95 -16.85
C SER D 255 -28.72 -24.53 -16.31
N ASP D 256 -28.54 -24.34 -15.02
CA ASP D 256 -28.60 -23.06 -14.33
C ASP D 256 -27.24 -22.47 -14.11
N LEU D 257 -26.21 -23.06 -14.69
CA LEU D 257 -24.84 -22.63 -14.52
C LEU D 257 -24.27 -22.12 -15.83
N PHE D 258 -24.40 -22.91 -16.89
CA PHE D 258 -24.00 -22.45 -18.22
C PHE D 258 -25.25 -21.91 -18.89
N ASN D 259 -25.52 -20.64 -18.60
CA ASN D 259 -26.81 -20.02 -18.87
C ASN D 259 -26.69 -18.51 -18.63
N GLY D 260 -26.33 -17.76 -19.67
CA GLY D 260 -26.04 -16.36 -19.52
C GLY D 260 -25.46 -15.73 -20.77
N THR D 261 -25.51 -14.38 -20.86
CA THR D 261 -25.08 -13.64 -22.04
C THR D 261 -24.12 -12.50 -21.66
N TYR D 262 -23.11 -12.32 -22.51
CA TYR D 262 -22.05 -11.32 -22.39
C TYR D 262 -22.15 -10.41 -23.63
N ARG D 263 -22.81 -9.25 -23.53
CA ARG D 263 -23.23 -8.47 -24.70
C ARG D 263 -22.31 -7.30 -24.99
N ASN D 264 -22.22 -6.33 -24.05
CA ASN D 264 -21.53 -5.06 -24.34
C ASN D 264 -20.42 -4.89 -23.32
N GLY D 265 -19.45 -5.80 -23.31
CA GLY D 265 -18.52 -5.78 -22.19
C GLY D 265 -19.15 -5.97 -20.82
N THR D 266 -20.42 -6.39 -20.76
CA THR D 266 -21.11 -6.77 -19.53
C THR D 266 -21.72 -8.18 -19.64
N TYR D 267 -21.66 -8.95 -18.54
CA TYR D 267 -22.24 -10.30 -18.44
C TYR D 267 -23.55 -10.29 -17.65
N ASN D 268 -24.58 -10.97 -18.20
CA ASN D 268 -25.90 -11.11 -17.56
C ASN D 268 -26.20 -12.59 -17.32
N HIS D 269 -26.37 -12.99 -16.05
CA HIS D 269 -26.68 -14.39 -15.79
C HIS D 269 -28.17 -14.67 -15.94
N THR D 270 -28.49 -15.64 -16.79
CA THR D 270 -29.84 -16.09 -17.14
C THR D 270 -30.35 -17.24 -16.26
N GLY D 271 -29.47 -18.02 -15.64
CA GLY D 271 -29.91 -19.16 -14.86
C GLY D 271 -30.50 -18.77 -13.51
N ARG D 272 -31.32 -19.68 -12.97
CA ARG D 272 -32.07 -19.36 -11.77
C ARG D 272 -31.19 -19.56 -10.55
N SER D 273 -31.05 -18.53 -9.75
CA SER D 273 -30.51 -18.65 -8.42
C SER D 273 -31.62 -18.40 -7.40
N SER D 274 -31.22 -18.37 -6.14
CA SER D 274 -32.16 -18.38 -5.01
C SER D 274 -31.36 -18.10 -3.76
N ASN D 275 -31.50 -16.88 -3.23
CA ASN D 275 -30.71 -16.42 -2.11
C ASN D 275 -29.24 -16.31 -2.48
N GLY D 276 -28.95 -15.99 -3.75
CA GLY D 276 -27.59 -15.78 -4.19
C GLY D 276 -26.73 -17.02 -4.28
N THR D 277 -27.35 -18.21 -4.42
CA THR D 277 -26.63 -19.46 -4.66
C THR D 277 -27.35 -20.20 -5.78
N ILE D 278 -26.58 -20.69 -6.75
CA ILE D 278 -27.08 -21.60 -7.77
C ILE D 278 -27.04 -22.99 -7.16
N THR D 279 -28.15 -23.71 -7.25
CA THR D 279 -28.21 -25.08 -6.73
C THR D 279 -28.44 -26.06 -7.88
N LEU D 280 -27.44 -26.90 -8.14
CA LEU D 280 -27.55 -27.95 -9.14
C LEU D 280 -28.18 -29.18 -8.48
N GLN D 281 -29.27 -29.70 -9.09
CA GLN D 281 -29.78 -31.03 -8.71
C GLN D 281 -28.87 -32.14 -9.27
N CYS D 282 -28.59 -33.15 -8.43
CA CYS D 282 -27.76 -34.28 -8.81
C CYS D 282 -28.42 -35.61 -8.49
N LYS D 283 -27.99 -36.64 -9.23
CA LYS D 283 -28.31 -38.02 -8.94
C LYS D 283 -27.00 -38.80 -8.78
N ILE D 284 -26.96 -39.72 -7.83
CA ILE D 284 -25.88 -40.70 -7.72
C ILE D 284 -26.29 -41.93 -8.52
N LYS D 285 -25.43 -42.37 -9.43
CA LYS D 285 -25.87 -43.37 -10.37
C LYS D 285 -25.04 -44.65 -10.23
N GLN D 286 -25.63 -45.79 -10.63
CA GLN D 286 -24.88 -47.06 -10.59
C GLN D 286 -24.42 -47.56 -11.96
N ILE D 287 -25.11 -47.20 -13.06
CA ILE D 287 -24.66 -47.59 -14.39
C ILE D 287 -23.88 -46.43 -14.99
N ILE D 288 -22.59 -46.64 -15.24
CA ILE D 288 -21.65 -45.60 -15.67
C ILE D 288 -21.14 -45.91 -17.07
N ASN D 289 -21.16 -44.90 -17.94
CA ASN D 289 -20.38 -44.96 -19.19
C ASN D 289 -18.93 -44.64 -18.89
N MET D 290 -18.02 -45.54 -19.27
CA MET D 290 -16.66 -45.46 -18.78
C MET D 290 -15.88 -44.40 -19.54
N TRP D 291 -14.95 -43.74 -18.85
CA TRP D 291 -14.08 -42.79 -19.52
C TRP D 291 -12.86 -43.46 -20.08
N GLN D 292 -12.49 -44.64 -19.57
CA GLN D 292 -11.27 -45.31 -19.98
C GLN D 292 -11.38 -45.91 -21.38
N GLU D 293 -12.58 -46.35 -21.75
CA GLU D 293 -12.85 -47.06 -22.99
C GLU D 293 -14.34 -47.04 -23.22
N VAL D 294 -14.73 -47.47 -24.42
CA VAL D 294 -16.15 -47.59 -24.72
C VAL D 294 -16.69 -48.82 -23.99
N GLY D 295 -17.59 -48.60 -23.05
CA GLY D 295 -18.00 -49.66 -22.17
C GLY D 295 -18.86 -49.09 -21.08
N ARG D 296 -19.55 -49.97 -20.37
CA ARG D 296 -20.41 -49.62 -19.24
C ARG D 296 -19.92 -50.33 -18.00
N ALA D 297 -20.17 -49.73 -16.84
CA ALA D 297 -19.72 -50.30 -15.57
C ALA D 297 -20.85 -50.18 -14.56
N ILE D 298 -21.17 -51.27 -13.85
CA ILE D 298 -22.20 -51.22 -12.82
C ILE D 298 -21.57 -51.33 -11.44
N TYR D 299 -21.99 -50.45 -10.52
CA TYR D 299 -21.48 -50.35 -9.17
C TYR D 299 -22.59 -50.59 -8.15
N ALA D 300 -22.19 -50.86 -6.91
CA ALA D 300 -23.15 -51.13 -5.84
C ALA D 300 -23.89 -49.86 -5.46
N PRO D 301 -25.04 -49.98 -4.79
CA PRO D 301 -25.81 -48.77 -4.39
C PRO D 301 -25.01 -47.92 -3.41
N PRO D 302 -25.46 -46.70 -3.12
CA PRO D 302 -24.59 -45.78 -2.35
C PRO D 302 -24.45 -46.20 -0.89
N ILE D 303 -23.23 -46.08 -0.37
CA ILE D 303 -22.95 -45.91 1.05
C ILE D 303 -23.95 -45.02 1.80
N GLU D 304 -23.88 -45.09 3.13
CA GLU D 304 -24.86 -44.50 4.03
C GLU D 304 -24.29 -43.24 4.68
N GLY D 305 -25.19 -42.38 5.11
CA GLY D 305 -24.73 -41.11 5.66
C GLY D 305 -24.68 -40.03 4.62
N GLU D 306 -24.04 -38.92 4.99
CA GLU D 306 -23.76 -37.76 4.15
C GLU D 306 -22.47 -37.93 3.34
N ILE D 307 -22.61 -37.87 2.01
CA ILE D 307 -21.51 -37.91 1.06
C ILE D 307 -21.33 -36.48 0.56
N THR D 308 -20.19 -35.86 0.91
CA THR D 308 -19.96 -34.45 0.56
C THR D 308 -18.56 -34.25 0.01
N CYS D 309 -18.47 -33.49 -1.08
CA CYS D 309 -17.20 -33.04 -1.62
C CYS D 309 -17.25 -31.52 -1.72
N ASN D 310 -16.15 -30.90 -1.29
CA ASN D 310 -15.98 -29.46 -1.33
C ASN D 310 -14.80 -29.18 -2.25
N SER D 311 -15.06 -28.72 -3.46
CA SER D 311 -14.03 -28.69 -4.50
C SER D 311 -13.84 -27.27 -5.00
N ASN D 312 -12.69 -27.02 -5.63
CA ASN D 312 -12.44 -25.76 -6.33
C ASN D 312 -12.62 -25.95 -7.84
N ILE D 313 -13.57 -25.25 -8.44
CA ILE D 313 -13.60 -25.14 -9.90
C ILE D 313 -12.39 -24.30 -10.34
N THR D 314 -11.39 -24.89 -11.02
CA THR D 314 -10.20 -24.14 -11.47
C THR D 314 -10.07 -24.00 -12.99
N GLY D 315 -11.02 -24.50 -13.77
CA GLY D 315 -10.94 -24.40 -15.22
C GLY D 315 -12.27 -24.89 -15.77
N LEU D 316 -12.47 -24.65 -17.06
CA LEU D 316 -13.67 -25.12 -17.72
C LEU D 316 -13.29 -25.83 -19.01
N LEU D 317 -14.12 -26.80 -19.40
CA LEU D 317 -14.04 -27.42 -20.71
C LEU D 317 -15.24 -26.96 -21.53
N LEU D 318 -14.99 -26.25 -22.63
CA LEU D 318 -16.07 -25.70 -23.44
C LEU D 318 -15.99 -26.16 -24.89
N LEU D 319 -17.15 -26.14 -25.55
CA LEU D 319 -17.26 -26.39 -26.98
C LEU D 319 -18.10 -25.30 -27.59
N ARG D 320 -17.61 -24.71 -28.67
CA ARG D 320 -18.28 -23.65 -29.42
C ARG D 320 -19.17 -24.24 -30.48
N ASP D 321 -20.36 -23.67 -30.64
CA ASP D 321 -21.24 -24.00 -31.77
C ASP D 321 -20.58 -23.53 -33.08
N ASP D 330 -23.12 -11.23 -35.44
CA ASP D 330 -23.65 -12.50 -35.00
C ASP D 330 -23.18 -12.90 -33.59
N THR D 331 -23.41 -14.18 -33.25
CA THR D 331 -23.23 -14.69 -31.90
C THR D 331 -22.41 -15.98 -31.88
N GLU D 332 -21.53 -16.08 -30.89
CA GLU D 332 -20.80 -17.30 -30.56
C GLU D 332 -21.35 -17.87 -29.26
N THR D 333 -21.70 -19.16 -29.29
CA THR D 333 -22.32 -19.84 -28.16
C THR D 333 -21.42 -20.95 -27.68
N PHE D 334 -21.20 -20.99 -26.36
CA PHE D 334 -20.33 -21.97 -25.73
C PHE D 334 -21.13 -22.83 -24.77
N ARG D 335 -20.96 -24.16 -24.89
CA ARG D 335 -21.61 -25.16 -24.05
C ARG D 335 -20.56 -25.93 -23.27
N PRO D 336 -20.90 -26.47 -22.11
CA PRO D 336 -19.91 -27.25 -21.37
C PRO D 336 -19.61 -28.51 -22.15
N GLY D 337 -18.33 -28.91 -22.13
CA GLY D 337 -17.91 -30.11 -22.82
C GLY D 337 -17.25 -31.15 -21.92
N GLY D 338 -16.43 -32.03 -22.48
CA GLY D 338 -15.66 -32.98 -21.72
C GLY D 338 -15.88 -34.38 -22.25
N GLY D 339 -15.25 -35.34 -21.57
CA GLY D 339 -15.44 -36.75 -21.86
C GLY D 339 -14.16 -37.46 -22.21
N ASP D 340 -13.14 -36.74 -22.69
CA ASP D 340 -11.83 -37.29 -23.01
C ASP D 340 -10.92 -36.85 -21.89
N MET D 341 -10.63 -37.74 -20.93
CA MET D 341 -9.91 -37.28 -19.74
C MET D 341 -8.47 -36.83 -20.05
N ARG D 342 -7.95 -37.11 -21.24
CA ARG D 342 -6.64 -36.57 -21.58
C ARG D 342 -6.66 -35.04 -21.57
N ASP D 343 -7.81 -34.40 -21.80
CA ASP D 343 -7.86 -32.95 -21.71
C ASP D 343 -7.70 -32.50 -20.27
N ASN D 344 -8.26 -33.25 -19.32
CA ASN D 344 -8.02 -32.94 -17.93
C ASN D 344 -6.52 -32.96 -17.65
N TRP D 345 -5.82 -34.02 -18.09
CA TRP D 345 -4.37 -34.04 -17.86
C TRP D 345 -3.64 -32.92 -18.62
N ARG D 346 -4.04 -32.64 -19.86
CA ARG D 346 -3.44 -31.54 -20.63
C ARG D 346 -3.48 -30.22 -19.89
N SER D 347 -4.61 -29.96 -19.21
CA SER D 347 -4.78 -28.66 -18.59
C SER D 347 -3.71 -28.40 -17.55
N GLU D 348 -3.04 -29.46 -17.07
CA GLU D 348 -1.95 -29.40 -16.09
C GLU D 348 -0.57 -29.59 -16.70
N LEU D 349 -0.43 -30.42 -17.74
CA LEU D 349 0.87 -30.78 -18.28
C LEU D 349 1.34 -29.85 -19.39
N TYR D 350 0.61 -28.77 -19.63
CA TYR D 350 0.79 -27.98 -20.84
C TYR D 350 2.14 -27.29 -20.90
N LYS D 351 2.69 -26.90 -19.76
CA LYS D 351 3.95 -26.17 -19.73
C LYS D 351 5.17 -27.08 -19.75
N TYR D 352 5.02 -28.39 -19.90
CA TYR D 352 6.15 -29.28 -19.78
C TYR D 352 6.41 -30.01 -21.08
N LYS D 353 7.65 -30.51 -21.23
CA LYS D 353 8.14 -31.11 -22.45
C LYS D 353 9.35 -31.94 -22.07
N VAL D 354 9.40 -33.20 -22.49
CA VAL D 354 10.58 -34.03 -22.17
C VAL D 354 11.61 -33.85 -23.28
N VAL D 355 12.90 -33.79 -22.93
CA VAL D 355 13.91 -33.53 -23.95
C VAL D 355 15.11 -34.43 -23.68
N GLU D 356 15.77 -34.85 -24.78
CA GLU D 356 17.20 -35.23 -24.87
C GLU D 356 17.46 -36.72 -24.63
#